data_7MO9
#
_entry.id   7MO9
#
_cell.length_a   1.00
_cell.length_b   1.00
_cell.length_c   1.00
_cell.angle_alpha   90.00
_cell.angle_beta   90.00
_cell.angle_gamma   90.00
#
_symmetry.space_group_name_H-M   'P 1'
#
loop_
_entity.id
_entity.type
_entity.pdbx_description
1 polymer 'Hepatocyte growth factor'
2 polymer 'Hepatocyte growth factor receptor'
3 branched '2-O-sulfo-alpha-L-idopyranuronic acid-(1-4)-2-deoxy-6-O-sulfo-2-(sulfoamino)-alpha-D-glucopyranose-(1-4)-2-O-sulfo-alpha-L-idopyranuronic acid-(1-4)-2-deoxy-6-O-sulfo-2-(sulfoamino)-alpha-D-glucopyranose-(1-4)-2-O-sulfo-alpha-L-idopyranuronic acid-(1-4)-2-deoxy-6-O-sulfo-2-(sulfoamino)-alpha-D-glucopyranose'
#
loop_
_entity_poly.entity_id
_entity_poly.type
_entity_poly.pdbx_seq_one_letter_code
_entity_poly.pdbx_strand_id
1 'polypeptide(L)'
;MWVTKLLPALLLQHVLLHLLLLPIAIPYAEGQRKRRNTIHEFKKSAKTTLIKIDPALKIKTKKVNTADQCANRCTRNKGL
PFTCKAFVFDKARKQCLWFPFNSMSSGVKKEFGHEFDLYENKDYIRNCIIGKGRSYKGTVSITKSGIKCQPWSSMIPHEH
SFLPSSYRGKDLQENYCRNPRGEEGGPWCFTSNPEVRYEVCDIPQCSEVECMTCNGESYRGLMDHTESGKICQRWDHQTP
HRHKFLPERYPDKGFDDNYCRNPDGQPRPWCYTLDPHTRWEYCAIKTCADNTMNDTDVPLETTECIQGQGEGYRGTVNTI
WNGIPCQRWDSQYPHEHDMTPENFKCKDLRENYCRNPDGSESPWCFTTDPNIRVGYCSQIPNCDMSHGQDCYRGNGKNYM
GNLSQTRSGLTCSMWDKNMEDLHRHIFWEPDASKLNENYCRNPDDDAHGPWCYTGNPLIPWDYCPISRCEGDTTPTIVNL
DHPVISCAKTKQLRVVNGIPTRTNIGWMVSLRYRNKHICGGSLIKESWVLTARQCFPSRDLKDYEAWLGIHDVHGRGDEK
CKQVLNVSQLVYGPEGSDLVLMKLARPAVLDDFVSTIDLPNYGCTIPEKTSCSVYGWGYTGLINYDGLLRVAHLYIMGNE
KCSQHHRGKVTLNESEICAGAEKIGSGPCEGDYGGPLVCEQHKMRMVLGVIVPGRGCAIPNRPGIFVRVAYYAKWIHKII
LTYKVPQS
;
A,D
2 'polypeptide(L)'
;MKAPAVLAPGILVLLFTLVQRSNGECKEALAKSEMNVNMKYQLPNFTAETPIQNVILHEHHIFLGATNYIYVLNEEDLQK
VAEYKTGPVLEHPDCFPCQDCSSKANLSGGVWKDNINMALVVDTYYDDQLISCGSVNRGTCQRHVFPHNHTADIQSEVHC
IFSPQIEEPSQCPDCVVSALGAKVLSSVKDRFINFFVGNTINSSYFPDHPLHSISVRRLKETKDGFMFLTDQSYIDVLPE
FRDSYPIKYVHAFESNNFIYFLTVQRETLDAQTFHTRIIRFCSINSGLHSYMEMPLECILTEKRKKRSTKKEVFNILQAA
YVSKPGAQLARQIGASLNDDILFGVFAQSKPDSAEPMDRSAMCAFPIKYVNDFFNKIVNKNNVRCLQHFYGPNHEHCFNR
TLLRNSSGCEARRDEYRTEFTTALQRVDLFMGQFSEVLLTSISTFIKGDLTIANLGTSEGRFMQVVVSRSGPSTPHVNFL
LDSHPVSPEVIVEHTLNQNGYTLVITGKKITKIPLNGLGCRHFQSCSQCLSAPPFVQCGWCHDKCVRSEECLSGTWTQQI
CLPAIYKVFPNSAPLEGGTRLTICGWDFGFRRNNKFDLKKTRVLLGNESCTLTLSESTMNTLKCTVGPAMNKHFNMSIII
SNGHGTTQYSTFSYVDPVITSISPKYGPMAGGTLLTLTGNYLNSGNSRHISIGGKTCTLKSVSNSILECYTPAQTISTEF
AVKLKIDLANRETSIFSYREDPIVYEIHPTKSFISGGSTITGVGKNLNSVSVPRMVINVHEAGRNFTVACQHRSNSEIIC
CTTPSLQQLNLQLPLKTKAFFMLDGILSKYFDLIYVHNPVFKPFEKPVMISMGNENVLEIKGNDIDPEAVKGEVLKVGNK
SCENIHLHSEAVLCTVPNDLLKLNSELNIEWKQAISSTVLGKVIVQPDQNFTGLIAGVVSISTALLLLLGFFLWLKKRKQ
IKDLGSELVRYDARVHTPHLDRLVSARSVSPTTEMVSNESVDYRATFPEDQFPNSSQNGSCRQVQYPLTDMSPILTSGDS
DISSPLLQNTVHIDLSALNPELVQAVQHVVIGPSSLIVHFNEVIGRGHFGCVYHGTLLDNDGKKIHCAVKSLNRITDIGE
VSQFLTEGIIMKDFSHPNVLSLLGICLRSEGSPLVVLPYMKHGDLRNFIRNETHNPTVKDLIGFGLQVAKGMKYLASKKF
VHRDLAARNCMLDEKFTVKVADFGLARDMYDKEYYSVHNKTGAKLPVKWMALESLQTQKFTTKSDVWSFGVLLWELMTRG
APPYPDVNTFDITVYLLQGRRLLQPEYCPDPLYEVMLKCWHPKAEMRPSFSELVSRISAIFSTFIGEHYVHVNATYVNVK
CVAPYPSLLSSEDNADDEVDTRPASFWETS
;
E
#
loop_
_chem_comp.id
_chem_comp.type
_chem_comp.name
_chem_comp.formula
IDS L-saccharide, alpha linking '2-O-sulfo-alpha-L-idopyranuronic acid' 'C6 H10 O10 S'
SGN D-saccharide, alpha linking 2-deoxy-6-O-sulfo-2-(sulfoamino)-alpha-D-glucopyranose 'C6 H13 N O11 S2'
#
# COMPACT_ATOMS: atom_id res chain seq x y z
N LYS A 34 -32.59 -28.43 -14.37
CA LYS A 34 -33.21 -29.47 -15.18
C LYS A 34 -32.69 -30.83 -14.70
N ARG A 35 -32.96 -31.89 -15.46
CA ARG A 35 -32.64 -33.26 -15.06
C ARG A 35 -31.49 -33.79 -15.91
N ARG A 36 -30.28 -33.73 -15.36
CA ARG A 36 -29.06 -34.18 -16.01
C ARG A 36 -28.26 -35.04 -15.04
N ASN A 37 -27.50 -36.01 -15.56
CA ASN A 37 -26.85 -37.03 -14.74
C ASN A 37 -25.39 -36.62 -14.50
N THR A 38 -24.87 -37.01 -13.33
CA THR A 38 -23.49 -36.75 -12.94
C THR A 38 -22.85 -37.97 -12.29
N ILE A 39 -23.66 -38.97 -11.93
CA ILE A 39 -23.27 -39.97 -10.96
C ILE A 39 -22.16 -40.85 -11.51
N HIS A 40 -21.93 -40.81 -12.81
CA HIS A 40 -20.69 -41.33 -13.36
C HIS A 40 -19.48 -40.76 -12.64
N GLU A 41 -19.54 -39.47 -12.28
CA GLU A 41 -18.41 -38.85 -11.61
C GLU A 41 -18.30 -39.34 -10.18
N PHE A 42 -19.39 -39.84 -9.61
CA PHE A 42 -19.37 -40.12 -8.19
C PHE A 42 -18.72 -41.48 -7.96
N LYS A 43 -18.25 -41.69 -6.74
CA LYS A 43 -17.62 -42.97 -6.44
C LYS A 43 -18.51 -43.76 -5.48
N LYS A 44 -18.63 -45.06 -5.76
CA LYS A 44 -19.63 -45.89 -5.12
C LYS A 44 -18.98 -46.92 -4.20
N SER A 45 -19.44 -46.97 -2.96
CA SER A 45 -19.19 -48.10 -2.07
C SER A 45 -20.44 -48.30 -1.23
N ALA A 46 -20.98 -49.52 -1.28
CA ALA A 46 -22.28 -49.80 -0.70
C ALA A 46 -22.13 -50.52 0.63
N LYS A 47 -23.25 -50.70 1.31
CA LYS A 47 -23.31 -51.43 2.57
C LYS A 47 -22.26 -50.94 3.55
N THR A 48 -22.17 -49.62 3.68
CA THR A 48 -21.16 -48.99 4.51
C THR A 48 -21.73 -47.63 4.92
N THR A 49 -21.12 -46.99 5.91
CA THR A 49 -21.57 -45.70 6.41
C THR A 49 -20.39 -44.96 7.01
N LEU A 50 -20.48 -43.64 7.02
CA LEU A 50 -19.43 -42.75 7.50
C LEU A 50 -20.02 -41.80 8.53
N ILE A 51 -19.36 -41.64 9.67
CA ILE A 51 -19.77 -40.62 10.63
C ILE A 51 -18.55 -39.86 11.14
N LYS A 52 -18.68 -38.54 11.18
CA LYS A 52 -17.73 -37.67 11.87
C LYS A 52 -18.44 -37.05 13.06
N ILE A 53 -18.08 -37.52 14.26
CA ILE A 53 -18.93 -37.27 15.43
C ILE A 53 -18.86 -35.80 15.83
N ASP A 54 -17.81 -35.09 15.43
CA ASP A 54 -17.60 -33.71 15.85
C ASP A 54 -17.91 -32.74 14.73
N PRO A 55 -19.18 -32.32 14.53
CA PRO A 55 -19.45 -31.43 13.42
C PRO A 55 -19.19 -29.98 13.77
N ILE A 59 -24.88 -30.87 8.14
CA ILE A 59 -25.41 -31.82 7.18
C ILE A 59 -26.91 -31.56 6.95
N LYS A 60 -27.33 -31.57 5.69
CA LYS A 60 -28.70 -31.27 5.32
C LYS A 60 -29.36 -32.49 4.70
N THR A 61 -30.59 -32.76 5.10
CA THR A 61 -31.38 -33.88 4.60
C THR A 61 -32.67 -33.36 3.99
N LYS A 62 -33.05 -33.90 2.83
CA LYS A 62 -34.34 -33.59 2.24
C LYS A 62 -34.95 -34.87 1.67
N LYS A 63 -36.26 -34.84 1.48
CA LYS A 63 -37.01 -36.04 1.12
C LYS A 63 -36.79 -36.33 -0.35
N VAL A 64 -35.91 -37.30 -0.65
CA VAL A 64 -35.51 -37.58 -2.02
C VAL A 64 -35.72 -39.07 -2.30
N ASN A 65 -36.19 -39.37 -3.52
CA ASN A 65 -36.41 -40.74 -3.94
C ASN A 65 -35.14 -41.42 -4.43
N THR A 66 -34.35 -40.73 -5.25
CA THR A 66 -33.21 -41.35 -5.91
C THR A 66 -31.90 -40.70 -5.49
N ALA A 67 -30.87 -41.53 -5.29
CA ALA A 67 -29.54 -41.01 -5.03
C ALA A 67 -29.08 -40.12 -6.17
N ASP A 68 -29.63 -40.35 -7.36
CA ASP A 68 -29.23 -39.59 -8.54
C ASP A 68 -29.48 -38.10 -8.32
N GLN A 69 -30.63 -37.77 -7.71
CA GLN A 69 -30.96 -36.37 -7.47
C GLN A 69 -29.98 -35.73 -6.49
N CYS A 70 -29.83 -36.30 -5.29
CA CYS A 70 -28.93 -35.71 -4.30
C CYS A 70 -27.51 -35.58 -4.86
N ALA A 71 -27.10 -36.55 -5.67
CA ALA A 71 -25.81 -36.45 -6.32
C ALA A 71 -25.75 -35.21 -7.21
N ASN A 72 -26.76 -35.01 -8.07
CA ASN A 72 -26.73 -33.80 -8.91
C ASN A 72 -26.75 -32.54 -8.06
N ARG A 73 -27.55 -32.53 -7.01
CA ARG A 73 -27.57 -31.40 -6.08
C ARG A 73 -26.14 -31.08 -5.65
N CYS A 74 -25.40 -32.10 -5.24
CA CYS A 74 -23.99 -31.89 -4.92
C CYS A 74 -23.24 -31.30 -6.10
N THR A 75 -23.19 -32.03 -7.22
CA THR A 75 -22.22 -31.71 -8.26
C THR A 75 -22.41 -30.31 -8.81
N ARG A 76 -23.66 -29.87 -8.93
CA ARG A 76 -23.93 -28.64 -9.65
C ARG A 76 -23.43 -27.44 -8.87
N ASN A 77 -23.00 -26.41 -9.61
CA ASN A 77 -22.44 -25.22 -8.99
C ASN A 77 -23.42 -24.64 -7.98
N LYS A 78 -22.90 -24.31 -6.79
CA LYS A 78 -23.64 -23.74 -5.68
C LYS A 78 -24.95 -24.46 -5.41
N GLY A 79 -25.04 -25.76 -5.70
CA GLY A 79 -26.29 -26.46 -5.49
C GLY A 79 -26.76 -26.39 -4.05
N LEU A 80 -25.82 -26.50 -3.12
CA LEU A 80 -26.14 -26.60 -1.70
C LEU A 80 -25.31 -25.59 -0.90
N PRO A 81 -25.86 -25.04 0.18
CA PRO A 81 -25.12 -24.01 0.93
C PRO A 81 -23.81 -24.52 1.51
N PHE A 82 -23.68 -25.82 1.66
CA PHE A 82 -22.44 -26.44 2.07
C PHE A 82 -21.85 -27.28 0.92
N THR A 83 -20.52 -27.32 0.87
CA THR A 83 -19.81 -27.95 -0.24
C THR A 83 -19.66 -29.43 0.07
N CYS A 84 -20.58 -30.23 -0.45
CA CYS A 84 -20.63 -31.66 -0.18
C CYS A 84 -19.67 -32.39 -1.10
N LYS A 85 -18.56 -32.86 -0.52
CA LYS A 85 -17.72 -33.79 -1.25
C LYS A 85 -18.07 -35.26 -1.01
N ALA A 86 -19.21 -35.55 -0.38
CA ALA A 86 -19.70 -36.93 -0.36
C ALA A 86 -21.17 -36.93 0.02
N PHE A 87 -21.80 -38.10 -0.11
CA PHE A 87 -23.11 -38.30 0.50
C PHE A 87 -23.52 -39.77 0.44
N VAL A 88 -24.39 -40.16 1.38
CA VAL A 88 -24.89 -41.53 1.44
C VAL A 88 -26.38 -41.53 1.15
N PHE A 89 -26.84 -42.53 0.41
CA PHE A 89 -28.26 -42.76 0.21
C PHE A 89 -28.66 -44.08 0.85
N ASP A 90 -29.90 -44.15 1.34
CA ASP A 90 -30.56 -45.42 1.59
C ASP A 90 -31.96 -45.36 0.99
N LYS A 91 -32.24 -46.30 0.10
CA LYS A 91 -33.58 -46.43 -0.47
C LYS A 91 -34.61 -46.71 0.62
N ALA A 92 -34.17 -47.33 1.72
CA ALA A 92 -35.12 -47.77 2.75
C ALA A 92 -35.62 -46.60 3.59
N ARG A 93 -34.73 -45.70 4.00
CA ARG A 93 -35.17 -44.59 4.84
C ARG A 93 -35.79 -43.47 4.01
N LYS A 94 -35.66 -43.54 2.69
CA LYS A 94 -36.20 -42.52 1.77
C LYS A 94 -35.56 -41.16 2.02
N GLN A 95 -34.45 -41.15 2.75
CA GLN A 95 -33.76 -39.95 3.16
C GLN A 95 -32.33 -40.00 2.66
N CYS A 96 -31.75 -38.85 2.34
CA CYS A 96 -30.35 -38.77 1.93
C CYS A 96 -29.63 -37.72 2.76
N LEU A 97 -28.40 -38.02 3.14
CA LEU A 97 -27.56 -37.12 3.93
C LEU A 97 -26.29 -36.87 3.15
N TRP A 98 -25.77 -35.65 3.26
CA TRP A 98 -24.69 -35.16 2.43
C TRP A 98 -23.58 -34.63 3.32
N PHE A 99 -22.37 -35.08 3.08
CA PHE A 99 -21.23 -34.70 3.91
C PHE A 99 -20.35 -33.71 3.17
N PRO A 100 -20.02 -32.58 3.77
CA PRO A 100 -18.99 -31.70 3.20
C PRO A 100 -17.60 -32.17 3.56
N PHE A 101 -17.38 -33.48 3.47
CA PHE A 101 -16.11 -34.07 3.84
C PHE A 101 -16.08 -35.52 3.40
N ASN A 102 -14.96 -35.92 2.83
CA ASN A 102 -14.76 -37.28 2.35
C ASN A 102 -14.09 -38.10 3.45
N SER A 103 -13.99 -39.42 3.21
CA SER A 103 -13.28 -40.29 4.14
C SER A 103 -11.82 -39.91 4.29
N MET A 104 -11.27 -39.14 3.34
CA MET A 104 -9.86 -38.80 3.40
C MET A 104 -9.54 -37.92 4.60
N SER A 105 -10.51 -37.11 5.03
CA SER A 105 -10.29 -36.26 6.20
C SER A 105 -10.06 -37.13 7.43
N SER A 106 -9.50 -36.54 8.48
CA SER A 106 -9.46 -37.20 9.77
C SER A 106 -10.79 -37.01 10.49
N GLY A 107 -11.01 -37.83 11.51
CA GLY A 107 -12.25 -37.75 12.25
C GLY A 107 -13.41 -38.50 11.63
N VAL A 108 -13.17 -39.33 10.63
CA VAL A 108 -14.26 -40.07 10.02
C VAL A 108 -14.20 -41.53 10.45
N LYS A 109 -15.37 -42.13 10.65
CA LYS A 109 -15.50 -43.49 11.14
C LYS A 109 -16.26 -44.30 10.10
N LYS A 110 -15.71 -45.48 9.75
CA LYS A 110 -16.23 -46.32 8.68
C LYS A 110 -16.91 -47.53 9.32
N GLU A 111 -18.19 -47.75 9.01
CA GLU A 111 -18.91 -48.86 9.61
C GLU A 111 -19.80 -49.57 8.61
N PHE A 112 -20.16 -50.80 8.97
CA PHE A 112 -20.97 -51.66 8.12
C PHE A 112 -22.43 -51.39 8.46
N GLY A 113 -22.98 -50.32 7.91
CA GLY A 113 -24.42 -50.12 7.87
C GLY A 113 -24.92 -50.47 6.49
N HIS A 114 -25.48 -51.68 6.37
CA HIS A 114 -25.66 -52.28 5.04
C HIS A 114 -26.64 -51.49 4.19
N GLU A 115 -27.69 -50.93 4.81
CA GLU A 115 -28.67 -50.18 4.03
C GLU A 115 -28.06 -48.94 3.41
N PHE A 116 -27.09 -48.33 4.08
CA PHE A 116 -26.46 -47.12 3.56
C PHE A 116 -25.51 -47.44 2.41
N ASP A 117 -25.54 -46.60 1.39
CA ASP A 117 -24.72 -46.71 0.20
C ASP A 117 -23.96 -45.40 0.04
N LEU A 118 -22.64 -45.46 0.17
CA LEU A 118 -21.81 -44.27 0.11
C LEU A 118 -21.74 -43.72 -1.29
N TYR A 119 -21.28 -42.48 -1.41
CA TYR A 119 -21.07 -41.80 -2.67
C TYR A 119 -19.92 -40.83 -2.47
N GLU A 120 -18.78 -41.15 -3.07
CA GLU A 120 -17.65 -40.24 -3.04
C GLU A 120 -17.54 -39.53 -4.38
N ASN A 121 -16.62 -38.58 -4.45
CA ASN A 121 -16.28 -37.90 -5.69
C ASN A 121 -14.83 -38.21 -6.02
N LYS A 122 -14.62 -39.04 -7.04
CA LYS A 122 -13.26 -39.49 -7.28
C LYS A 122 -12.34 -38.35 -7.67
N ASP A 123 -12.89 -37.17 -7.97
CA ASP A 123 -12.05 -36.07 -8.41
C ASP A 123 -10.98 -35.73 -7.38
N TYR A 124 -11.36 -35.66 -6.10
CA TYR A 124 -10.36 -35.42 -5.07
C TYR A 124 -9.36 -36.57 -4.97
N ILE A 125 -9.86 -37.81 -4.92
CA ILE A 125 -8.98 -38.97 -4.77
C ILE A 125 -8.21 -39.25 -6.05
N ARG A 126 -8.39 -38.42 -7.08
CA ARG A 126 -7.85 -38.72 -8.40
C ARG A 126 -6.34 -38.91 -8.35
N ASN A 127 -5.63 -37.94 -7.79
CA ASN A 127 -4.18 -37.89 -7.93
C ASN A 127 -3.77 -38.10 -9.38
N CYS A 128 -4.52 -37.47 -10.27
CA CYS A 128 -4.24 -37.47 -11.70
C CYS A 128 -4.42 -36.06 -12.22
N ILE A 129 -4.03 -35.87 -13.48
CA ILE A 129 -4.50 -34.78 -14.31
C ILE A 129 -5.37 -35.45 -15.35
N ILE A 130 -6.28 -34.68 -15.95
CA ILE A 130 -7.00 -35.13 -17.14
C ILE A 130 -7.04 -33.97 -18.11
N GLY A 131 -6.20 -34.04 -19.14
CA GLY A 131 -6.11 -32.93 -20.08
C GLY A 131 -5.76 -31.65 -19.38
N LYS A 132 -6.55 -30.61 -19.67
CA LYS A 132 -6.43 -29.36 -18.92
C LYS A 132 -6.71 -29.59 -17.44
N GLY A 133 -7.56 -30.55 -17.11
CA GLY A 133 -7.86 -30.83 -15.72
C GLY A 133 -8.51 -29.66 -15.02
N ARG A 134 -9.43 -28.98 -15.69
CA ARG A 134 -10.07 -27.82 -15.10
C ARG A 134 -10.67 -28.15 -13.75
N SER A 135 -11.24 -29.34 -13.61
CA SER A 135 -11.83 -29.77 -12.35
C SER A 135 -10.87 -30.67 -11.56
N TYR A 136 -9.70 -30.11 -11.23
CA TYR A 136 -8.76 -30.79 -10.36
C TYR A 136 -8.92 -30.26 -8.95
N LYS A 137 -9.14 -31.15 -7.99
CA LYS A 137 -9.30 -30.75 -6.60
C LYS A 137 -8.29 -31.41 -5.66
N GLY A 138 -7.32 -32.13 -6.20
CA GLY A 138 -6.44 -32.92 -5.36
C GLY A 138 -5.48 -32.10 -4.54
N THR A 139 -4.93 -32.75 -3.51
CA THR A 139 -4.19 -32.08 -2.45
C THR A 139 -2.68 -32.18 -2.69
N VAL A 140 -2.24 -31.49 -3.73
CA VAL A 140 -0.82 -31.36 -4.02
C VAL A 140 -0.42 -29.89 -3.90
N SER A 141 0.58 -29.62 -3.08
CA SER A 141 0.98 -28.26 -2.75
C SER A 141 2.43 -28.02 -3.12
N ILE A 142 3.00 -28.87 -3.96
CA ILE A 142 4.40 -28.74 -4.33
C ILE A 142 4.47 -28.60 -5.84
N THR A 143 5.50 -27.92 -6.30
CA THR A 143 5.66 -27.59 -7.71
C THR A 143 6.70 -28.52 -8.32
N LYS A 144 6.97 -28.37 -9.61
CA LYS A 144 8.03 -29.17 -10.23
C LYS A 144 9.38 -28.91 -9.61
N SER A 145 9.72 -27.65 -9.37
CA SER A 145 11.04 -27.31 -8.87
C SER A 145 11.11 -27.38 -7.36
N GLY A 146 10.02 -27.77 -6.70
CA GLY A 146 10.08 -28.16 -5.30
C GLY A 146 10.01 -27.02 -4.30
N ILE A 147 9.46 -25.88 -4.69
CA ILE A 147 9.28 -24.75 -3.79
C ILE A 147 7.80 -24.70 -3.41
N LYS A 148 7.53 -24.35 -2.16
CA LYS A 148 6.18 -24.50 -1.63
C LYS A 148 5.21 -23.62 -2.41
N CYS A 149 3.95 -24.03 -2.42
CA CYS A 149 2.91 -23.22 -3.03
C CYS A 149 2.49 -22.13 -2.05
N GLN A 150 2.29 -20.92 -2.55
CA GLN A 150 1.68 -19.87 -1.75
C GLN A 150 0.22 -20.19 -1.48
N PRO A 151 -0.29 -19.94 -0.28
CA PRO A 151 -1.73 -20.01 -0.06
C PRO A 151 -2.46 -19.03 -0.95
N TRP A 152 -3.65 -19.41 -1.39
CA TRP A 152 -4.44 -18.52 -2.23
C TRP A 152 -5.08 -17.42 -1.39
N SER A 153 -4.99 -17.55 -0.06
CA SER A 153 -5.53 -16.51 0.80
C SER A 153 -4.54 -15.40 1.08
N SER A 154 -3.25 -15.70 1.11
CA SER A 154 -2.22 -14.74 1.50
C SER A 154 -1.69 -14.00 0.29
N MET A 155 -1.63 -12.67 0.39
CA MET A 155 -1.19 -11.88 -0.75
C MET A 155 0.33 -11.82 -0.83
N ILE A 156 1.03 -12.29 0.20
CA ILE A 156 2.48 -12.27 0.05
C ILE A 156 2.95 -13.67 -0.32
N PRO A 157 3.95 -13.82 -1.18
CA PRO A 157 4.63 -12.69 -1.79
C PRO A 157 4.01 -12.21 -3.09
N HIS A 158 3.00 -12.89 -3.60
CA HIS A 158 2.48 -12.58 -4.94
C HIS A 158 0.98 -12.29 -4.84
N GLU A 159 0.47 -11.43 -5.75
CA GLU A 159 -0.77 -10.73 -5.43
C GLU A 159 -1.91 -11.13 -6.35
N HIS A 160 -1.61 -11.76 -7.47
CA HIS A 160 -2.66 -12.14 -8.42
C HIS A 160 -3.38 -13.33 -7.82
N SER A 161 -3.79 -13.18 -6.56
CA SER A 161 -4.20 -14.29 -5.71
C SER A 161 -5.57 -14.08 -5.10
N PHE A 162 -6.31 -13.11 -5.61
CA PHE A 162 -7.65 -12.73 -5.16
C PHE A 162 -8.68 -13.81 -5.44
N LEU A 163 -8.30 -14.83 -6.18
CA LEU A 163 -9.26 -15.76 -6.75
C LEU A 163 -10.18 -16.47 -5.75
N PRO A 164 -9.82 -16.66 -4.46
CA PRO A 164 -10.73 -17.43 -3.58
C PRO A 164 -12.17 -16.98 -3.59
N SER A 165 -12.44 -15.72 -3.89
CA SER A 165 -13.83 -15.30 -4.03
C SER A 165 -14.20 -15.07 -5.48
N SER A 166 -13.20 -14.90 -6.35
CA SER A 166 -13.47 -14.60 -7.73
C SER A 166 -14.24 -15.72 -8.41
N TYR A 167 -13.85 -16.97 -8.17
CA TYR A 167 -14.44 -18.11 -8.85
C TYR A 167 -15.00 -19.11 -7.84
N ARG A 168 -16.29 -18.99 -7.59
CA ARG A 168 -17.00 -19.89 -6.69
C ARG A 168 -16.93 -21.32 -7.21
N GLY A 169 -16.66 -22.24 -6.29
CA GLY A 169 -16.83 -23.65 -6.55
C GLY A 169 -15.60 -24.40 -6.98
N LYS A 170 -14.57 -23.72 -7.50
CA LYS A 170 -13.40 -24.41 -8.01
C LYS A 170 -12.51 -24.96 -6.90
N ASP A 171 -13.02 -25.01 -5.68
CA ASP A 171 -12.42 -25.79 -4.60
C ASP A 171 -10.95 -25.44 -4.42
N LEU A 172 -10.59 -24.20 -4.72
CA LEU A 172 -9.25 -23.73 -4.42
C LEU A 172 -9.11 -23.59 -2.90
N GLN A 173 -8.47 -24.58 -2.31
CA GLN A 173 -8.36 -24.68 -0.86
C GLN A 173 -7.19 -23.87 -0.38
N GLU A 174 -6.77 -24.15 0.85
CA GLU A 174 -5.75 -23.34 1.49
C GLU A 174 -4.52 -23.17 0.61
N ASN A 175 -3.95 -24.26 0.12
CA ASN A 175 -2.65 -24.11 -0.49
C ASN A 175 -2.53 -24.90 -1.79
N TYR A 176 -3.36 -25.91 -1.96
CA TYR A 176 -3.17 -26.89 -3.02
C TYR A 176 -3.41 -26.27 -4.40
N CYS A 177 -2.66 -26.73 -5.39
CA CYS A 177 -2.63 -26.05 -6.68
C CYS A 177 -3.64 -26.61 -7.65
N ARG A 178 -4.42 -25.72 -8.25
CA ARG A 178 -5.57 -26.04 -9.08
C ARG A 178 -5.39 -25.38 -10.44
N ASN A 179 -6.45 -25.39 -11.24
CA ASN A 179 -6.48 -24.76 -12.56
C ASN A 179 -7.72 -23.88 -12.69
N PRO A 180 -7.78 -22.78 -11.95
CA PRO A 180 -9.04 -22.02 -11.88
C PRO A 180 -9.56 -21.51 -13.20
N ARG A 181 -8.67 -21.24 -14.16
CA ARG A 181 -9.10 -20.85 -15.49
C ARG A 181 -9.29 -22.05 -16.41
N GLY A 182 -8.92 -23.24 -15.98
CA GLY A 182 -8.89 -24.36 -16.90
C GLY A 182 -7.88 -24.08 -17.99
N GLU A 183 -6.83 -23.36 -17.63
CA GLU A 183 -5.80 -23.03 -18.59
C GLU A 183 -5.04 -24.31 -18.94
N GLU A 184 -4.52 -24.34 -20.16
CA GLU A 184 -4.06 -25.60 -20.75
C GLU A 184 -2.81 -26.14 -20.07
N GLY A 185 -1.96 -25.27 -19.55
CA GLY A 185 -0.62 -25.70 -19.14
C GLY A 185 -0.63 -26.71 -18.01
N GLY A 186 -1.69 -26.70 -17.20
CA GLY A 186 -1.77 -27.59 -16.06
C GLY A 186 -2.04 -26.82 -14.80
N PRO A 187 -2.30 -27.53 -13.70
CA PRO A 187 -2.50 -26.86 -12.43
C PRO A 187 -1.23 -26.18 -11.97
N TRP A 188 -1.30 -24.86 -11.86
CA TRP A 188 -0.19 -23.99 -11.49
C TRP A 188 -0.47 -23.35 -10.15
N CYS A 189 0.59 -22.97 -9.44
CA CYS A 189 0.42 -22.23 -8.20
C CYS A 189 1.53 -21.20 -8.05
N PHE A 190 1.27 -20.21 -7.20
CA PHE A 190 2.26 -19.19 -6.87
C PHE A 190 3.21 -19.73 -5.81
N THR A 191 4.50 -19.44 -5.97
CA THR A 191 5.48 -19.98 -5.06
C THR A 191 5.75 -19.01 -3.92
N SER A 192 5.97 -19.56 -2.73
CA SER A 192 6.45 -18.73 -1.64
C SER A 192 7.76 -18.07 -2.01
N ASN A 193 8.52 -18.69 -2.89
CA ASN A 193 9.80 -18.13 -3.28
C ASN A 193 9.57 -16.83 -4.04
N PRO A 194 10.08 -15.70 -3.57
CA PRO A 194 9.66 -14.42 -4.14
C PRO A 194 9.97 -14.26 -5.62
N GLU A 195 11.06 -14.83 -6.11
CA GLU A 195 11.48 -14.54 -7.48
C GLU A 195 10.45 -15.02 -8.50
N VAL A 196 10.04 -16.26 -8.41
CA VAL A 196 9.18 -16.86 -9.43
C VAL A 196 7.73 -16.65 -9.04
N ARG A 197 6.93 -16.14 -9.97
CA ARG A 197 5.55 -15.81 -9.62
C ARG A 197 4.70 -17.07 -9.55
N TYR A 198 4.50 -17.73 -10.67
CA TYR A 198 3.75 -18.97 -10.69
C TYR A 198 4.56 -20.03 -11.41
N GLU A 199 4.45 -21.26 -10.94
CA GLU A 199 5.02 -22.40 -11.62
C GLU A 199 4.00 -23.52 -11.58
N VAL A 200 3.93 -24.30 -12.66
CA VAL A 200 2.89 -25.32 -12.77
C VAL A 200 3.32 -26.57 -12.03
N CYS A 201 2.49 -27.03 -11.12
CA CYS A 201 2.75 -28.31 -10.50
C CYS A 201 2.74 -29.39 -11.57
N ASP A 202 3.82 -30.17 -11.64
CA ASP A 202 3.80 -31.39 -12.43
C ASP A 202 2.92 -32.36 -11.67
N ILE A 203 1.99 -33.00 -12.35
CA ILE A 203 1.08 -33.96 -11.75
C ILE A 203 0.75 -35.02 -12.78
N PRO A 204 0.70 -36.30 -12.41
CA PRO A 204 0.57 -37.35 -13.43
C PRO A 204 -0.83 -37.44 -14.00
N GLN A 205 -0.92 -38.09 -15.16
CA GLN A 205 -2.18 -38.60 -15.66
C GLN A 205 -2.69 -39.68 -14.70
N CYS A 206 -3.81 -40.32 -15.05
CA CYS A 206 -4.06 -41.64 -14.47
C CYS A 206 -3.43 -42.74 -15.29
N SER A 207 -3.11 -42.46 -16.55
CA SER A 207 -2.69 -43.51 -17.46
C SER A 207 -1.31 -44.06 -17.16
N GLU A 208 -0.44 -43.28 -16.53
CA GLU A 208 0.98 -43.66 -16.45
C GLU A 208 1.21 -44.87 -15.57
N VAL A 209 0.39 -45.05 -14.53
CA VAL A 209 0.47 -46.25 -13.71
C VAL A 209 -0.50 -47.32 -14.17
N GLU A 210 -1.19 -47.11 -15.29
CA GLU A 210 -2.15 -48.09 -15.79
C GLU A 210 -1.57 -48.79 -17.02
N CYS A 211 -1.51 -50.11 -16.94
CA CYS A 211 -1.17 -50.92 -18.11
C CYS A 211 -2.33 -51.84 -18.44
N MET A 212 -2.23 -52.55 -19.56
CA MET A 212 -3.24 -53.51 -19.96
C MET A 212 -2.56 -54.78 -20.41
N THR A 213 -2.88 -55.88 -19.74
CA THR A 213 -2.49 -57.20 -20.21
C THR A 213 -3.22 -57.51 -21.51
N CYS A 214 -2.50 -58.15 -22.43
CA CYS A 214 -2.90 -58.19 -23.83
C CYS A 214 -4.40 -58.46 -24.00
N ASN A 215 -4.97 -59.29 -23.14
CA ASN A 215 -6.41 -59.52 -23.19
C ASN A 215 -7.18 -58.31 -22.68
N GLY A 216 -6.76 -57.73 -21.56
CA GLY A 216 -7.45 -56.64 -20.93
C GLY A 216 -8.50 -57.03 -19.91
N GLU A 217 -9.26 -58.10 -20.17
CA GLU A 217 -10.29 -58.53 -19.22
C GLU A 217 -9.67 -58.96 -17.90
N SER A 218 -8.45 -59.50 -17.94
CA SER A 218 -7.73 -59.79 -16.71
C SER A 218 -7.41 -58.50 -15.96
N TYR A 219 -7.08 -57.44 -16.69
CA TYR A 219 -6.78 -56.16 -16.07
C TYR A 219 -8.01 -55.60 -15.39
N ARG A 220 -7.88 -55.32 -14.09
CA ARG A 220 -8.97 -54.81 -13.25
C ARG A 220 -8.53 -53.47 -12.67
N GLY A 221 -8.78 -52.39 -13.41
CA GLY A 221 -8.08 -51.15 -13.16
C GLY A 221 -8.93 -49.99 -12.68
N LEU A 222 -8.41 -48.79 -12.93
CA LEU A 222 -8.92 -47.57 -12.34
C LEU A 222 -9.26 -46.48 -13.36
N MET A 223 -9.00 -46.71 -14.63
CA MET A 223 -9.25 -45.68 -15.64
C MET A 223 -10.73 -45.55 -15.95
N ASP A 224 -11.12 -44.38 -16.45
CA ASP A 224 -12.45 -44.15 -16.99
C ASP A 224 -12.32 -43.26 -18.22
N HIS A 225 -11.33 -43.53 -19.06
CA HIS A 225 -11.06 -42.65 -20.18
C HIS A 225 -11.05 -43.44 -21.48
N THR A 226 -12.03 -43.14 -22.33
CA THR A 226 -12.15 -43.77 -23.63
C THR A 226 -11.09 -43.19 -24.57
N GLU A 227 -11.15 -43.54 -25.85
CA GLU A 227 -10.32 -42.86 -26.84
C GLU A 227 -10.91 -41.54 -27.31
N SER A 228 -12.22 -41.33 -27.22
CA SER A 228 -12.83 -40.13 -27.77
C SER A 228 -13.03 -39.08 -26.69
N GLY A 229 -12.40 -39.27 -25.54
CA GLY A 229 -12.55 -38.31 -24.46
C GLY A 229 -13.95 -38.23 -23.92
N LYS A 230 -14.58 -39.38 -23.70
CA LYS A 230 -15.87 -39.44 -23.04
C LYS A 230 -15.78 -40.42 -21.87
N ILE A 231 -16.63 -40.19 -20.87
CA ILE A 231 -16.65 -40.96 -19.64
C ILE A 231 -17.70 -42.04 -19.83
N CYS A 232 -17.45 -43.21 -19.25
CA CYS A 232 -18.29 -44.37 -19.50
C CYS A 232 -19.73 -44.14 -19.00
N GLN A 233 -20.61 -45.07 -19.35
CA GLN A 233 -21.95 -45.12 -18.77
C GLN A 233 -21.94 -45.97 -17.50
N ARG A 234 -22.80 -45.61 -16.55
CA ARG A 234 -22.98 -46.41 -15.34
C ARG A 234 -23.51 -47.79 -15.68
N TRP A 235 -22.86 -48.82 -15.14
CA TRP A 235 -23.33 -50.18 -15.43
C TRP A 235 -24.68 -50.47 -14.78
N ASP A 236 -24.80 -50.18 -13.48
CA ASP A 236 -26.00 -50.58 -12.76
C ASP A 236 -27.22 -49.85 -13.29
N HIS A 237 -27.11 -48.55 -13.55
CA HIS A 237 -28.16 -47.87 -14.30
C HIS A 237 -28.11 -48.27 -15.76
N GLN A 238 -29.24 -48.13 -16.44
CA GLN A 238 -29.40 -48.55 -17.82
C GLN A 238 -29.75 -47.36 -18.72
N THR A 239 -29.50 -46.15 -18.25
CA THR A 239 -30.00 -44.91 -18.83
C THR A 239 -28.84 -44.00 -19.24
N PRO A 240 -28.89 -43.36 -20.43
CA PRO A 240 -29.97 -43.49 -21.41
C PRO A 240 -29.84 -44.70 -22.35
N HIS A 241 -28.63 -45.04 -22.80
CA HIS A 241 -28.43 -46.22 -23.63
C HIS A 241 -28.64 -47.47 -22.79
N ARG A 242 -29.41 -48.42 -23.33
CA ARG A 242 -29.85 -49.60 -22.59
C ARG A 242 -29.00 -50.81 -23.01
N HIS A 243 -28.24 -51.31 -22.04
CA HIS A 243 -27.28 -52.39 -22.28
C HIS A 243 -27.62 -53.65 -21.51
N LYS A 244 -26.99 -54.76 -21.92
CA LYS A 244 -27.47 -56.07 -21.51
C LYS A 244 -26.89 -56.50 -20.17
N PHE A 245 -25.73 -55.96 -19.80
CA PHE A 245 -25.02 -56.49 -18.65
C PHE A 245 -25.38 -55.75 -17.37
N LEU A 246 -25.64 -56.49 -16.30
CA LEU A 246 -25.77 -55.87 -14.99
C LEU A 246 -24.76 -56.50 -14.04
N PRO A 247 -24.11 -55.69 -13.21
CA PRO A 247 -23.05 -56.24 -12.34
C PRO A 247 -23.52 -57.33 -11.40
N GLU A 248 -24.77 -57.24 -10.92
CA GLU A 248 -25.27 -58.27 -10.02
C GLU A 248 -25.38 -59.62 -10.72
N ARG A 249 -25.82 -59.65 -11.98
CA ARG A 249 -25.96 -60.93 -12.66
C ARG A 249 -24.59 -61.46 -13.09
N TYR A 250 -23.62 -60.58 -13.24
CA TYR A 250 -22.24 -60.96 -13.54
C TYR A 250 -21.30 -60.37 -12.49
N PRO A 251 -21.34 -60.86 -11.27
CA PRO A 251 -20.42 -60.37 -10.25
C PRO A 251 -19.04 -60.99 -10.43
N ASP A 252 -18.06 -60.36 -9.78
CA ASP A 252 -16.65 -60.71 -9.84
C ASP A 252 -16.02 -60.46 -11.21
N LYS A 253 -16.79 -60.00 -12.19
CA LYS A 253 -16.22 -59.38 -13.37
C LYS A 253 -16.13 -57.88 -13.25
N GLY A 254 -16.31 -57.38 -12.01
CA GLY A 254 -16.08 -55.96 -11.68
C GLY A 254 -16.71 -54.92 -12.57
N PHE A 255 -18.04 -54.93 -12.70
CA PHE A 255 -18.69 -53.83 -13.43
C PHE A 255 -18.97 -52.74 -12.39
N ASP A 256 -17.92 -52.07 -11.89
CA ASP A 256 -18.11 -51.09 -10.78
C ASP A 256 -17.78 -49.68 -11.26
N ASP A 257 -18.45 -48.68 -10.68
CA ASP A 257 -18.23 -47.27 -11.11
C ASP A 257 -18.48 -47.24 -12.62
N ASN A 258 -17.52 -46.75 -13.40
CA ASN A 258 -17.63 -46.85 -14.88
C ASN A 258 -16.26 -47.31 -15.36
N TYR A 259 -15.89 -48.56 -15.09
CA TYR A 259 -14.50 -48.98 -15.37
C TYR A 259 -14.34 -49.83 -16.65
N CYS A 260 -13.90 -49.22 -17.76
CA CYS A 260 -13.65 -49.90 -19.03
C CYS A 260 -12.88 -51.18 -18.84
N ARG A 261 -13.55 -52.30 -19.09
CA ARG A 261 -12.95 -53.62 -18.99
C ARG A 261 -13.20 -54.34 -20.31
N ASN A 262 -12.96 -55.65 -20.32
CA ASN A 262 -13.53 -56.50 -21.35
C ASN A 262 -14.56 -57.44 -20.76
N PRO A 263 -15.85 -57.06 -20.81
CA PRO A 263 -16.89 -58.00 -20.38
C PRO A 263 -16.93 -59.28 -21.19
N ASP A 264 -16.53 -59.23 -22.46
CA ASP A 264 -16.47 -60.43 -23.29
C ASP A 264 -15.11 -60.64 -23.95
N GLY A 265 -14.05 -60.08 -23.38
CA GLY A 265 -12.70 -60.42 -23.79
C GLY A 265 -12.19 -59.74 -25.03
N GLN A 266 -12.70 -58.55 -25.35
CA GLN A 266 -12.22 -57.83 -26.52
C GLN A 266 -10.74 -57.49 -26.33
N PRO A 267 -10.02 -57.18 -27.42
CA PRO A 267 -8.57 -57.02 -27.29
C PRO A 267 -8.17 -56.01 -26.24
N ARG A 268 -8.86 -54.90 -26.17
CA ARG A 268 -8.67 -53.73 -25.35
C ARG A 268 -9.99 -53.24 -24.77
N PRO A 269 -9.97 -52.58 -23.61
CA PRO A 269 -11.21 -52.40 -22.83
C PRO A 269 -12.24 -51.48 -23.47
N TRP A 270 -13.47 -51.57 -22.97
CA TRP A 270 -14.65 -50.94 -23.58
C TRP A 270 -15.83 -50.83 -22.62
N CYS A 271 -16.75 -49.91 -22.94
CA CYS A 271 -18.00 -49.74 -22.20
C CYS A 271 -19.05 -49.12 -23.12
N TYR A 272 -20.31 -49.22 -22.69
CA TYR A 272 -21.36 -48.37 -23.21
C TYR A 272 -21.15 -46.93 -22.78
N THR A 273 -21.59 -46.00 -23.62
CA THR A 273 -21.35 -44.58 -23.39
C THR A 273 -22.57 -43.92 -22.77
N LEU A 274 -22.32 -42.88 -21.99
CA LEU A 274 -23.39 -42.00 -21.57
C LEU A 274 -24.01 -41.29 -22.76
N ASP A 275 -23.23 -41.12 -23.82
CA ASP A 275 -23.60 -40.22 -24.91
C ASP A 275 -24.79 -40.80 -25.63
N PRO A 276 -25.86 -40.03 -25.84
CA PRO A 276 -27.01 -40.54 -26.57
C PRO A 276 -26.67 -40.98 -27.99
N HIS A 277 -25.64 -40.38 -28.59
CA HIS A 277 -25.28 -40.68 -29.97
C HIS A 277 -24.56 -42.02 -30.08
N THR A 278 -23.41 -42.17 -29.43
CA THR A 278 -22.61 -43.38 -29.58
C THR A 278 -23.05 -44.43 -28.56
N ARG A 279 -23.34 -45.63 -29.07
CA ARG A 279 -23.76 -46.72 -28.20
C ARG A 279 -22.66 -47.11 -27.23
N TRP A 280 -21.47 -47.40 -27.77
CA TRP A 280 -20.39 -48.04 -27.04
C TRP A 280 -19.06 -47.70 -27.69
N GLU A 281 -18.02 -47.65 -26.86
CA GLU A 281 -16.68 -47.32 -27.32
C GLU A 281 -15.65 -48.00 -26.44
N TYR A 282 -14.49 -48.27 -27.02
CA TYR A 282 -13.35 -48.82 -26.32
C TYR A 282 -12.77 -47.82 -25.32
N CYS A 283 -11.68 -48.24 -24.67
CA CYS A 283 -10.85 -47.36 -23.84
C CYS A 283 -9.40 -47.69 -24.14
N ALA A 284 -8.57 -46.66 -24.30
CA ALA A 284 -7.20 -46.86 -24.74
C ALA A 284 -6.28 -46.95 -23.54
N ILE A 285 -5.63 -48.10 -23.38
CA ILE A 285 -4.72 -48.32 -22.27
C ILE A 285 -3.39 -48.81 -22.82
N LYS A 286 -2.31 -48.25 -22.30
CA LYS A 286 -0.99 -48.70 -22.73
C LYS A 286 -0.71 -50.07 -22.14
N THR A 287 0.40 -50.65 -22.59
CA THR A 287 0.76 -51.99 -22.15
C THR A 287 1.90 -51.94 -21.15
N CYS A 288 1.96 -52.95 -20.30
CA CYS A 288 3.08 -53.11 -19.39
C CYS A 288 3.89 -54.36 -19.73
N ALA A 289 5.06 -54.49 -19.10
CA ALA A 289 6.02 -55.53 -19.41
C ALA A 289 6.54 -56.17 -18.13
N ASP A 290 7.41 -57.18 -18.29
CA ASP A 290 8.05 -57.87 -17.18
C ASP A 290 7.04 -58.46 -16.20
N GLN B 389 0.61 -4.97 25.56
CA GLN B 389 -0.64 -5.69 25.69
C GLN B 389 -1.11 -5.70 27.13
N ASP B 390 -0.75 -4.65 27.88
CA ASP B 390 -1.21 -4.50 29.25
C ASP B 390 -1.73 -3.09 29.43
N CYS B 391 -2.83 -2.97 30.15
CA CYS B 391 -3.41 -1.66 30.43
C CYS B 391 -4.15 -1.71 31.76
N TYR B 392 -3.91 -0.67 32.57
CA TYR B 392 -4.53 -0.46 33.88
C TYR B 392 -4.02 -1.43 34.93
N ARG B 393 -3.10 -2.32 34.57
CA ARG B 393 -2.50 -3.18 35.57
C ARG B 393 -0.99 -3.00 35.57
N GLY B 394 -0.52 -1.99 36.29
CA GLY B 394 0.91 -1.77 36.42
C GLY B 394 1.48 -2.73 37.43
N ASN B 395 0.60 -3.46 38.10
CA ASN B 395 1.03 -4.47 39.06
C ASN B 395 1.24 -5.80 38.35
N GLY B 396 2.35 -6.46 38.67
CA GLY B 396 2.74 -7.66 37.94
C GLY B 396 1.75 -8.79 38.08
N LYS B 397 1.30 -9.07 39.30
CA LYS B 397 0.47 -10.24 39.54
C LYS B 397 -0.82 -10.18 38.75
N ASN B 398 -1.32 -8.97 38.50
CA ASN B 398 -2.54 -8.84 37.71
C ASN B 398 -2.31 -9.27 36.26
N TYR B 399 -1.05 -9.28 35.82
CA TYR B 399 -0.73 -9.63 34.44
C TYR B 399 0.05 -10.93 34.40
N MET B 400 -0.61 -11.98 33.90
CA MET B 400 0.07 -13.23 33.58
C MET B 400 0.66 -13.08 32.19
N GLY B 401 1.89 -12.57 32.13
CA GLY B 401 2.52 -12.29 30.85
C GLY B 401 3.09 -13.54 30.21
N ASN B 402 2.56 -13.89 29.04
CA ASN B 402 3.09 -15.01 28.28
C ASN B 402 4.13 -14.48 27.29
N LEU B 403 5.32 -14.19 27.81
CA LEU B 403 6.42 -13.78 26.95
C LEU B 403 7.75 -14.04 27.63
N SER B 404 8.80 -14.23 26.84
CA SER B 404 10.10 -14.67 27.34
C SER B 404 11.27 -13.94 26.66
N GLN B 405 11.22 -12.62 26.58
CA GLN B 405 12.30 -11.85 25.97
C GLN B 405 12.29 -10.44 26.54
N THR B 406 13.48 -9.97 26.95
CA THR B 406 13.58 -8.72 27.67
C THR B 406 13.66 -7.54 26.71
N ARG B 407 13.78 -6.35 27.28
CA ARG B 407 13.99 -5.14 26.49
C ARG B 407 15.26 -5.25 25.67
N SER B 408 16.36 -5.63 26.31
CA SER B 408 17.66 -5.57 25.64
C SER B 408 17.75 -6.56 24.49
N GLY B 409 17.30 -7.79 24.71
CA GLY B 409 17.48 -8.82 23.70
C GLY B 409 17.91 -10.15 24.26
N LEU B 410 17.90 -10.28 25.58
CA LEU B 410 18.31 -11.54 26.21
C LEU B 410 17.13 -12.28 26.81
N THR B 411 17.12 -13.59 26.64
CA THR B 411 15.98 -14.39 27.06
C THR B 411 15.98 -14.60 28.57
N CYS B 412 14.78 -14.73 29.13
CA CYS B 412 14.66 -14.98 30.56
C CYS B 412 15.22 -16.33 30.95
N SER B 413 15.72 -16.40 32.19
CA SER B 413 16.37 -17.59 32.71
C SER B 413 15.41 -18.39 33.60
N MET B 414 15.89 -19.55 34.04
CA MET B 414 15.06 -20.47 34.80
C MET B 414 14.66 -19.86 36.13
N TRP B 415 13.37 -19.58 36.27
CA TRP B 415 12.88 -18.72 37.34
C TRP B 415 13.28 -19.20 38.73
N ASP B 416 13.51 -20.51 38.92
CA ASP B 416 13.58 -21.04 40.28
C ASP B 416 14.84 -20.58 41.02
N LYS B 417 15.99 -20.64 40.38
CA LYS B 417 17.20 -20.10 41.02
C LYS B 417 16.99 -18.64 41.37
N ASN B 418 16.25 -17.92 40.52
CA ASN B 418 15.98 -16.52 40.79
C ASN B 418 15.05 -16.36 41.98
N MET B 419 14.08 -17.26 42.14
CA MET B 419 13.23 -17.18 43.33
C MET B 419 14.04 -17.41 44.58
N GLU B 420 14.97 -18.35 44.56
CA GLU B 420 15.84 -18.54 45.71
C GLU B 420 16.64 -17.28 46.02
N ASP B 421 17.32 -16.74 45.00
CA ASP B 421 18.18 -15.58 45.22
C ASP B 421 17.37 -14.36 45.65
N LEU B 422 16.18 -14.19 45.09
CA LEU B 422 15.34 -13.03 45.39
C LEU B 422 14.74 -13.12 46.77
N HIS B 423 14.20 -14.29 47.13
CA HIS B 423 13.71 -14.49 48.49
C HIS B 423 14.81 -14.25 49.49
N ARG B 424 16.05 -14.61 49.14
CA ARG B 424 17.18 -14.19 49.94
C ARG B 424 17.31 -12.68 49.95
N HIS B 425 17.09 -12.04 48.80
CA HIS B 425 17.41 -10.62 48.67
C HIS B 425 16.19 -9.74 48.90
N ILE B 426 15.15 -9.90 48.07
CA ILE B 426 14.00 -9.01 48.04
C ILE B 426 13.00 -9.46 49.10
N PHE B 427 12.44 -8.49 49.84
CA PHE B 427 11.57 -8.77 50.97
C PHE B 427 10.18 -8.18 50.81
N TRP B 428 9.54 -8.38 49.65
CA TRP B 428 8.19 -7.86 49.45
C TRP B 428 7.20 -8.48 50.42
N GLU B 429 7.23 -9.80 50.59
CA GLU B 429 6.30 -10.48 51.47
C GLU B 429 6.84 -11.83 51.90
N LYS B 434 5.42 -18.22 43.78
CA LYS B 434 4.89 -19.41 43.15
C LYS B 434 4.58 -19.12 41.68
N LEU B 435 5.14 -18.04 41.17
CA LEU B 435 4.84 -17.60 39.82
C LEU B 435 5.64 -18.41 38.80
N ASN B 436 5.22 -18.30 37.54
CA ASN B 436 5.61 -19.27 36.52
C ASN B 436 7.13 -19.36 36.38
N GLU B 437 7.59 -20.49 35.85
CA GLU B 437 8.98 -20.65 35.48
C GLU B 437 9.29 -19.85 34.22
N ASN B 438 10.24 -18.91 34.35
CA ASN B 438 10.91 -18.28 33.22
C ASN B 438 9.88 -17.62 32.30
N TYR B 439 9.07 -16.71 32.85
CA TYR B 439 8.22 -15.83 32.06
C TYR B 439 8.22 -14.46 32.71
N CYS B 440 8.23 -13.40 31.89
CA CYS B 440 8.65 -12.09 32.39
C CYS B 440 7.59 -11.42 33.25
N ARG B 441 6.56 -12.15 33.70
CA ARG B 441 5.62 -11.53 34.61
C ARG B 441 6.34 -11.08 35.86
N ASN B 442 6.08 -9.83 36.27
CA ASN B 442 6.94 -9.54 37.41
C ASN B 442 6.25 -9.96 38.70
N PRO B 443 6.98 -10.57 39.59
CA PRO B 443 6.40 -10.97 40.88
C PRO B 443 6.16 -9.79 41.79
N ASP B 444 7.11 -8.86 41.85
CA ASP B 444 7.15 -7.90 42.93
C ASP B 444 6.12 -6.79 42.79
N ASP B 445 5.26 -6.83 41.77
CA ASP B 445 4.26 -5.79 41.56
C ASP B 445 4.91 -4.41 41.54
N ASP B 446 6.03 -4.30 40.84
CA ASP B 446 6.78 -3.06 40.83
C ASP B 446 6.02 -1.97 40.10
N ALA B 447 6.40 -0.72 40.38
CA ALA B 447 5.68 0.41 39.81
C ALA B 447 5.75 0.40 38.29
N HIS B 448 6.88 0.00 37.73
CA HIS B 448 7.08 0.15 36.31
C HIS B 448 6.53 -1.02 35.52
N GLY B 449 6.16 -2.10 36.19
CA GLY B 449 5.43 -3.16 35.55
C GLY B 449 6.21 -4.44 35.37
N PRO B 450 5.84 -5.23 34.36
CA PRO B 450 6.45 -6.54 34.15
C PRO B 450 7.94 -6.45 33.83
N TRP B 451 8.68 -7.42 34.36
CA TRP B 451 10.12 -7.48 34.20
C TRP B 451 10.60 -8.91 34.45
N CYS B 452 11.81 -9.18 33.98
CA CYS B 452 12.34 -10.52 33.83
C CYS B 452 13.75 -10.60 34.40
N TYR B 453 14.19 -11.83 34.65
CA TYR B 453 15.57 -12.04 35.08
C TYR B 453 16.44 -12.51 33.92
N THR B 454 17.68 -12.04 33.92
CA THR B 454 18.68 -12.46 32.94
C THR B 454 19.84 -13.12 33.65
N GLY B 455 20.46 -14.09 32.98
CA GLY B 455 21.57 -14.80 33.60
C GLY B 455 22.79 -13.91 33.78
N ASN B 456 23.04 -13.04 32.82
CA ASN B 456 24.33 -12.36 32.75
C ASN B 456 24.57 -11.54 34.01
N PRO B 457 25.80 -11.48 34.52
CA PRO B 457 26.05 -10.74 35.75
C PRO B 457 25.84 -9.24 35.59
N LEU B 458 26.35 -8.67 34.52
CA LEU B 458 26.31 -7.22 34.37
C LEU B 458 24.89 -6.71 34.28
N ILE B 459 23.95 -7.56 33.85
CA ILE B 459 22.54 -7.20 33.82
C ILE B 459 21.73 -8.31 34.47
N PRO B 460 21.52 -8.26 35.77
CA PRO B 460 20.77 -9.33 36.43
C PRO B 460 19.35 -9.45 35.91
N TRP B 461 18.74 -8.34 35.54
CA TRP B 461 17.31 -8.36 35.28
C TRP B 461 16.92 -7.11 34.51
N ASP B 462 15.94 -7.26 33.63
CA ASP B 462 15.46 -6.11 32.89
C ASP B 462 14.05 -6.37 32.39
N TYR B 463 13.40 -5.31 31.98
CA TYR B 463 11.98 -5.40 31.67
C TYR B 463 11.79 -6.08 30.33
N CYS B 464 10.76 -6.91 30.25
CA CYS B 464 10.34 -7.41 28.96
C CYS B 464 9.38 -6.41 28.32
N PRO B 465 9.66 -5.98 27.11
CA PRO B 465 9.01 -4.79 26.58
C PRO B 465 7.56 -5.02 26.19
N ILE B 466 6.66 -4.39 26.93
CA ILE B 466 5.22 -4.57 26.76
C ILE B 466 4.57 -3.19 26.84
N SER B 467 3.39 -3.06 26.25
CA SER B 467 2.60 -1.85 26.44
C SER B 467 2.10 -1.80 27.87
N ARG B 468 1.90 -0.59 28.38
CA ARG B 468 1.52 -0.43 29.77
C ARG B 468 0.59 0.76 29.94
N CYS B 469 -0.16 0.74 31.04
CA CYS B 469 -0.97 1.89 31.43
C CYS B 469 -0.95 2.00 32.95
N VAL B 495 23.30 27.62 31.82
CA VAL B 495 22.09 28.26 32.31
C VAL B 495 22.14 29.77 32.11
N VAL B 496 21.09 30.31 31.49
CA VAL B 496 21.10 31.71 31.11
C VAL B 496 20.62 32.56 32.27
N ASN B 497 21.31 33.69 32.50
CA ASN B 497 21.00 34.65 33.56
C ASN B 497 21.26 34.08 34.95
N GLY B 498 22.17 33.13 35.06
CA GLY B 498 22.48 32.57 36.36
C GLY B 498 23.65 33.28 37.03
N ILE B 499 23.97 32.83 38.23
CA ILE B 499 25.03 33.41 39.06
C ILE B 499 26.21 32.45 39.05
N PRO B 500 27.45 32.94 39.09
CA PRO B 500 28.57 32.01 39.31
C PRO B 500 28.51 31.43 40.71
N THR B 501 28.99 30.21 40.84
CA THR B 501 29.13 29.63 42.17
C THR B 501 30.51 29.96 42.73
N ARG B 502 30.52 30.54 43.93
CA ARG B 502 31.77 31.03 44.50
C ARG B 502 32.66 29.88 44.97
N THR B 503 32.09 28.70 45.16
CA THR B 503 32.77 27.65 45.90
C THR B 503 32.69 26.32 45.15
N ASN B 504 33.70 25.48 45.38
CA ASN B 504 33.74 24.15 44.78
C ASN B 504 32.53 23.33 45.22
N ILE B 505 32.08 22.44 44.33
CA ILE B 505 30.82 21.72 44.50
C ILE B 505 31.03 20.27 44.09
N GLY B 506 30.35 19.35 44.79
CA GLY B 506 30.67 17.95 44.67
C GLY B 506 29.68 17.15 43.82
N TRP B 507 28.39 17.47 43.90
CA TRP B 507 27.41 16.71 43.12
C TRP B 507 27.68 16.83 41.64
N MET B 508 28.29 17.91 41.20
CA MET B 508 28.47 18.14 39.78
C MET B 508 29.37 17.09 39.18
N VAL B 509 28.93 16.52 38.06
CA VAL B 509 29.70 15.53 37.32
C VAL B 509 29.86 16.04 35.91
N SER B 510 31.10 16.28 35.49
CA SER B 510 31.38 16.83 34.17
C SER B 510 31.63 15.69 33.21
N LEU B 511 30.72 15.50 32.27
CA LEU B 511 30.83 14.42 31.32
C LEU B 511 31.64 14.90 30.13
N ARG B 512 32.57 14.09 29.66
CA ARG B 512 33.54 14.53 28.68
C ARG B 512 33.56 13.54 27.51
N TYR B 513 33.27 14.05 26.31
CA TYR B 513 33.11 13.27 25.10
C TYR B 513 34.18 13.68 24.11
N ARG B 514 35.02 12.73 23.70
CA ARG B 514 36.26 13.07 22.99
C ARG B 514 36.96 14.26 23.64
N ASN B 515 37.09 14.21 24.96
CA ASN B 515 37.91 15.16 25.71
C ASN B 515 37.37 16.58 25.59
N LYS B 516 36.05 16.70 25.62
CA LYS B 516 35.41 17.99 25.83
C LYS B 516 34.09 17.75 26.53
N HIS B 517 33.62 18.79 27.22
CA HIS B 517 32.39 18.67 28.00
C HIS B 517 31.17 18.58 27.11
N ILE B 518 30.23 17.71 27.48
CA ILE B 518 28.94 17.65 26.80
C ILE B 518 27.75 17.79 27.74
N CYS B 519 27.83 17.34 28.98
CA CYS B 519 26.70 17.47 29.90
C CYS B 519 27.19 17.39 31.33
N GLY B 520 26.34 17.87 32.24
CA GLY B 520 26.53 17.70 33.65
C GLY B 520 25.73 16.51 34.14
N GLY B 521 26.17 15.97 35.27
CA GLY B 521 25.52 14.82 35.87
C GLY B 521 25.60 14.89 37.37
N SER B 522 24.89 14.00 38.07
CA SER B 522 24.82 14.06 39.52
C SER B 522 25.52 12.84 40.11
N LEU B 523 26.24 13.04 41.21
CA LEU B 523 26.96 11.95 41.86
C LEU B 523 26.07 11.33 42.92
N ILE B 524 25.78 10.05 42.79
CA ILE B 524 24.85 9.39 43.68
C ILE B 524 25.57 8.57 44.73
N LYS B 525 26.28 7.52 44.33
CA LYS B 525 27.16 6.79 45.21
C LYS B 525 28.60 6.94 44.75
N GLU B 526 29.48 6.17 45.40
CA GLU B 526 30.91 6.33 45.16
C GLU B 526 31.31 5.86 43.76
N SER B 527 30.40 5.20 43.04
CA SER B 527 30.71 4.74 41.70
C SER B 527 29.52 4.87 40.75
N TRP B 528 28.67 5.87 40.94
CA TRP B 528 27.40 5.92 40.24
C TRP B 528 26.98 7.35 39.99
N VAL B 529 26.61 7.65 38.74
CA VAL B 529 26.14 8.99 38.42
C VAL B 529 24.82 8.90 37.68
N LEU B 530 24.06 9.97 37.82
CA LEU B 530 22.71 10.11 37.33
C LEU B 530 22.69 11.16 36.24
N THR B 531 22.26 10.77 35.03
CA THR B 531 22.21 11.69 33.90
C THR B 531 21.00 11.37 33.04
N ALA B 532 20.91 12.09 31.93
CA ALA B 532 19.75 12.00 31.05
C ALA B 532 20.10 11.24 29.78
N ARG B 533 19.08 10.58 29.22
CA ARG B 533 19.29 9.82 28.00
C ARG B 533 19.79 10.69 26.88
N GLN B 534 19.36 11.95 26.85
CA GLN B 534 19.65 12.83 25.74
C GLN B 534 21.13 13.06 25.54
N CYS B 535 21.94 12.75 26.56
CA CYS B 535 23.33 13.16 26.61
C CYS B 535 24.30 12.13 26.10
N PHE B 536 23.83 11.04 25.52
CA PHE B 536 24.69 9.94 25.12
C PHE B 536 24.54 9.74 23.62
N PRO B 537 25.15 10.61 22.82
CA PRO B 537 25.06 10.44 21.37
C PRO B 537 25.53 9.08 20.92
N SER B 538 26.72 8.67 21.36
CA SER B 538 27.23 7.35 21.10
C SER B 538 26.98 6.49 22.32
N ARG B 539 26.88 5.19 22.10
CA ARG B 539 26.76 4.27 23.22
C ARG B 539 28.13 3.83 23.71
N ASP B 540 29.19 4.24 23.02
CA ASP B 540 30.50 3.68 23.27
C ASP B 540 31.04 4.22 24.60
N LEU B 541 31.86 3.42 25.26
CA LEU B 541 32.47 3.80 26.51
C LEU B 541 33.97 4.03 26.39
N LYS B 542 34.57 3.61 25.29
CA LYS B 542 35.98 3.85 25.04
C LYS B 542 36.28 5.34 24.91
N ASP B 543 35.24 6.15 24.78
CA ASP B 543 35.39 7.58 24.56
C ASP B 543 34.90 8.43 25.71
N TYR B 544 33.80 8.06 26.36
CA TYR B 544 33.31 8.84 27.48
C TYR B 544 34.32 8.87 28.61
N GLU B 545 34.39 9.99 29.31
CA GLU B 545 35.27 10.14 30.45
C GLU B 545 34.67 11.15 31.42
N ALA B 546 34.55 10.76 32.67
CA ALA B 546 33.90 11.62 33.64
C ALA B 546 34.94 12.32 34.50
N TRP B 547 34.68 13.57 34.85
CA TRP B 547 35.46 14.27 35.83
C TRP B 547 34.56 14.65 36.99
N LEU B 548 35.13 14.63 38.19
CA LEU B 548 34.44 15.07 39.38
C LEU B 548 35.24 16.20 40.02
N GLY B 549 34.56 17.00 40.83
CA GLY B 549 35.28 17.97 41.61
C GLY B 549 35.95 19.00 40.75
N ILE B 550 35.18 19.91 40.17
CA ILE B 550 35.75 20.92 39.28
C ILE B 550 34.97 22.22 39.40
N HIS B 551 35.68 23.34 39.29
CA HIS B 551 35.05 24.64 39.27
C HIS B 551 35.08 25.30 37.90
N ASP B 552 35.91 24.81 36.98
CA ASP B 552 35.99 25.36 35.64
C ASP B 552 35.80 24.27 34.59
N VAL B 553 34.88 24.55 33.65
CA VAL B 553 34.44 23.52 32.71
C VAL B 553 35.61 22.95 31.93
N HIS B 554 36.72 23.69 31.87
CA HIS B 554 37.94 23.13 31.29
C HIS B 554 38.95 22.71 32.33
N GLY B 555 38.73 23.07 33.60
CA GLY B 555 39.66 22.71 34.64
C GLY B 555 40.82 23.66 34.81
N ARG B 556 40.91 24.71 33.98
CA ARG B 556 42.03 25.63 34.10
C ARG B 556 42.02 26.33 35.45
N GLY B 557 40.82 26.51 36.03
CA GLY B 557 40.74 27.15 37.33
C GLY B 557 41.42 26.36 38.43
N ASP B 558 41.15 25.06 38.50
CA ASP B 558 41.69 24.22 39.56
C ASP B 558 41.80 22.78 39.09
N GLU B 559 42.66 22.00 39.74
CA GLU B 559 42.85 20.60 39.40
C GLU B 559 42.94 19.67 40.60
N LYS B 560 43.12 20.21 41.80
CA LYS B 560 43.33 19.38 42.98
C LYS B 560 42.16 18.44 43.19
N CYS B 561 40.94 18.94 43.00
CA CYS B 561 39.74 18.15 43.12
C CYS B 561 39.33 17.47 41.83
N LYS B 562 40.02 17.70 40.71
CA LYS B 562 39.67 17.03 39.48
C LYS B 562 39.92 15.55 39.61
N GLN B 563 38.86 14.76 39.42
CA GLN B 563 38.96 13.31 39.43
C GLN B 563 38.59 12.79 38.07
N VAL B 564 39.54 12.14 37.41
CA VAL B 564 39.36 11.58 36.07
C VAL B 564 39.05 10.11 36.21
N LEU B 565 37.93 9.68 35.65
CA LEU B 565 37.59 8.28 35.69
C LEU B 565 37.05 7.84 34.33
N ASN B 566 37.36 6.60 34.00
CA ASN B 566 36.74 5.93 32.88
C ASN B 566 35.29 5.63 33.22
N VAL B 567 34.59 5.04 32.26
CA VAL B 567 33.19 4.71 32.41
C VAL B 567 33.05 3.21 32.26
N SER B 568 32.40 2.55 33.21
CA SER B 568 32.31 1.10 33.13
C SER B 568 31.07 0.66 32.36
N GLN B 569 29.90 1.20 32.70
CA GLN B 569 28.71 0.59 32.15
C GLN B 569 27.55 1.58 32.16
N LEU B 570 26.62 1.37 31.24
CA LEU B 570 25.45 2.22 31.05
C LEU B 570 24.18 1.43 31.36
N VAL B 571 23.25 2.05 32.06
CA VAL B 571 21.96 1.42 32.33
C VAL B 571 20.84 2.40 32.03
N TYR B 572 19.95 2.00 31.13
CA TYR B 572 18.85 2.86 30.73
C TYR B 572 17.68 2.72 31.69
N GLY B 573 16.86 3.76 31.77
CA GLY B 573 15.75 3.77 32.66
C GLY B 573 14.59 2.98 32.11
N PRO B 574 13.42 3.12 32.71
CA PRO B 574 12.23 2.49 32.16
C PRO B 574 11.92 3.09 30.80
N GLU B 575 11.02 2.46 30.08
CA GLU B 575 10.62 3.04 28.81
C GLU B 575 9.78 4.29 29.03
N GLY B 576 10.04 5.32 28.24
CA GLY B 576 9.43 6.60 28.44
C GLY B 576 10.04 7.41 29.55
N SER B 577 11.22 7.02 30.02
CA SER B 577 11.79 7.69 31.18
C SER B 577 12.66 8.87 30.78
N ASP B 578 13.42 8.73 29.70
CA ASP B 578 14.45 9.71 29.34
C ASP B 578 15.44 9.89 30.48
N LEU B 579 15.75 8.80 31.18
CA LEU B 579 16.55 8.86 32.40
C LEU B 579 17.56 7.73 32.33
N VAL B 580 18.78 7.96 32.81
CA VAL B 580 19.83 6.97 32.63
C VAL B 580 20.82 7.07 33.78
N LEU B 581 21.42 5.94 34.15
CA LEU B 581 22.49 5.90 35.14
C LEU B 581 23.74 5.36 34.47
N MET B 582 24.89 5.87 34.87
CA MET B 582 26.14 5.31 34.39
C MET B 582 27.09 5.06 35.53
N LYS B 583 27.70 3.88 35.51
CA LYS B 583 28.49 3.37 36.61
C LYS B 583 29.96 3.35 36.20
N LEU B 584 30.82 3.67 37.16
CA LEU B 584 32.19 4.03 36.88
C LEU B 584 33.10 2.79 36.87
N ALA B 585 34.23 2.94 36.19
CA ALA B 585 35.22 1.86 36.16
C ALA B 585 35.79 1.61 37.54
N ARG B 586 36.07 2.66 38.28
CA ARG B 586 36.60 2.56 39.62
C ARG B 586 35.84 3.50 40.55
N PRO B 587 35.86 3.26 41.85
CA PRO B 587 35.27 4.23 42.78
C PRO B 587 36.10 5.50 42.85
N ALA B 588 35.67 6.40 43.73
CA ALA B 588 36.37 7.65 43.97
C ALA B 588 36.54 7.87 45.47
N VAL B 589 37.55 8.66 45.84
CA VAL B 589 37.66 9.10 47.22
C VAL B 589 36.66 10.22 47.47
N LEU B 590 35.93 10.11 48.56
CA LEU B 590 34.97 11.16 48.90
C LEU B 590 35.50 12.00 50.04
N ASP B 591 35.53 13.31 49.81
CA ASP B 591 36.01 14.27 50.80
C ASP B 591 35.14 15.52 50.66
N ASP B 592 35.61 16.65 51.19
CA ASP B 592 34.83 17.87 51.06
C ASP B 592 34.69 18.29 49.60
N PHE B 593 35.76 18.13 48.82
CA PHE B 593 35.79 18.62 47.44
C PHE B 593 34.76 17.90 46.58
N VAL B 594 34.47 16.63 46.90
CA VAL B 594 33.55 15.83 46.11
C VAL B 594 32.47 15.27 47.04
N SER B 595 31.21 15.43 46.65
CA SER B 595 30.11 15.06 47.53
C SER B 595 29.02 14.36 46.74
N THR B 596 28.25 13.55 47.46
CA THR B 596 27.06 12.90 46.92
C THR B 596 25.81 13.56 47.47
N ILE B 597 24.67 13.17 46.91
CA ILE B 597 23.38 13.72 47.31
C ILE B 597 22.41 12.56 47.50
N ASP B 598 21.52 12.70 48.48
CA ASP B 598 20.54 11.68 48.75
C ASP B 598 19.46 11.65 47.66
N LEU B 599 18.43 10.87 47.92
CA LEU B 599 17.32 10.68 47.00
C LEU B 599 15.99 10.89 47.72
N PRO B 600 14.92 11.19 46.99
CA PRO B 600 13.62 11.44 47.63
C PRO B 600 12.97 10.16 48.13
N ASN B 601 11.97 10.34 48.99
CA ASN B 601 11.12 9.24 49.40
C ASN B 601 10.19 8.88 48.25
N TYR B 602 9.67 7.64 48.28
CA TYR B 602 9.07 7.07 47.08
C TYR B 602 8.00 7.98 46.50
N GLY B 603 7.13 8.52 47.33
CA GLY B 603 6.15 9.49 46.88
C GLY B 603 6.49 10.92 47.25
N CYS B 604 7.74 11.22 47.60
CA CYS B 604 8.09 12.51 48.15
C CYS B 604 7.57 13.63 47.24
N THR B 605 6.56 14.35 47.72
CA THR B 605 5.87 15.34 46.92
C THR B 605 6.22 16.72 47.43
N ILE B 606 6.71 17.56 46.54
CA ILE B 606 7.26 18.85 46.94
C ILE B 606 6.12 19.78 47.31
N PRO B 607 6.24 20.60 48.35
CA PRO B 607 5.27 21.67 48.56
C PRO B 607 5.34 22.67 47.42
N GLU B 608 4.17 23.21 47.07
CA GLU B 608 4.12 24.25 46.05
C GLU B 608 4.81 25.51 46.56
N LYS B 609 5.41 26.25 45.63
CA LYS B 609 6.16 27.47 45.88
C LYS B 609 7.44 27.25 46.66
N THR B 610 7.96 26.02 46.70
CA THR B 610 9.23 25.76 47.36
C THR B 610 10.39 26.29 46.53
N SER B 611 11.38 26.89 47.17
CA SER B 611 12.52 27.43 46.45
C SER B 611 13.64 26.40 46.38
N CYS B 612 14.25 26.29 45.20
CA CYS B 612 15.45 25.49 45.01
C CYS B 612 16.05 25.80 43.64
N SER B 613 17.28 25.37 43.42
CA SER B 613 18.09 25.92 42.34
C SER B 613 18.71 24.85 41.46
N VAL B 614 19.09 25.26 40.26
CA VAL B 614 19.81 24.41 39.32
C VAL B 614 21.25 24.87 39.23
N TYR B 615 22.15 23.92 39.00
CA TYR B 615 23.54 24.24 38.75
C TYR B 615 23.87 23.75 37.36
N GLY B 616 24.57 24.55 36.56
CA GLY B 616 24.77 24.20 35.17
C GLY B 616 26.14 24.59 34.66
N TRP B 617 26.49 24.01 33.51
CA TRP B 617 27.77 24.21 32.87
C TRP B 617 27.61 24.69 31.44
N GLY B 618 26.39 25.07 31.09
CA GLY B 618 25.98 25.15 29.70
C GLY B 618 26.10 26.51 29.07
N TYR B 619 25.22 26.74 28.09
CA TYR B 619 25.43 27.81 27.12
C TYR B 619 25.45 29.19 27.78
N THR B 620 24.56 29.44 28.72
CA THR B 620 24.54 30.60 29.62
C THR B 620 24.27 31.93 28.93
N GLY B 621 24.22 31.95 27.60
CA GLY B 621 23.92 33.21 26.91
C GLY B 621 24.89 34.32 27.19
N LEU B 622 26.18 34.00 27.32
CA LEU B 622 27.20 34.99 27.54
C LEU B 622 28.06 35.13 26.30
N ILE B 623 28.39 36.37 25.95
CA ILE B 623 29.34 36.59 24.86
C ILE B 623 30.65 35.89 25.16
N ASN B 624 31.11 36.00 26.40
CA ASN B 624 32.20 35.18 26.91
C ASN B 624 31.77 34.63 28.26
N TYR B 625 31.99 33.34 28.45
CA TYR B 625 31.88 32.74 29.77
C TYR B 625 33.21 32.11 30.14
N ASP B 626 33.79 32.59 31.24
CA ASP B 626 35.12 32.17 31.64
C ASP B 626 35.18 30.69 31.94
N GLY B 627 34.04 30.07 32.23
CA GLY B 627 34.01 28.68 32.58
C GLY B 627 33.67 28.38 34.01
N LEU B 628 33.10 29.34 34.74
CA LEU B 628 32.57 29.03 36.05
C LEU B 628 31.23 28.31 35.90
N LEU B 629 30.99 27.35 36.78
CA LEU B 629 29.67 26.75 36.83
C LEU B 629 28.68 27.77 37.35
N ARG B 630 27.48 27.78 36.79
CA ARG B 630 26.59 28.89 36.96
C ARG B 630 25.31 28.40 37.64
N VAL B 631 24.86 29.13 38.66
CA VAL B 631 23.73 28.71 39.48
C VAL B 631 22.54 29.60 39.18
N ALA B 632 21.35 29.00 39.17
CA ALA B 632 20.10 29.73 38.93
C ALA B 632 19.03 29.26 39.90
N HIS B 633 18.46 30.19 40.66
CA HIS B 633 17.43 29.84 41.62
C HIS B 633 16.11 29.57 40.90
N LEU B 634 15.13 29.05 41.63
CA LEU B 634 13.90 28.58 41.01
C LEU B 634 12.87 28.31 42.09
N TYR B 635 11.60 28.25 41.68
CA TYR B 635 10.50 27.94 42.58
C TYR B 635 9.59 26.91 41.93
N ILE B 636 9.22 25.88 42.69
CA ILE B 636 8.34 24.85 42.17
C ILE B 636 6.96 25.43 41.92
N MET B 637 6.37 25.10 40.79
CA MET B 637 5.00 25.46 40.51
C MET B 637 4.20 24.20 40.23
N GLY B 638 2.90 24.33 40.38
CA GLY B 638 2.04 23.22 40.07
C GLY B 638 2.02 22.92 38.60
N ASN B 639 1.64 21.69 38.26
CA ASN B 639 1.47 21.33 36.86
C ASN B 639 0.41 22.18 36.20
N GLU B 640 -0.63 22.54 36.96
CA GLU B 640 -1.69 23.38 36.39
C GLU B 640 -1.15 24.73 35.95
N LYS B 641 -0.31 25.36 36.77
CA LYS B 641 0.22 26.67 36.40
C LYS B 641 1.00 26.62 35.09
N CYS B 642 1.77 25.55 34.88
CA CYS B 642 2.51 25.42 33.63
C CYS B 642 1.60 25.09 32.47
N SER B 643 0.50 24.39 32.71
CA SER B 643 -0.49 24.24 31.65
C SER B 643 -1.04 25.58 31.23
N GLN B 644 -1.32 26.46 32.18
CA GLN B 644 -1.75 27.81 31.83
C GLN B 644 -0.69 28.57 31.04
N HIS B 645 0.54 28.64 31.55
CA HIS B 645 1.56 29.39 30.82
C HIS B 645 1.82 28.82 29.43
N HIS B 646 1.87 27.50 29.30
CA HIS B 646 2.20 26.88 28.03
C HIS B 646 1.02 26.86 27.08
N ARG B 647 -0.16 27.28 27.53
CA ARG B 647 -1.33 27.39 26.67
C ARG B 647 -1.63 26.08 25.95
N GLY B 648 -1.67 24.99 26.71
CA GLY B 648 -2.02 23.70 26.17
C GLY B 648 -0.97 23.07 25.31
N LYS B 649 0.23 23.63 25.27
CA LYS B 649 1.30 23.02 24.49
C LYS B 649 1.96 21.90 25.27
N VAL B 650 1.61 21.75 26.54
CA VAL B 650 2.13 20.69 27.39
C VAL B 650 0.97 19.80 27.82
N THR B 651 1.15 18.51 27.65
CA THR B 651 0.17 17.51 28.07
C THR B 651 0.77 16.78 29.27
N LEU B 652 0.51 17.31 30.46
CA LEU B 652 1.33 16.95 31.60
C LEU B 652 1.03 15.54 32.08
N ASN B 653 2.09 14.79 32.33
CA ASN B 653 2.04 13.39 32.74
C ASN B 653 2.44 13.34 34.22
N GLU B 654 2.24 12.19 34.85
CA GLU B 654 2.54 12.06 36.27
C GLU B 654 4.01 12.29 36.59
N SER B 655 4.91 11.77 35.77
CA SER B 655 6.32 11.69 36.14
C SER B 655 7.05 13.02 36.09
N GLU B 656 6.49 14.07 35.48
CA GLU B 656 7.22 15.30 35.31
C GLU B 656 7.00 16.22 36.52
N ILE B 657 7.92 17.16 36.72
CA ILE B 657 7.72 18.33 37.58
C ILE B 657 7.89 19.56 36.72
N CYS B 658 7.30 20.66 37.15
CA CYS B 658 7.45 21.92 36.47
C CYS B 658 7.75 23.02 37.46
N ALA B 659 8.94 23.57 37.39
CA ALA B 659 9.36 24.66 38.25
C ALA B 659 9.80 25.82 37.38
N GLY B 660 9.29 27.00 37.70
CA GLY B 660 9.48 28.12 36.80
C GLY B 660 9.94 29.40 37.47
N ALA B 661 10.89 30.07 36.83
CA ALA B 661 11.38 31.34 37.33
C ALA B 661 10.26 32.37 37.30
N GLU B 662 10.21 33.18 38.36
CA GLU B 662 9.12 34.13 38.52
C GLU B 662 9.54 35.51 38.01
N LYS B 663 8.77 36.03 37.05
CA LYS B 663 8.91 37.39 36.54
C LYS B 663 10.22 37.62 35.80
N ILE B 664 11.01 36.57 35.61
CA ILE B 664 12.29 36.67 34.93
C ILE B 664 12.49 35.42 34.09
N GLY B 665 13.12 35.58 32.94
CA GLY B 665 13.43 34.45 32.10
C GLY B 665 14.84 33.94 32.29
N SER B 666 14.99 32.89 33.09
CA SER B 666 16.30 32.28 33.34
C SER B 666 16.09 30.78 33.50
N GLY B 667 16.82 29.99 32.73
CA GLY B 667 16.64 28.57 32.74
C GLY B 667 17.81 27.83 32.14
N PRO B 668 17.86 26.52 32.37
CA PRO B 668 18.94 25.71 31.81
C PRO B 668 18.76 25.55 30.31
N CYS B 669 19.88 25.36 29.59
CA CYS B 669 19.76 25.26 28.15
C CYS B 669 20.81 24.25 27.69
N GLU B 670 21.21 24.26 26.41
CA GLU B 670 22.26 23.34 25.94
C GLU B 670 23.41 23.19 26.92
N GLY B 671 23.82 21.94 27.13
CA GLY B 671 24.89 21.62 28.04
C GLY B 671 24.43 21.28 29.44
N ASP B 672 23.22 21.66 29.82
CA ASP B 672 22.71 21.43 31.16
C ASP B 672 21.95 20.13 31.29
N TYR B 673 21.74 19.41 30.20
CA TYR B 673 20.98 18.18 30.29
C TYR B 673 21.72 17.17 31.13
N GLY B 674 20.98 16.44 31.95
CA GLY B 674 21.58 15.66 33.01
C GLY B 674 21.90 16.47 34.24
N GLY B 675 21.65 17.76 34.23
CA GLY B 675 21.84 18.56 35.41
C GLY B 675 20.81 18.23 36.45
N PRO B 676 21.16 18.48 37.70
CA PRO B 676 20.26 18.15 38.80
C PRO B 676 19.38 19.30 39.24
N LEU B 677 18.12 19.02 39.49
CA LEU B 677 17.27 19.86 40.30
C LEU B 677 17.38 19.37 41.73
N VAL B 678 18.17 20.10 42.51
CA VAL B 678 18.42 19.82 43.92
C VAL B 678 17.63 20.83 44.74
N CYS B 679 16.99 20.35 45.79
CA CYS B 679 16.16 21.22 46.60
C CYS B 679 16.30 20.88 48.07
N GLU B 680 16.14 21.89 48.91
CA GLU B 680 16.20 21.74 50.35
C GLU B 680 14.77 21.52 50.85
N GLN B 681 14.50 20.34 51.40
CA GLN B 681 13.15 20.13 51.94
C GLN B 681 13.00 20.74 53.32
N HIS B 682 13.67 20.17 54.32
CA HIS B 682 13.37 20.46 55.72
C HIS B 682 14.56 21.02 56.49
N LYS B 683 15.67 20.28 56.49
CA LYS B 683 16.92 20.74 57.04
C LYS B 683 18.08 20.58 56.08
N MET B 684 18.09 19.49 55.32
CA MET B 684 19.13 19.25 54.33
C MET B 684 18.60 19.50 52.93
N ARG B 685 19.49 19.55 51.96
CA ARG B 685 19.15 19.74 50.56
C ARG B 685 19.19 18.39 49.85
N MET B 686 18.31 18.22 48.87
CA MET B 686 18.09 16.94 48.25
C MET B 686 17.72 17.12 46.78
N VAL B 687 18.03 16.12 45.97
CA VAL B 687 17.79 16.25 44.53
C VAL B 687 16.36 15.84 44.21
N LEU B 688 15.74 16.53 43.25
CA LEU B 688 14.38 16.22 42.86
C LEU B 688 14.20 15.95 41.38
N GLY B 689 15.05 16.48 40.52
CA GLY B 689 14.78 16.44 39.09
C GLY B 689 16.04 16.34 38.27
N VAL B 690 15.84 16.14 36.97
CA VAL B 690 16.92 16.17 36.01
C VAL B 690 16.58 17.25 34.99
N ILE B 691 17.58 18.02 34.57
CA ILE B 691 17.37 19.01 33.54
C ILE B 691 17.35 18.31 32.18
N VAL B 692 16.27 18.49 31.44
CA VAL B 692 16.07 17.77 30.18
C VAL B 692 15.52 18.79 29.19
N PRO B 693 15.78 18.69 27.88
CA PRO B 693 15.32 19.75 26.98
C PRO B 693 13.84 19.66 26.67
N GLY B 694 13.17 20.79 26.57
CA GLY B 694 11.80 20.80 26.11
C GLY B 694 11.29 22.20 25.84
N ARG B 695 10.18 22.32 25.10
CA ARG B 695 9.35 23.52 25.10
C ARG B 695 10.11 24.80 24.74
N GLY B 696 11.37 24.68 24.40
CA GLY B 696 12.16 25.88 24.21
C GLY B 696 13.03 26.23 25.40
N CYS B 697 13.73 27.36 25.27
CA CYS B 697 14.77 27.77 26.20
C CYS B 697 14.44 29.11 26.83
N ALA B 698 14.38 29.14 28.17
CA ALA B 698 14.53 30.36 28.96
C ALA B 698 13.53 31.44 28.57
N ILE B 699 12.36 31.04 28.12
CA ILE B 699 11.36 32.04 27.73
C ILE B 699 10.89 32.79 28.96
N PRO B 700 10.89 34.12 28.95
CA PRO B 700 10.43 34.87 30.12
C PRO B 700 9.00 34.53 30.49
N ASN B 701 8.75 34.51 31.79
CA ASN B 701 7.41 34.29 32.32
C ASN B 701 6.84 32.97 31.81
N ARG B 702 7.73 32.00 31.62
CA ARG B 702 7.39 30.65 31.23
C ARG B 702 8.17 29.68 32.10
N PRO B 703 7.52 28.65 32.59
CA PRO B 703 8.17 27.76 33.56
C PRO B 703 9.16 26.81 32.92
N GLY B 704 9.68 25.88 33.72
CA GLY B 704 10.60 24.87 33.22
C GLY B 704 10.08 23.49 33.60
N ILE B 705 10.49 22.49 32.84
CA ILE B 705 9.94 21.16 32.94
C ILE B 705 11.06 20.15 33.14
N PHE B 706 10.89 19.27 34.13
CA PHE B 706 11.92 18.31 34.47
C PHE B 706 11.31 16.95 34.74
N VAL B 707 12.15 15.95 34.97
CA VAL B 707 11.69 14.62 35.32
C VAL B 707 11.92 14.41 36.80
N ARG B 708 10.87 13.99 37.50
CA ARG B 708 10.92 13.85 38.94
C ARG B 708 11.54 12.50 39.31
N VAL B 709 12.66 12.56 40.01
CA VAL B 709 13.34 11.33 40.39
C VAL B 709 12.47 10.49 41.30
N ALA B 710 11.51 11.11 41.99
CA ALA B 710 10.70 10.37 42.95
C ALA B 710 9.98 9.21 42.27
N TYR B 711 9.46 9.43 41.07
CA TYR B 711 8.78 8.37 40.36
C TYR B 711 9.72 7.21 40.02
N TYR B 712 11.03 7.44 40.09
CA TYR B 712 11.95 6.39 39.70
C TYR B 712 12.91 5.98 40.81
N ALA B 713 12.75 6.53 42.01
CA ALA B 713 13.72 6.31 43.07
C ALA B 713 13.82 4.83 43.41
N LYS B 714 12.68 4.16 43.47
CA LYS B 714 12.70 2.74 43.75
C LYS B 714 13.47 1.99 42.69
N TRP B 715 13.26 2.32 41.42
CA TRP B 715 14.00 1.65 40.37
C TRP B 715 15.49 1.89 40.55
N ILE B 716 15.85 3.11 40.96
CA ILE B 716 17.25 3.38 41.26
C ILE B 716 17.76 2.43 42.32
N HIS B 717 16.96 2.20 43.35
CA HIS B 717 17.40 1.29 44.41
C HIS B 717 17.61 -0.12 43.87
N LYS B 718 16.60 -0.67 43.20
CA LYS B 718 16.74 -2.04 42.71
C LYS B 718 17.95 -2.17 41.81
N ILE B 719 18.19 -1.20 40.94
CA ILE B 719 19.36 -1.34 40.10
C ILE B 719 20.63 -1.16 40.90
N ILE B 720 20.64 -0.26 41.89
CA ILE B 720 21.87 0.00 42.62
C ILE B 720 22.24 -1.20 43.47
N LEU B 721 21.30 -2.14 43.63
CA LEU B 721 21.65 -3.42 44.25
C LEU B 721 22.45 -4.29 43.29
N THR B 722 22.94 -3.72 42.19
CA THR B 722 23.83 -4.45 41.28
C THR B 722 25.20 -3.80 41.20
N CYS C 26 -23.74 2.90 -35.66
CA CYS C 26 -22.96 4.09 -35.95
C CYS C 26 -22.26 4.57 -34.69
N LYS C 27 -21.16 3.90 -34.38
CA LYS C 27 -20.47 4.08 -33.11
C LYS C 27 -19.96 5.50 -32.97
N GLU C 28 -19.44 6.08 -34.05
CA GLU C 28 -18.93 7.44 -33.99
C GLU C 28 -20.03 8.42 -33.62
N ALA C 29 -21.17 8.34 -34.29
CA ALA C 29 -22.21 9.35 -34.07
C ALA C 29 -22.72 9.29 -32.63
N LEU C 30 -22.94 8.10 -32.11
CA LEU C 30 -23.43 7.96 -30.74
C LEU C 30 -22.34 8.15 -29.71
N ALA C 31 -21.13 8.52 -30.11
CA ALA C 31 -20.10 8.79 -29.12
C ALA C 31 -20.46 9.95 -28.22
N LYS C 32 -21.46 10.76 -28.60
CA LYS C 32 -22.01 11.75 -27.69
C LYS C 32 -22.45 11.15 -26.37
N SER C 33 -22.61 9.83 -26.32
CA SER C 33 -22.89 9.15 -25.06
C SER C 33 -21.71 9.29 -24.10
N GLU C 34 -20.48 9.21 -24.62
CA GLU C 34 -19.31 9.34 -23.77
C GLU C 34 -19.27 10.71 -23.12
N MET C 35 -18.80 10.75 -21.87
CA MET C 35 -18.88 11.97 -21.10
C MET C 35 -18.00 13.05 -21.71
N ASN C 36 -18.45 14.30 -21.54
CA ASN C 36 -17.66 15.43 -22.00
C ASN C 36 -16.40 15.56 -21.15
N VAL C 37 -15.28 15.12 -21.71
CA VAL C 37 -14.05 15.09 -20.94
C VAL C 37 -13.62 16.49 -20.55
N ASN C 38 -13.90 17.48 -21.38
CA ASN C 38 -13.44 18.84 -21.15
C ASN C 38 -14.61 19.76 -20.89
N MET C 39 -14.86 20.04 -19.63
CA MET C 39 -15.80 21.06 -19.22
C MET C 39 -15.08 21.96 -18.22
N LYS C 40 -15.48 23.23 -18.17
CA LYS C 40 -14.76 24.26 -17.44
C LYS C 40 -15.44 24.52 -16.11
N TYR C 41 -14.63 24.66 -15.06
CA TYR C 41 -15.15 24.84 -13.71
C TYR C 41 -14.57 26.10 -13.08
N GLN C 42 -15.41 26.83 -12.35
CA GLN C 42 -14.97 27.95 -11.55
C GLN C 42 -14.71 27.47 -10.12
N LEU C 43 -13.45 27.27 -9.77
CA LEU C 43 -13.05 26.90 -8.43
C LEU C 43 -12.08 27.96 -7.90
N PRO C 44 -11.99 28.12 -6.59
CA PRO C 44 -11.09 29.14 -6.05
C PRO C 44 -9.69 28.90 -6.57
N ASN C 45 -9.25 29.80 -7.44
CA ASN C 45 -8.01 29.62 -8.16
C ASN C 45 -7.09 30.78 -7.83
N PHE C 46 -5.92 30.49 -7.29
CA PHE C 46 -4.96 31.52 -6.98
C PHE C 46 -3.75 31.36 -7.87
N THR C 47 -3.22 32.48 -8.33
CA THR C 47 -2.10 32.49 -9.24
C THR C 47 -0.91 33.20 -8.61
N ALA C 48 0.28 32.75 -8.95
CA ALA C 48 1.50 33.35 -8.45
C ALA C 48 2.31 33.90 -9.62
N GLU C 49 3.30 34.71 -9.28
CA GLU C 49 4.16 35.31 -10.30
C GLU C 49 5.17 34.30 -10.82
N THR C 50 5.53 33.32 -9.99
CA THR C 50 6.57 32.37 -10.30
C THR C 50 6.09 30.95 -10.00
N PRO C 51 6.81 29.93 -10.46
CA PRO C 51 6.39 28.54 -10.17
C PRO C 51 6.36 28.26 -8.68
N ILE C 52 5.43 27.42 -8.27
CA ILE C 52 5.32 27.05 -6.86
C ILE C 52 5.88 25.65 -6.68
N GLN C 53 6.75 25.47 -5.70
CA GLN C 53 7.35 24.17 -5.42
C GLN C 53 6.74 23.46 -4.23
N ASN C 54 6.68 24.07 -3.06
CA ASN C 54 6.15 23.38 -1.90
C ASN C 54 5.05 24.21 -1.26
N VAL C 55 4.23 23.53 -0.46
CA VAL C 55 3.08 24.15 0.18
C VAL C 55 2.81 23.42 1.48
N ILE C 56 2.43 24.16 2.51
CA ILE C 56 2.17 23.60 3.82
C ILE C 56 0.93 24.23 4.41
N LEU C 57 0.06 23.39 4.96
CA LEU C 57 -1.19 23.82 5.58
C LEU C 57 -1.01 23.86 7.09
N HIS C 58 -1.41 24.97 7.70
CA HIS C 58 -1.21 25.11 9.13
C HIS C 58 -2.10 26.19 9.72
N GLU C 59 -2.88 25.82 10.73
CA GLU C 59 -3.67 26.75 11.53
C GLU C 59 -4.33 27.79 10.64
N HIS C 60 -5.22 27.33 9.78
CA HIS C 60 -6.08 28.20 8.99
C HIS C 60 -5.29 29.20 8.16
N HIS C 61 -4.04 28.88 7.85
CA HIS C 61 -3.26 29.62 6.86
C HIS C 61 -2.62 28.57 5.99
N ILE C 62 -2.37 28.91 4.72
CA ILE C 62 -1.73 27.96 3.84
C ILE C 62 -0.56 28.63 3.16
N PHE C 63 0.64 28.37 3.66
CA PHE C 63 1.83 28.97 3.12
C PHE C 63 2.24 28.29 1.83
N LEU C 64 2.91 29.05 0.97
CA LEU C 64 3.47 28.52 -0.27
C LEU C 64 4.89 29.02 -0.39
N GLY C 65 5.80 28.11 -0.75
CA GLY C 65 7.08 28.53 -1.22
C GLY C 65 7.10 28.57 -2.73
N ALA C 66 7.73 29.61 -3.28
CA ALA C 66 7.75 29.78 -4.71
C ALA C 66 9.04 30.48 -5.06
N THR C 67 9.38 30.46 -6.35
CA THR C 67 10.63 31.04 -6.77
C THR C 67 10.75 32.46 -6.25
N ASN C 68 11.73 32.69 -5.39
CA ASN C 68 12.07 33.99 -4.84
C ASN C 68 11.00 34.56 -3.92
N TYR C 69 10.16 33.73 -3.31
CA TYR C 69 8.97 34.25 -2.64
C TYR C 69 8.44 33.23 -1.65
N ILE C 70 7.78 33.73 -0.60
CA ILE C 70 6.86 32.91 0.18
C ILE C 70 5.58 33.68 0.39
N TYR C 71 4.46 33.02 0.18
CA TYR C 71 3.13 33.59 0.28
C TYR C 71 2.38 32.94 1.43
N VAL C 72 1.37 33.64 1.93
CA VAL C 72 0.46 33.01 2.88
C VAL C 72 -0.97 33.27 2.44
N LEU C 73 -1.79 32.24 2.54
CA LEU C 73 -3.13 32.25 1.97
C LEU C 73 -4.16 31.87 3.03
N ASN C 74 -5.30 32.55 2.98
CA ASN C 74 -6.49 32.05 3.63
C ASN C 74 -7.06 30.93 2.78
N GLU C 75 -7.77 29.98 3.40
CA GLU C 75 -8.20 28.82 2.64
C GLU C 75 -9.35 29.14 1.71
N GLU C 76 -10.52 29.43 2.28
CA GLU C 76 -11.77 29.38 1.54
C GLU C 76 -11.84 30.39 0.41
N ASP C 77 -10.95 31.37 0.39
CA ASP C 77 -10.92 32.30 -0.71
C ASP C 77 -9.60 32.30 -1.47
N LEU C 78 -8.54 31.77 -0.88
CA LEU C 78 -7.18 31.90 -1.43
C LEU C 78 -6.85 33.37 -1.74
N GLN C 79 -7.14 34.24 -0.78
CA GLN C 79 -6.67 35.61 -0.84
C GLN C 79 -5.24 35.67 -0.31
N LYS C 80 -4.35 36.23 -1.12
CA LYS C 80 -2.98 36.45 -0.69
C LYS C 80 -3.00 37.53 0.38
N VAL C 81 -3.10 37.10 1.64
CA VAL C 81 -3.13 38.04 2.74
C VAL C 81 -1.77 38.69 2.92
N ALA C 82 -0.70 37.92 2.79
CA ALA C 82 0.62 38.46 3.09
C ALA C 82 1.68 37.67 2.33
N GLU C 83 2.89 38.23 2.34
CA GLU C 83 3.98 37.79 1.50
C GLU C 83 5.29 38.18 2.17
N TYR C 84 6.33 37.39 1.92
CA TYR C 84 7.65 37.79 2.35
C TYR C 84 8.67 37.41 1.28
N LYS C 85 9.65 38.29 1.10
CA LYS C 85 10.40 38.42 -0.14
C LYS C 85 11.82 37.89 0.04
N THR C 86 12.03 36.64 -0.36
CA THR C 86 13.37 36.08 -0.46
C THR C 86 13.77 36.07 -1.93
N GLY C 87 13.89 37.26 -2.50
CA GLY C 87 14.10 37.38 -3.92
C GLY C 87 15.49 37.00 -4.36
N PRO C 88 15.93 37.58 -5.47
CA PRO C 88 17.27 37.26 -5.98
C PRO C 88 18.31 37.64 -4.94
N VAL C 89 19.41 36.91 -4.94
CA VAL C 89 20.50 37.15 -4.01
C VAL C 89 21.79 37.26 -4.80
N LEU C 90 22.59 38.28 -4.50
CA LEU C 90 23.96 38.29 -4.96
C LEU C 90 24.68 37.05 -4.45
N GLU C 91 25.19 36.26 -5.37
CA GLU C 91 26.10 35.20 -4.98
C GLU C 91 27.51 35.67 -5.31
N HIS C 92 28.30 35.88 -4.27
CA HIS C 92 29.68 36.25 -4.48
C HIS C 92 30.53 35.33 -3.62
N PRO C 93 31.63 34.81 -4.16
CA PRO C 93 32.30 33.67 -3.50
C PRO C 93 32.69 33.93 -2.06
N ASP C 94 33.10 35.15 -1.73
CA ASP C 94 33.62 35.44 -0.39
C ASP C 94 32.53 35.92 0.55
N CYS C 95 31.42 36.44 0.01
CA CYS C 95 30.30 36.85 0.86
C CYS C 95 29.74 35.66 1.61
N PHE C 96 29.70 35.77 2.92
CA PHE C 96 29.22 34.67 3.75
C PHE C 96 27.70 34.52 3.60
N PRO C 97 27.15 33.36 3.93
CA PRO C 97 25.73 33.11 3.64
C PRO C 97 24.77 34.14 4.25
N CYS C 98 24.68 34.23 5.56
CA CYS C 98 23.68 35.14 6.12
C CYS C 98 24.27 36.40 6.72
N GLN C 99 25.55 36.69 6.48
CA GLN C 99 25.98 38.06 6.65
C GLN C 99 25.48 38.87 5.48
N ASP C 100 25.32 40.18 5.68
CA ASP C 100 24.71 41.03 4.67
C ASP C 100 25.79 41.62 3.77
N CYS C 101 25.78 41.23 2.50
CA CYS C 101 26.73 41.76 1.53
C CYS C 101 26.04 42.56 0.43
N SER C 102 25.10 43.42 0.81
CA SER C 102 24.50 44.31 -0.18
C SER C 102 25.50 45.34 -0.69
N SER C 103 26.45 45.75 0.15
CA SER C 103 27.38 46.81 -0.22
C SER C 103 28.32 46.39 -1.33
N LYS C 104 28.37 45.10 -1.66
CA LYS C 104 29.32 44.61 -2.64
C LYS C 104 28.92 45.03 -4.04
N ALA C 105 29.89 45.60 -4.78
CA ALA C 105 29.67 46.11 -6.12
C ALA C 105 30.31 45.27 -7.21
N ASN C 106 31.15 44.31 -6.87
CA ASN C 106 31.72 43.41 -7.86
C ASN C 106 31.07 42.04 -7.78
N GLY C 110 29.19 37.06 -7.85
CA GLY C 110 29.03 38.44 -8.27
C GLY C 110 27.74 38.61 -9.08
N VAL C 111 26.87 37.62 -9.04
CA VAL C 111 25.72 37.53 -9.95
C VAL C 111 24.43 37.53 -9.14
N TRP C 112 23.42 38.22 -9.67
CA TRP C 112 22.12 38.31 -9.02
C TRP C 112 21.36 37.01 -9.27
N LYS C 113 21.77 35.97 -8.54
CA LYS C 113 21.11 34.68 -8.72
C LYS C 113 19.73 34.76 -8.09
N ASP C 114 18.94 33.70 -8.18
CA ASP C 114 17.64 33.64 -7.56
C ASP C 114 17.55 32.34 -6.74
N ASN C 115 16.65 32.33 -5.77
CA ASN C 115 16.47 31.15 -4.93
C ASN C 115 15.13 30.50 -5.23
N ILE C 116 15.10 29.18 -5.11
CA ILE C 116 13.88 28.40 -5.26
C ILE C 116 13.73 27.53 -4.03
N ASN C 117 12.64 27.69 -3.31
CA ASN C 117 12.42 26.96 -2.07
C ASN C 117 12.33 25.47 -2.39
N MET C 118 13.05 24.65 -1.63
CA MET C 118 12.88 23.21 -1.73
C MET C 118 12.48 22.56 -0.42
N ALA C 119 12.50 23.29 0.69
CA ALA C 119 12.01 22.69 1.92
C ALA C 119 11.30 23.75 2.73
N LEU C 120 10.02 23.53 2.96
CA LEU C 120 9.21 24.40 3.78
C LEU C 120 8.52 23.52 4.81
N VAL C 121 8.86 23.71 6.08
CA VAL C 121 8.27 22.91 7.15
C VAL C 121 7.74 23.83 8.22
N VAL C 122 6.85 23.31 9.04
CA VAL C 122 6.32 24.04 10.17
C VAL C 122 6.71 23.31 11.43
N ASP C 123 7.23 24.04 12.41
CA ASP C 123 7.48 23.46 13.72
C ASP C 123 6.57 24.13 14.75
N THR C 124 6.07 23.34 15.67
CA THR C 124 5.30 23.83 16.79
C THR C 124 5.72 23.21 18.10
N TYR C 125 6.64 22.24 18.06
CA TYR C 125 7.23 21.75 19.30
C TYR C 125 7.85 22.89 20.08
N TYR C 126 8.72 23.67 19.45
CA TYR C 126 9.37 24.73 20.17
C TYR C 126 8.45 25.93 20.29
N ASP C 127 8.13 26.54 19.17
CA ASP C 127 7.22 27.67 19.10
C ASP C 127 6.64 27.65 17.69
N ASP C 128 5.54 28.35 17.51
CA ASP C 128 4.84 28.30 16.23
C ASP C 128 5.68 29.02 15.19
N GLN C 129 6.51 28.26 14.48
CA GLN C 129 7.41 28.87 13.52
C GLN C 129 7.30 28.14 12.19
N LEU C 130 7.71 28.85 11.15
CA LEU C 130 7.87 28.28 9.83
C LEU C 130 9.35 28.26 9.52
N ILE C 131 9.79 27.25 8.78
CA ILE C 131 11.18 27.12 8.38
C ILE C 131 11.21 27.00 6.87
N SER C 132 11.98 27.88 6.24
CA SER C 132 12.16 27.85 4.80
C SER C 132 13.60 27.46 4.53
N CYS C 133 13.85 26.89 3.36
CA CYS C 133 15.14 26.30 3.08
C CYS C 133 15.52 26.56 1.63
N GLY C 134 16.34 27.58 1.41
CA GLY C 134 16.57 28.11 0.08
C GLY C 134 17.56 27.32 -0.76
N SER C 135 17.63 27.66 -2.04
CA SER C 135 18.52 26.94 -2.95
C SER C 135 19.88 27.59 -3.03
N VAL C 136 19.93 28.84 -3.48
CA VAL C 136 21.20 29.43 -3.90
C VAL C 136 22.11 29.72 -2.71
N ASN C 137 21.54 30.22 -1.61
CA ASN C 137 22.36 30.75 -0.54
C ASN C 137 23.02 29.60 0.24
N ARG C 138 23.80 28.81 -0.50
CA ARG C 138 24.58 27.70 0.05
C ARG C 138 23.67 26.66 0.69
N GLY C 139 22.36 26.81 0.47
CA GLY C 139 21.41 25.90 1.10
C GLY C 139 21.36 26.03 2.60
N THR C 140 21.36 27.25 3.11
CA THR C 140 21.25 27.52 4.53
C THR C 140 19.83 27.97 4.84
N CYS C 141 19.31 27.53 5.98
CA CYS C 141 17.88 27.52 6.17
C CYS C 141 17.52 28.60 7.19
N GLN C 142 16.28 29.08 7.15
CA GLN C 142 15.91 30.20 8.00
C GLN C 142 14.52 30.01 8.56
N ARG C 143 14.17 30.88 9.52
CA ARG C 143 12.97 30.73 10.33
C ARG C 143 12.14 32.00 10.33
N HIS C 144 10.83 31.84 10.46
CA HIS C 144 9.89 32.94 10.63
C HIS C 144 9.05 32.60 11.86
N VAL C 145 8.79 33.60 12.70
CA VAL C 145 8.09 33.36 13.96
C VAL C 145 6.70 33.97 13.91
N PHE C 146 5.73 33.24 14.39
CA PHE C 146 4.35 33.71 14.42
C PHE C 146 4.06 34.47 15.70
N PRO C 147 3.72 35.75 15.64
CA PRO C 147 3.26 36.43 16.85
C PRO C 147 1.96 35.82 17.34
N HIS C 148 1.70 35.99 18.64
CA HIS C 148 0.59 35.29 19.27
C HIS C 148 -0.76 35.78 18.77
N ASN C 149 -0.99 37.09 18.82
CA ASN C 149 -2.28 37.61 18.40
C ASN C 149 -2.53 37.39 16.92
N HIS C 150 -1.51 37.61 16.10
CA HIS C 150 -1.66 37.59 14.65
C HIS C 150 -0.63 36.64 14.05
N THR C 151 -1.10 35.67 13.27
CA THR C 151 -0.23 34.59 12.84
C THR C 151 0.28 34.81 11.42
N ALA C 152 -0.49 35.52 10.60
CA ALA C 152 -0.07 35.71 9.23
C ALA C 152 1.18 36.58 9.11
N ASP C 153 1.43 37.46 10.07
CA ASP C 153 2.51 38.43 9.95
C ASP C 153 3.83 37.69 10.17
N ILE C 154 4.33 37.09 9.10
CA ILE C 154 5.58 36.35 9.20
C ILE C 154 6.77 37.27 8.97
N GLN C 155 6.58 38.34 8.22
CA GLN C 155 7.73 39.14 7.83
C GLN C 155 8.35 39.84 9.03
N SER C 156 7.59 39.99 10.11
CA SER C 156 8.03 40.85 11.20
C SER C 156 9.32 40.34 11.83
N GLU C 157 9.44 39.02 12.00
CA GLU C 157 10.57 38.45 12.71
C GLU C 157 11.19 37.34 11.86
N VAL C 158 12.49 37.45 11.60
CA VAL C 158 13.24 36.47 10.84
C VAL C 158 14.63 36.32 11.44
N HIS C 159 15.07 35.07 11.61
CA HIS C 159 16.48 34.79 11.84
C HIS C 159 17.04 34.00 10.68
N CYS C 160 18.36 33.84 10.68
CA CYS C 160 19.02 32.78 9.94
C CYS C 160 19.47 31.69 10.90
N ILE C 161 19.67 30.49 10.35
CA ILE C 161 20.28 29.42 11.11
C ILE C 161 21.69 29.22 10.61
N PHE C 162 22.64 29.91 11.24
CA PHE C 162 24.03 29.86 10.81
C PHE C 162 24.92 29.86 12.04
N SER C 163 25.68 28.79 12.21
CA SER C 163 26.59 28.69 13.33
C SER C 163 27.99 28.53 12.78
N PRO C 164 28.87 29.53 12.91
CA PRO C 164 30.25 29.33 12.48
C PRO C 164 30.86 28.16 13.25
N GLN C 165 31.17 27.09 12.51
CA GLN C 165 31.70 25.87 13.10
C GLN C 165 33.18 26.10 13.39
N ILE C 166 33.46 26.62 14.58
CA ILE C 166 34.84 26.90 14.97
C ILE C 166 35.60 25.61 15.24
N GLU C 167 34.95 24.63 15.86
CA GLU C 167 35.63 23.40 16.23
C GLU C 167 36.19 22.70 14.99
N GLU C 168 35.32 22.23 14.12
CA GLU C 168 35.72 21.56 12.88
C GLU C 168 35.14 22.35 11.72
N PRO C 169 35.78 23.43 11.32
CA PRO C 169 35.29 24.22 10.18
C PRO C 169 35.27 23.45 8.88
N SER C 170 35.86 22.25 8.84
CA SER C 170 35.99 21.52 7.59
C SER C 170 34.64 20.99 7.12
N GLN C 171 33.70 20.78 8.03
CA GLN C 171 32.41 20.20 7.68
C GLN C 171 31.26 21.15 8.01
N CYS C 172 30.19 21.03 7.21
CA CYS C 172 29.00 21.86 7.33
C CYS C 172 27.93 21.13 8.12
N PRO C 173 27.61 21.56 9.32
CA PRO C 173 26.40 21.05 9.96
C PRO C 173 25.22 21.89 9.56
N ASP C 174 25.47 23.07 8.99
CA ASP C 174 24.43 24.02 8.69
C ASP C 174 24.17 24.17 7.19
N CYS C 175 25.10 23.75 6.35
CA CYS C 175 24.87 23.75 4.91
C CYS C 175 23.96 22.57 4.62
N VAL C 176 22.66 22.79 4.72
CA VAL C 176 21.69 21.71 4.80
C VAL C 176 21.33 21.14 3.44
N VAL C 177 20.71 21.94 2.57
CA VAL C 177 19.99 21.43 1.41
C VAL C 177 20.79 21.74 0.15
N SER C 178 20.83 20.78 -0.77
CA SER C 178 21.55 20.92 -2.03
C SER C 178 20.73 21.71 -3.02
N ALA C 179 21.12 21.63 -4.28
CA ALA C 179 20.41 22.37 -5.31
C ALA C 179 19.64 21.44 -6.24
N LEU C 180 20.28 20.36 -6.68
CA LEU C 180 19.73 19.56 -7.77
C LEU C 180 18.39 18.95 -7.37
N GLY C 181 18.26 18.52 -6.13
CA GLY C 181 17.00 17.97 -5.66
C GLY C 181 17.11 17.47 -4.24
N ALA C 182 16.06 17.61 -3.45
CA ALA C 182 16.14 17.24 -2.06
C ALA C 182 14.76 16.96 -1.49
N LYS C 183 14.73 16.20 -0.40
CA LYS C 183 13.52 15.97 0.38
C LYS C 183 13.89 16.13 1.84
N VAL C 184 13.01 16.77 2.60
CA VAL C 184 13.27 17.11 3.98
C VAL C 184 12.07 16.72 4.82
N LEU C 185 12.31 16.02 5.93
CA LEU C 185 11.26 15.55 6.79
C LEU C 185 11.60 15.87 8.24
N SER C 186 10.68 16.53 8.93
CA SER C 186 10.88 16.99 10.30
C SER C 186 10.23 16.04 11.28
N SER C 187 10.83 15.89 12.45
CA SER C 187 10.27 14.99 13.45
C SER C 187 10.72 15.40 14.84
N VAL C 188 10.00 14.92 15.85
CA VAL C 188 10.29 15.25 17.24
C VAL C 188 10.52 13.93 17.97
N LYS C 189 11.76 13.51 18.06
CA LYS C 189 12.15 12.38 18.88
C LYS C 189 12.92 12.88 20.10
N ASP C 190 12.59 12.33 21.25
CA ASP C 190 13.37 12.55 22.45
C ASP C 190 13.40 14.01 22.86
N ARG C 191 12.34 14.75 22.55
CA ARG C 191 12.32 16.19 22.73
C ARG C 191 13.40 16.87 21.89
N PHE C 192 13.37 16.62 20.59
CA PHE C 192 14.50 16.86 19.70
C PHE C 192 13.95 17.06 18.30
N ILE C 193 14.12 18.24 17.73
CA ILE C 193 13.64 18.39 16.37
C ILE C 193 14.73 17.93 15.41
N ASN C 194 14.46 16.83 14.72
CA ASN C 194 15.40 16.21 13.81
C ASN C 194 14.91 16.42 12.39
N PHE C 195 15.81 16.85 11.53
CA PHE C 195 15.53 16.95 10.11
C PHE C 195 16.26 15.81 9.41
N PHE C 196 15.49 14.88 8.87
CA PHE C 196 16.03 13.86 8.00
C PHE C 196 16.03 14.42 6.60
N VAL C 197 17.20 14.63 6.01
CA VAL C 197 17.27 15.30 4.74
C VAL C 197 18.03 14.43 3.75
N GLY C 198 17.51 14.35 2.53
CA GLY C 198 18.22 13.70 1.45
C GLY C 198 18.54 14.73 0.37
N ASN C 199 19.71 14.56 -0.24
CA ASN C 199 20.17 15.53 -1.23
C ASN C 199 20.54 14.79 -2.49
N THR C 200 20.45 15.48 -3.61
CA THR C 200 21.09 15.02 -4.83
C THR C 200 22.40 15.75 -4.97
N ILE C 201 23.46 15.03 -5.30
CA ILE C 201 24.80 15.60 -5.31
C ILE C 201 25.43 15.41 -6.69
N ASN C 202 25.89 16.51 -7.27
CA ASN C 202 26.77 16.46 -8.42
C ASN C 202 28.21 16.43 -7.92
N SER C 203 29.07 15.77 -8.69
CA SER C 203 30.45 15.60 -8.26
C SER C 203 31.12 16.95 -8.02
N SER C 204 30.71 17.96 -8.78
CA SER C 204 31.39 19.25 -8.72
C SER C 204 31.19 19.94 -7.37
N TYR C 205 30.08 19.66 -6.71
CA TYR C 205 29.68 20.50 -5.58
C TYR C 205 30.52 20.24 -4.35
N PHE C 206 31.02 19.02 -4.20
CA PHE C 206 31.63 18.62 -2.93
C PHE C 206 32.85 19.44 -2.54
N PRO C 207 33.98 19.40 -3.26
CA PRO C 207 35.24 19.87 -2.66
C PRO C 207 35.17 21.31 -2.20
N ASP C 208 34.37 22.14 -2.87
CA ASP C 208 34.08 23.48 -2.38
C ASP C 208 33.48 23.42 -0.98
N HIS C 209 32.40 22.64 -0.82
CA HIS C 209 31.64 22.60 0.40
C HIS C 209 30.97 21.24 0.43
N PRO C 210 31.19 20.44 1.46
CA PRO C 210 30.68 19.07 1.44
C PRO C 210 29.18 19.02 1.65
N LEU C 211 28.59 17.89 1.26
CA LEU C 211 27.19 17.61 1.52
C LEU C 211 27.07 16.14 1.87
N HIS C 212 25.85 15.62 1.87
CA HIS C 212 25.61 14.24 2.21
C HIS C 212 24.36 13.72 1.52
N SER C 213 24.37 12.43 1.22
CA SER C 213 23.24 11.82 0.53
C SER C 213 22.04 11.68 1.44
N ILE C 214 22.23 11.15 2.64
CA ILE C 214 21.14 11.08 3.62
C ILE C 214 21.71 11.47 4.97
N SER C 215 21.04 12.34 5.70
CA SER C 215 21.61 12.78 6.95
C SER C 215 20.55 13.14 7.96
N VAL C 216 20.95 13.13 9.22
CA VAL C 216 20.09 13.34 10.37
C VAL C 216 20.60 14.55 11.13
N ARG C 217 19.80 15.60 11.22
CA ARG C 217 20.23 16.84 11.85
C ARG C 217 19.46 17.04 13.15
N ARG C 218 20.16 17.29 14.25
CA ARG C 218 19.53 17.85 15.44
C ARG C 218 19.54 19.35 15.26
N LEU C 219 18.39 20.00 15.53
CA LEU C 219 18.38 21.44 15.73
C LEU C 219 18.89 21.77 17.13
N LYS C 220 19.93 22.62 17.21
CA LYS C 220 20.38 23.13 18.51
C LYS C 220 19.22 23.85 19.17
N GLU C 221 19.02 23.55 20.44
CA GLU C 221 17.84 24.01 21.15
C GLU C 221 17.79 25.52 21.23
N THR C 222 18.95 26.18 21.28
CA THR C 222 18.93 27.63 21.23
C THR C 222 18.58 28.17 19.86
N LYS C 223 18.19 27.30 18.92
CA LYS C 223 17.73 27.69 17.59
C LYS C 223 18.72 28.64 16.91
N ASP C 224 19.98 28.20 16.88
CA ASP C 224 20.96 28.94 16.11
C ASP C 224 21.96 28.01 15.42
N GLY C 225 21.55 26.83 15.00
CA GLY C 225 22.46 25.96 14.28
C GLY C 225 21.93 24.54 14.33
N PHE C 226 22.70 23.65 13.69
CA PHE C 226 22.44 22.22 13.69
C PHE C 226 23.71 21.53 14.15
N MET C 227 23.59 20.34 14.73
CA MET C 227 24.80 19.56 14.99
C MET C 227 24.68 18.16 14.40
N PHE C 228 25.79 17.67 13.85
CA PHE C 228 25.92 16.28 13.50
C PHE C 228 26.32 15.50 14.73
N LEU C 229 25.44 14.62 15.21
CA LEU C 229 25.72 13.97 16.48
C LEU C 229 26.89 13.01 16.37
N THR C 230 27.07 12.40 15.21
CA THR C 230 28.21 11.52 15.04
C THR C 230 28.54 11.39 13.57
N ASP C 231 29.82 11.16 13.29
CA ASP C 231 30.24 10.78 11.94
C ASP C 231 29.34 9.71 11.37
N GLN C 232 28.80 8.86 12.23
CA GLN C 232 27.94 7.76 11.87
C GLN C 232 26.56 8.20 11.44
N SER C 233 26.22 9.45 11.65
CA SER C 233 24.85 9.90 11.48
C SER C 233 24.55 10.27 10.03
N TYR C 234 25.57 10.38 9.19
CA TYR C 234 25.34 10.66 7.78
C TYR C 234 25.87 9.54 6.88
N ILE C 235 25.39 9.50 5.65
CA ILE C 235 25.88 8.58 4.63
C ILE C 235 26.13 9.38 3.37
N ASP C 236 27.34 9.31 2.84
CA ASP C 236 27.64 10.03 1.62
C ASP C 236 28.22 9.06 0.60
N VAL C 237 27.80 9.23 -0.65
CA VAL C 237 28.30 8.39 -1.72
C VAL C 237 29.80 8.62 -1.88
N LEU C 238 30.54 7.52 -1.95
CA LEU C 238 31.98 7.55 -1.96
C LEU C 238 32.52 8.53 -3.01
N PRO C 239 33.75 9.02 -2.84
CA PRO C 239 34.22 10.10 -3.69
C PRO C 239 34.25 9.78 -5.17
N GLU C 240 34.29 8.51 -5.54
CA GLU C 240 34.51 8.18 -6.94
C GLU C 240 33.20 8.10 -7.72
N PHE C 241 32.11 7.69 -7.07
CA PHE C 241 30.82 7.52 -7.71
C PHE C 241 29.96 8.76 -7.68
N ARG C 242 30.52 9.92 -7.37
CA ARG C 242 29.72 11.13 -7.36
C ARG C 242 29.12 11.41 -8.73
N ASP C 243 29.96 11.46 -9.77
CA ASP C 243 29.47 11.86 -11.08
C ASP C 243 28.58 10.81 -11.69
N SER C 244 28.94 9.55 -11.51
CA SER C 244 28.06 8.45 -11.89
C SER C 244 27.04 8.25 -10.77
N TYR C 245 26.19 7.23 -10.91
CA TYR C 245 25.27 6.81 -9.86
C TYR C 245 24.56 7.94 -9.11
N PRO C 246 23.87 8.83 -9.81
CA PRO C 246 23.12 9.87 -9.10
C PRO C 246 21.80 9.32 -8.61
N ILE C 247 21.49 9.59 -7.34
CA ILE C 247 20.23 9.19 -6.75
C ILE C 247 19.40 10.44 -6.53
N LYS C 248 18.16 10.44 -7.02
CA LYS C 248 17.24 11.52 -6.75
C LYS C 248 16.10 10.97 -5.92
N TYR C 249 15.78 11.66 -4.84
CA TYR C 249 14.77 11.19 -3.90
C TYR C 249 13.43 11.75 -4.32
N VAL C 250 12.39 10.94 -4.19
CA VAL C 250 11.07 11.35 -4.63
C VAL C 250 10.05 11.43 -3.51
N HIS C 251 10.19 10.66 -2.44
CA HIS C 251 9.27 10.92 -1.34
C HIS C 251 9.91 10.50 -0.03
N ALA C 252 9.41 11.05 1.05
CA ALA C 252 9.94 10.75 2.37
C ALA C 252 8.83 10.83 3.40
N PHE C 253 8.70 9.80 4.20
CA PHE C 253 7.61 9.73 5.16
C PHE C 253 7.98 8.86 6.34
N GLU C 254 7.17 8.94 7.38
CA GLU C 254 7.41 8.27 8.65
C GLU C 254 6.28 7.31 8.95
N SER C 255 6.61 6.17 9.57
CA SER C 255 5.57 5.30 10.10
C SER C 255 6.17 4.27 11.04
N ASN C 256 5.40 3.94 12.08
CA ASN C 256 5.66 2.78 12.94
C ASN C 256 7.08 2.77 13.49
N ASN C 257 7.55 3.94 13.91
CA ASN C 257 8.90 4.11 14.43
C ASN C 257 9.96 3.85 13.40
N PHE C 258 9.61 3.85 12.12
CA PHE C 258 10.60 3.86 11.07
C PHE C 258 10.39 5.03 10.13
N ILE C 259 11.47 5.47 9.52
CA ILE C 259 11.48 6.63 8.66
C ILE C 259 11.82 6.09 7.27
N TYR C 260 10.82 5.78 6.47
CA TYR C 260 11.13 5.28 5.15
C TYR C 260 11.44 6.43 4.20
N PHE C 261 12.15 6.11 3.12
CA PHE C 261 12.40 7.02 2.02
C PHE C 261 12.12 6.29 0.71
N LEU C 262 11.77 7.05 -0.31
CA LEU C 262 11.54 6.49 -1.64
C LEU C 262 12.40 7.26 -2.62
N THR C 263 13.26 6.54 -3.33
CA THR C 263 14.21 7.16 -4.24
C THR C 263 14.25 6.37 -5.55
N VAL C 264 15.04 6.85 -6.50
CA VAL C 264 15.21 6.17 -7.80
C VAL C 264 16.65 6.27 -8.24
N GLN C 265 17.18 5.20 -8.83
CA GLN C 265 18.62 5.03 -8.93
C GLN C 265 18.96 3.75 -9.69
N ARG C 266 20.25 3.61 -10.03
CA ARG C 266 20.70 2.51 -10.88
C ARG C 266 20.56 1.16 -10.22
N GLU C 267 20.29 0.13 -11.04
CA GLU C 267 20.36 -1.24 -10.55
C GLU C 267 21.76 -1.61 -10.10
N THR C 268 22.78 -1.17 -10.83
CA THR C 268 24.13 -1.49 -10.44
C THR C 268 25.06 -0.40 -10.94
N LEU C 269 26.17 -0.23 -10.24
CA LEU C 269 27.08 0.89 -10.46
C LEU C 269 27.47 1.02 -11.92
N ASP C 270 27.29 -0.03 -12.70
CA ASP C 270 27.55 0.02 -14.13
C ASP C 270 26.39 -0.56 -14.94
N ALA C 271 25.19 -0.58 -14.39
CA ALA C 271 24.06 -1.13 -15.12
C ALA C 271 23.50 -0.12 -16.12
N GLN C 272 23.80 1.16 -15.92
CA GLN C 272 23.22 2.26 -16.71
C GLN C 272 21.73 2.09 -16.93
N THR C 273 21.06 1.41 -16.00
CA THR C 273 19.62 1.21 -16.03
C THR C 273 19.06 1.22 -14.61
N PHE C 274 17.80 1.60 -14.50
CA PHE C 274 17.27 2.19 -13.27
C PHE C 274 16.16 1.36 -12.64
N HIS C 275 15.96 1.54 -11.33
CA HIS C 275 14.66 1.23 -10.72
C HIS C 275 14.43 2.13 -9.52
N THR C 276 13.22 2.04 -8.98
CA THR C 276 12.87 2.66 -7.72
C THR C 276 13.49 1.87 -6.57
N ARG C 277 13.70 2.54 -5.44
CA ARG C 277 14.20 1.89 -4.24
C ARG C 277 13.51 2.49 -3.03
N ILE C 278 13.49 1.72 -1.95
CA ILE C 278 12.93 2.15 -0.67
C ILE C 278 13.99 2.00 0.40
N ILE C 279 13.93 2.91 1.37
CA ILE C 279 14.95 3.08 2.39
C ILE C 279 14.29 2.94 3.74
N ARG C 280 14.91 2.16 4.64
CA ARG C 280 14.36 1.99 5.97
C ARG C 280 15.45 2.18 7.01
N PHE C 281 15.10 2.84 8.11
CA PHE C 281 15.94 2.92 9.29
C PHE C 281 15.09 3.45 10.43
N CYS C 282 15.51 3.20 11.67
CA CYS C 282 14.69 3.78 12.73
C CYS C 282 15.28 5.12 13.16
N SER C 283 14.61 5.73 14.13
CA SER C 283 14.62 7.18 14.29
C SER C 283 15.40 7.54 15.56
N ILE C 284 16.52 6.88 15.77
CA ILE C 284 17.44 7.32 16.78
C ILE C 284 18.29 8.42 16.18
N ASN C 285 18.32 9.55 16.87
CA ASN C 285 19.03 10.72 16.36
C ASN C 285 20.53 10.47 16.23
N SER C 286 21.06 9.49 16.96
CA SER C 286 22.49 9.23 16.92
C SER C 286 22.95 8.95 15.50
N GLY C 287 22.10 8.34 14.69
CA GLY C 287 22.46 8.11 13.31
C GLY C 287 21.53 7.09 12.70
N LEU C 288 21.73 6.87 11.40
CA LEU C 288 20.94 5.91 10.67
C LEU C 288 21.48 4.54 11.02
N HIS C 289 20.70 3.76 11.76
CA HIS C 289 21.26 2.57 12.38
C HIS C 289 20.97 1.31 11.59
N SER C 290 19.71 1.05 11.26
CA SER C 290 19.37 -0.14 10.50
C SER C 290 18.99 0.32 9.11
N TYR C 291 19.98 0.52 8.25
CA TYR C 291 19.77 1.16 6.96
C TYR C 291 19.63 0.08 5.93
N MET C 292 18.45 -0.03 5.34
CA MET C 292 18.15 -1.14 4.46
C MET C 292 17.50 -0.61 3.19
N GLU C 293 18.08 -0.92 2.03
CA GLU C 293 17.44 -0.61 0.76
C GLU C 293 16.77 -1.85 0.21
N MET C 294 15.62 -1.65 -0.41
CA MET C 294 14.93 -2.71 -1.12
C MET C 294 14.43 -2.21 -2.46
N PRO C 295 14.49 -3.02 -3.50
CA PRO C 295 13.89 -2.62 -4.78
C PRO C 295 12.39 -2.82 -4.74
N LEU C 296 11.68 -1.87 -5.34
CA LEU C 296 10.22 -1.91 -5.40
C LEU C 296 9.82 -1.85 -6.85
N GLU C 297 8.98 -2.79 -7.29
CA GLU C 297 8.51 -2.75 -8.66
C GLU C 297 7.02 -3.09 -8.71
N CYS C 298 6.35 -2.54 -9.70
CA CYS C 298 4.97 -2.85 -9.96
C CYS C 298 4.88 -3.32 -11.40
N ILE C 299 4.27 -4.49 -11.59
CA ILE C 299 4.18 -5.11 -12.88
C ILE C 299 2.72 -5.13 -13.29
N LEU C 300 2.49 -5.54 -14.53
CA LEU C 300 1.14 -5.71 -15.02
C LEU C 300 1.01 -7.10 -15.62
N THR C 301 -0.09 -7.76 -15.31
CA THR C 301 -0.38 -9.08 -15.86
C THR C 301 -1.82 -9.45 -15.56
N LYS C 311 4.01 -9.82 -18.12
CA LYS C 311 4.85 -9.42 -17.00
C LYS C 311 5.67 -8.19 -17.34
N GLU C 312 4.98 -7.13 -17.73
CA GLU C 312 5.67 -5.88 -18.03
C GLU C 312 5.85 -5.06 -16.75
N VAL C 313 7.07 -4.61 -16.51
CA VAL C 313 7.45 -3.94 -15.26
C VAL C 313 7.45 -2.45 -15.50
N PHE C 314 7.13 -1.68 -14.46
CA PHE C 314 7.30 -0.22 -14.50
C PHE C 314 8.40 0.15 -13.50
N ASN C 315 9.43 0.81 -14.02
CA ASN C 315 10.60 1.07 -13.19
C ASN C 315 10.40 2.27 -12.28
N ILE C 316 10.13 3.42 -12.86
CA ILE C 316 10.34 4.69 -12.21
C ILE C 316 9.09 5.13 -11.49
N LEU C 317 9.26 5.60 -10.26
CA LEU C 317 8.17 6.09 -9.43
C LEU C 317 7.99 7.56 -9.77
N GLN C 318 6.73 8.01 -9.76
CA GLN C 318 6.47 9.39 -10.11
C GLN C 318 6.03 10.19 -8.90
N ALA C 319 5.19 9.61 -8.07
CA ALA C 319 4.75 10.25 -6.84
C ALA C 319 4.17 9.19 -5.93
N ALA C 320 3.97 9.56 -4.68
CA ALA C 320 3.48 8.62 -3.68
C ALA C 320 2.67 9.39 -2.65
N TYR C 321 1.80 8.67 -1.97
CA TYR C 321 1.03 9.24 -0.88
C TYR C 321 0.68 8.12 0.08
N VAL C 322 0.84 8.41 1.36
CA VAL C 322 0.58 7.44 2.41
C VAL C 322 -0.76 7.77 3.01
N SER C 323 -1.63 6.76 3.11
CA SER C 323 -2.96 6.99 3.63
C SER C 323 -3.52 5.71 4.20
N LYS C 324 -4.65 5.82 4.87
CA LYS C 324 -5.35 4.65 5.34
C LYS C 324 -6.40 4.25 4.31
N PRO C 325 -6.69 2.96 4.20
CA PRO C 325 -7.59 2.50 3.14
C PRO C 325 -9.04 2.47 3.60
N GLY C 326 -9.92 2.50 2.62
CA GLY C 326 -11.34 2.33 2.89
C GLY C 326 -11.67 0.90 3.22
N ALA C 327 -12.93 0.67 3.60
CA ALA C 327 -13.31 -0.67 4.00
C ALA C 327 -13.24 -1.64 2.84
N GLN C 328 -13.71 -1.23 1.67
CA GLN C 328 -13.73 -2.13 0.53
C GLN C 328 -12.32 -2.61 0.20
N LEU C 329 -11.40 -1.68 0.02
CA LEU C 329 -10.05 -2.06 -0.36
C LEU C 329 -9.34 -2.83 0.74
N ALA C 330 -9.78 -2.71 1.99
CA ALA C 330 -9.04 -3.32 3.10
C ALA C 330 -8.82 -4.80 2.86
N ARG C 331 -9.91 -5.55 2.73
CA ARG C 331 -9.81 -6.98 2.42
C ARG C 331 -9.17 -7.18 1.07
N GLN C 332 -9.51 -6.33 0.12
CA GLN C 332 -9.19 -6.58 -1.27
C GLN C 332 -7.69 -6.57 -1.50
N ILE C 333 -6.95 -5.80 -0.70
CA ILE C 333 -5.51 -6.02 -0.62
C ILE C 333 -5.10 -6.73 0.65
N GLY C 334 -6.06 -7.12 1.50
CA GLY C 334 -5.77 -7.92 2.67
C GLY C 334 -5.30 -7.16 3.87
N ALA C 335 -5.34 -5.84 3.85
CA ALA C 335 -4.85 -5.04 4.96
C ALA C 335 -5.99 -4.72 5.91
N SER C 336 -5.64 -4.58 7.19
CA SER C 336 -6.64 -4.17 8.17
C SER C 336 -7.01 -2.71 7.95
N LEU C 337 -8.20 -2.35 8.42
CA LEU C 337 -8.72 -1.02 8.13
C LEU C 337 -7.85 0.07 8.69
N ASN C 338 -7.03 -0.23 9.70
CA ASN C 338 -6.29 0.81 10.38
C ASN C 338 -4.85 0.93 9.90
N ASP C 339 -4.35 -0.04 9.15
CA ASP C 339 -2.94 -0.02 8.77
C ASP C 339 -2.64 1.07 7.75
N ASP C 340 -1.42 1.58 7.83
CA ASP C 340 -0.94 2.52 6.83
C ASP C 340 -0.81 1.84 5.48
N ILE C 341 -0.91 2.63 4.43
CA ILE C 341 -0.87 2.11 3.07
C ILE C 341 -0.11 3.10 2.22
N LEU C 342 0.75 2.58 1.36
CA LEU C 342 1.57 3.43 0.50
C LEU C 342 1.09 3.28 -0.94
N PHE C 343 0.61 4.38 -1.52
CA PHE C 343 0.15 4.43 -2.90
C PHE C 343 1.21 5.09 -3.75
N GLY C 344 1.63 4.41 -4.81
CA GLY C 344 2.65 4.96 -5.68
C GLY C 344 2.25 4.84 -7.14
N VAL C 345 2.47 5.92 -7.87
CA VAL C 345 2.25 5.91 -9.31
C VAL C 345 3.61 5.77 -9.99
N PHE C 346 3.74 4.72 -10.76
CA PHE C 346 4.95 4.42 -11.49
C PHE C 346 4.77 4.80 -12.95
N ALA C 347 5.84 5.23 -13.57
CA ALA C 347 5.91 5.39 -15.00
C ALA C 347 7.03 4.51 -15.53
N GLN C 348 6.79 3.88 -16.68
CA GLN C 348 7.84 3.09 -17.30
C GLN C 348 8.87 4.04 -17.91
N SER C 349 10.14 3.67 -17.80
CA SER C 349 11.20 4.57 -18.22
C SER C 349 11.52 4.38 -19.69
N LYS C 350 12.15 5.39 -20.28
CA LYS C 350 12.86 5.18 -21.51
C LYS C 350 14.08 4.32 -21.24
N PRO C 351 14.21 3.19 -21.94
CA PRO C 351 15.16 2.16 -21.50
C PRO C 351 16.59 2.70 -21.45
N ASP C 352 17.34 2.26 -20.43
CA ASP C 352 18.67 2.76 -20.13
C ASP C 352 18.68 4.26 -19.85
N SER C 353 17.58 4.79 -19.31
CA SER C 353 17.50 6.20 -18.99
C SER C 353 16.39 6.41 -17.97
N ALA C 354 16.42 7.57 -17.33
CA ALA C 354 15.48 7.87 -16.26
C ALA C 354 14.19 8.51 -16.74
N GLU C 355 14.12 8.92 -18.00
CA GLU C 355 12.99 9.71 -18.45
C GLU C 355 11.76 8.82 -18.58
N PRO C 356 10.64 9.22 -17.99
CA PRO C 356 9.43 8.42 -18.09
C PRO C 356 8.93 8.36 -19.52
N MET C 357 8.39 7.19 -19.89
CA MET C 357 7.92 6.91 -21.23
C MET C 357 6.45 7.28 -21.43
N ASP C 358 5.83 7.85 -20.41
CA ASP C 358 4.42 8.20 -20.40
C ASP C 358 3.56 6.94 -20.49
N ARG C 359 3.87 5.94 -19.68
CA ARG C 359 3.02 4.78 -19.46
C ARG C 359 3.08 4.49 -17.98
N SER C 360 1.92 4.43 -17.33
CA SER C 360 1.90 4.55 -15.88
C SER C 360 0.98 3.52 -15.25
N ALA C 361 1.05 3.47 -13.93
CA ALA C 361 0.27 2.56 -13.10
C ALA C 361 0.23 3.12 -11.69
N MET C 362 -0.71 2.64 -10.88
CA MET C 362 -0.67 2.96 -9.46
C MET C 362 -0.85 1.69 -8.67
N CYS C 363 -0.10 1.57 -7.57
CA CYS C 363 0.05 0.30 -6.91
C CYS C 363 0.16 0.56 -5.42
N ALA C 364 -0.38 -0.38 -4.64
CA ALA C 364 -0.59 -0.19 -3.21
C ALA C 364 0.29 -1.15 -2.43
N PHE C 365 0.95 -0.65 -1.39
CA PHE C 365 1.97 -1.42 -0.70
C PHE C 365 1.67 -1.40 0.78
N PRO C 366 0.83 -2.29 1.28
CA PRO C 366 0.52 -2.30 2.71
C PRO C 366 1.77 -2.41 3.54
N ILE C 367 2.01 -1.37 4.34
CA ILE C 367 3.29 -1.21 5.01
C ILE C 367 3.66 -2.43 5.82
N LYS C 368 2.70 -3.14 6.39
CA LYS C 368 3.06 -4.35 7.09
C LYS C 368 3.74 -5.33 6.15
N TYR C 369 3.26 -5.43 4.91
CA TYR C 369 3.85 -6.39 3.99
C TYR C 369 5.29 -6.03 3.66
N VAL C 370 5.56 -4.76 3.37
CA VAL C 370 6.92 -4.38 3.01
C VAL C 370 7.84 -4.49 4.21
N ASN C 371 7.36 -4.08 5.38
CA ASN C 371 8.18 -4.21 6.57
C ASN C 371 8.48 -5.67 6.83
N ASP C 372 7.50 -6.54 6.61
CA ASP C 372 7.70 -7.97 6.75
C ASP C 372 8.77 -8.45 5.77
N PHE C 373 8.67 -8.04 4.51
CA PHE C 373 9.71 -8.37 3.55
C PHE C 373 11.08 -8.03 4.10
N PHE C 374 11.21 -6.87 4.72
CA PHE C 374 12.48 -6.57 5.34
C PHE C 374 12.83 -7.58 6.41
N ASN C 375 11.87 -7.95 7.25
CA ASN C 375 12.24 -8.79 8.39
C ASN C 375 12.41 -10.25 8.00
N LYS C 376 11.43 -10.84 7.32
CA LYS C 376 11.37 -12.29 7.23
C LYS C 376 11.63 -12.82 5.82
N ILE C 377 10.88 -12.36 4.82
CA ILE C 377 10.71 -13.10 3.58
C ILE C 377 12.00 -13.34 2.81
N VAL C 378 12.78 -12.28 2.57
CA VAL C 378 13.99 -12.47 1.77
C VAL C 378 15.01 -13.28 2.57
N ASN C 379 15.54 -14.32 1.95
CA ASN C 379 16.42 -15.19 2.71
C ASN C 379 17.81 -14.58 2.79
N LYS C 380 18.76 -15.35 3.30
CA LYS C 380 20.06 -14.77 3.61
C LYS C 380 20.77 -14.25 2.37
N ASN C 381 20.92 -15.10 1.34
CA ASN C 381 21.83 -14.73 0.26
C ASN C 381 21.12 -13.95 -0.83
N ASN C 382 20.00 -13.30 -0.51
CA ASN C 382 19.51 -12.24 -1.37
C ASN C 382 20.20 -10.93 -1.01
N VAL C 383 20.53 -10.80 0.28
CA VAL C 383 21.14 -9.59 0.81
C VAL C 383 22.54 -9.42 0.26
N ARG C 384 23.01 -8.17 0.22
CA ARG C 384 24.40 -7.85 -0.08
C ARG C 384 24.83 -6.67 0.76
N CYS C 385 26.11 -6.31 0.65
CA CYS C 385 26.54 -5.04 1.18
C CYS C 385 25.98 -3.93 0.31
N LEU C 386 26.24 -2.69 0.68
CA LEU C 386 25.64 -1.57 -0.03
C LEU C 386 26.76 -0.92 -0.83
N GLN C 387 26.60 -0.88 -2.16
CA GLN C 387 27.71 -0.53 -3.02
C GLN C 387 28.20 0.89 -2.77
N HIS C 388 27.34 1.87 -2.98
CA HIS C 388 27.80 3.24 -3.16
C HIS C 388 28.47 3.77 -1.90
N PHE C 389 28.17 3.20 -0.74
CA PHE C 389 28.84 3.65 0.48
C PHE C 389 30.05 2.79 0.79
N TYR C 390 29.84 1.48 0.96
CA TYR C 390 30.96 0.62 1.34
C TYR C 390 32.03 0.61 0.27
N GLY C 391 31.67 0.83 -0.98
CA GLY C 391 32.58 0.61 -2.07
C GLY C 391 32.62 -0.87 -2.37
N PRO C 392 32.55 -1.23 -3.65
CA PRO C 392 32.32 -2.64 -4.00
C PRO C 392 33.37 -3.58 -3.47
N ASN C 393 34.59 -3.09 -3.24
CA ASN C 393 35.72 -3.93 -2.87
C ASN C 393 36.29 -3.45 -1.54
N HIS C 394 35.78 -3.98 -0.44
CA HIS C 394 36.25 -3.51 0.85
C HIS C 394 35.78 -4.53 1.89
N GLU C 395 36.35 -4.46 3.09
CA GLU C 395 36.47 -5.64 3.95
C GLU C 395 35.14 -6.26 4.32
N HIS C 396 34.15 -5.45 4.73
CA HIS C 396 33.03 -6.00 5.48
C HIS C 396 32.26 -7.05 4.70
N CYS C 397 31.85 -6.74 3.47
CA CYS C 397 30.91 -7.65 2.84
C CYS C 397 31.63 -8.83 2.19
N PHE C 398 32.84 -9.11 2.63
CA PHE C 398 33.35 -10.46 2.45
C PHE C 398 32.50 -11.45 3.24
N ASN C 399 32.15 -11.08 4.46
CA ASN C 399 31.38 -11.94 5.35
C ASN C 399 30.82 -11.08 6.46
N ARG C 400 29.52 -11.17 6.71
CA ARG C 400 28.92 -10.60 7.91
C ARG C 400 27.58 -11.26 8.15
N THR C 401 27.31 -11.62 9.41
CA THR C 401 26.01 -12.11 9.79
C THR C 401 25.02 -10.96 9.85
N LEU C 402 23.78 -11.23 9.46
CA LEU C 402 22.73 -10.24 9.49
C LEU C 402 21.80 -10.58 10.64
N LEU C 403 21.80 -9.76 11.69
CA LEU C 403 20.88 -9.97 12.79
C LEU C 403 19.52 -9.39 12.39
N ARG C 404 19.11 -9.79 11.19
CA ARG C 404 18.00 -9.17 10.49
C ARG C 404 16.67 -9.55 11.13
N ASN C 405 16.41 -10.84 11.28
CA ASN C 405 15.26 -11.32 12.02
C ASN C 405 15.41 -11.17 13.53
N SER C 406 16.55 -11.58 14.09
CA SER C 406 16.65 -11.69 15.53
C SER C 406 16.71 -10.33 16.21
N SER C 407 16.93 -9.27 15.45
CA SER C 407 17.02 -7.94 16.05
C SER C 407 16.36 -6.92 15.14
N GLY C 408 15.63 -5.99 15.78
CA GLY C 408 15.06 -4.86 15.06
C GLY C 408 15.65 -3.56 15.54
N CYS C 409 16.57 -3.03 14.75
CA CYS C 409 17.37 -1.82 14.93
C CYS C 409 17.85 -1.59 16.36
N GLU C 410 18.57 -2.54 16.94
CA GLU C 410 19.39 -2.25 18.11
C GLU C 410 20.63 -1.52 17.60
N ALA C 411 20.90 -0.34 18.17
CA ALA C 411 21.99 0.51 17.70
C ALA C 411 23.33 -0.13 18.09
N ARG C 412 23.85 -0.94 17.18
CA ARG C 412 25.13 -1.56 17.46
C ARG C 412 26.28 -0.71 16.96
N ARG C 413 27.45 -1.35 16.83
CA ARG C 413 28.65 -0.62 16.44
C ARG C 413 28.99 -0.92 15.00
N ASP C 414 28.88 -2.20 14.62
CA ASP C 414 29.09 -2.67 13.26
C ASP C 414 27.74 -2.81 12.60
N GLU C 415 27.02 -1.70 12.48
CA GLU C 415 25.82 -1.66 11.67
C GLU C 415 26.19 -1.91 10.22
N TYR C 416 25.30 -2.59 9.52
CA TYR C 416 25.56 -3.11 8.19
C TYR C 416 24.49 -2.58 7.26
N ARG C 417 24.88 -1.74 6.32
CA ARG C 417 23.94 -1.17 5.37
C ARG C 417 23.78 -2.13 4.20
N THR C 418 22.58 -2.66 4.03
CA THR C 418 22.39 -3.80 3.16
C THR C 418 21.57 -3.39 1.95
N GLU C 419 21.95 -3.90 0.80
CA GLU C 419 21.21 -3.70 -0.44
C GLU C 419 20.62 -5.03 -0.85
N PHE C 420 19.30 -5.13 -0.84
CA PHE C 420 18.65 -6.34 -1.30
C PHE C 420 18.67 -6.38 -2.81
N THR C 421 18.15 -7.47 -3.37
CA THR C 421 18.17 -7.67 -4.82
C THR C 421 16.85 -8.20 -5.37
N THR C 422 15.99 -8.74 -4.53
CA THR C 422 14.75 -9.35 -4.99
C THR C 422 13.62 -8.36 -4.81
N ALA C 423 13.25 -7.71 -5.91
CA ALA C 423 12.32 -6.61 -5.80
C ALA C 423 10.98 -7.08 -5.26
N LEU C 424 10.36 -6.22 -4.50
CA LEU C 424 9.02 -6.45 -3.99
C LEU C 424 8.09 -6.17 -5.16
N GLN C 425 7.46 -7.21 -5.69
CA GLN C 425 6.60 -7.10 -6.85
C GLN C 425 5.18 -6.84 -6.41
N ARG C 426 4.54 -5.88 -7.06
CA ARG C 426 3.14 -5.59 -6.86
C ARG C 426 2.45 -5.71 -8.20
N VAL C 427 1.12 -5.80 -8.18
CA VAL C 427 0.39 -5.69 -9.44
C VAL C 427 -0.48 -4.44 -9.45
N ASP C 428 -0.81 -4.00 -10.65
CA ASP C 428 -1.57 -2.77 -10.85
C ASP C 428 -2.89 -2.82 -10.10
N LEU C 429 -3.40 -1.64 -9.75
CA LEU C 429 -4.75 -1.55 -9.20
C LEU C 429 -5.79 -1.27 -10.28
N PHE C 430 -5.38 -0.67 -11.38
CA PHE C 430 -6.30 -0.36 -12.47
C PHE C 430 -6.22 -1.37 -13.59
N MET C 431 -5.38 -2.39 -13.46
CA MET C 431 -5.10 -3.34 -14.53
C MET C 431 -4.73 -2.63 -15.82
N GLY C 432 -3.94 -1.56 -15.70
CA GLY C 432 -3.39 -0.93 -16.86
C GLY C 432 -4.35 -0.09 -17.66
N GLN C 433 -5.46 0.34 -17.08
CA GLN C 433 -6.37 1.20 -17.81
C GLN C 433 -5.69 2.53 -18.15
N PHE C 434 -4.60 2.85 -17.46
CA PHE C 434 -3.82 4.05 -17.71
C PHE C 434 -2.53 3.74 -18.46
N SER C 435 -2.53 2.70 -19.28
CA SER C 435 -1.27 2.23 -19.83
C SER C 435 -0.63 3.22 -20.78
N GLU C 436 -1.34 4.26 -21.21
CA GLU C 436 -0.78 5.15 -22.22
C GLU C 436 -0.58 6.57 -21.74
N VAL C 437 -1.10 6.93 -20.57
CA VAL C 437 -1.08 8.32 -20.13
C VAL C 437 -0.27 8.45 -18.85
N LEU C 438 0.66 9.41 -18.85
CA LEU C 438 1.58 9.56 -17.74
C LEU C 438 0.88 10.20 -16.54
N LEU C 439 1.09 9.62 -15.37
CA LEU C 439 0.55 10.14 -14.11
C LEU C 439 1.68 10.82 -13.38
N THR C 440 1.37 11.91 -12.68
CA THR C 440 2.44 12.67 -12.06
C THR C 440 2.17 12.96 -10.60
N SER C 441 0.91 12.97 -10.17
CA SER C 441 0.62 13.29 -8.79
C SER C 441 -0.60 12.53 -8.32
N ILE C 442 -0.55 12.07 -7.08
CA ILE C 442 -1.58 11.22 -6.52
C ILE C 442 -1.82 11.60 -5.07
N SER C 443 -3.07 11.45 -4.64
CA SER C 443 -3.44 11.55 -3.24
C SER C 443 -4.64 10.65 -3.03
N THR C 444 -4.95 10.33 -1.78
CA THR C 444 -6.01 9.39 -1.47
C THR C 444 -6.71 9.73 -0.19
N PHE C 445 -8.03 9.68 -0.21
CA PHE C 445 -8.83 9.79 0.99
C PHE C 445 -9.83 8.64 0.98
N ILE C 446 -10.50 8.45 2.06
CA ILE C 446 -11.53 7.43 2.13
C ILE C 446 -12.86 8.13 2.11
N LYS C 447 -13.92 7.37 1.83
CA LYS C 447 -15.25 7.94 1.84
C LYS C 447 -16.25 6.80 1.87
N GLY C 448 -17.10 6.80 2.88
CA GLY C 448 -17.97 5.67 3.12
C GLY C 448 -17.14 4.44 3.37
N ASP C 449 -17.17 3.50 2.42
CA ASP C 449 -16.23 2.39 2.43
C ASP C 449 -15.26 2.43 1.25
N LEU C 450 -15.57 3.20 0.22
CA LEU C 450 -14.71 3.35 -0.94
C LEU C 450 -13.48 4.16 -0.58
N THR C 451 -12.47 4.07 -1.42
CA THR C 451 -11.27 4.88 -1.32
C THR C 451 -11.01 5.52 -2.66
N ILE C 452 -10.63 6.79 -2.66
CA ILE C 452 -10.63 7.58 -3.88
C ILE C 452 -9.21 8.04 -4.15
N ALA C 453 -8.87 8.20 -5.43
CA ALA C 453 -7.55 8.70 -5.77
C ALA C 453 -7.67 10.01 -6.52
N ASN C 454 -6.87 10.98 -6.12
CA ASN C 454 -6.83 12.28 -6.77
C ASN C 454 -5.70 12.28 -7.79
N LEU C 455 -5.88 11.49 -8.84
CA LEU C 455 -4.83 11.35 -9.83
C LEU C 455 -4.60 12.67 -10.56
N GLY C 456 -3.40 12.82 -11.10
CA GLY C 456 -3.08 13.96 -11.94
C GLY C 456 -2.13 13.59 -13.05
N THR C 457 -2.40 14.04 -14.27
CA THR C 457 -1.56 13.63 -15.39
C THR C 457 -0.53 14.69 -15.74
N SER C 458 0.22 14.41 -16.80
CA SER C 458 1.30 15.28 -17.24
C SER C 458 0.83 16.53 -17.93
N GLU C 459 -0.38 16.54 -18.50
CA GLU C 459 -0.85 17.69 -19.27
C GLU C 459 -1.92 18.48 -18.53
N GLY C 460 -2.10 18.23 -17.25
CA GLY C 460 -3.01 19.04 -16.47
C GLY C 460 -4.46 18.62 -16.55
N ARG C 461 -4.72 17.33 -16.40
CA ARG C 461 -6.06 16.83 -16.18
C ARG C 461 -6.09 16.19 -14.81
N PHE C 462 -7.11 16.51 -14.04
CA PHE C 462 -7.17 16.03 -12.67
C PHE C 462 -8.31 15.06 -12.46
N MET C 463 -8.04 13.77 -12.55
CA MET C 463 -9.08 12.75 -12.39
C MET C 463 -9.35 12.48 -10.92
N GLN C 464 -10.46 11.79 -10.65
CA GLN C 464 -10.78 11.17 -9.37
C GLN C 464 -11.42 9.83 -9.65
N VAL C 465 -10.86 8.76 -9.10
CA VAL C 465 -11.26 7.41 -9.45
C VAL C 465 -11.64 6.65 -8.19
N VAL C 466 -12.76 5.93 -8.26
CA VAL C 466 -13.10 5.00 -7.19
C VAL C 466 -12.33 3.70 -7.38
N VAL C 467 -11.24 3.57 -6.66
CA VAL C 467 -10.23 2.57 -6.99
C VAL C 467 -10.64 1.26 -6.33
N SER C 468 -10.59 0.19 -7.12
CA SER C 468 -10.77 -1.15 -6.63
C SER C 468 -10.24 -2.13 -7.66
N ARG C 469 -9.58 -3.18 -7.19
CA ARG C 469 -9.12 -4.23 -8.09
C ARG C 469 -10.31 -4.97 -8.67
N SER C 470 -11.47 -4.88 -8.01
CA SER C 470 -12.61 -5.70 -8.37
C SER C 470 -13.18 -5.30 -9.73
N GLY C 471 -13.21 -4.00 -10.01
CA GLY C 471 -13.81 -3.57 -11.24
C GLY C 471 -13.11 -2.37 -11.84
N PRO C 472 -12.93 -2.40 -13.16
CA PRO C 472 -12.43 -1.22 -13.86
C PRO C 472 -13.44 -0.09 -13.77
N SER C 473 -13.10 0.95 -13.00
CA SER C 473 -14.04 2.00 -12.66
C SER C 473 -13.64 3.30 -13.33
N THR C 474 -14.59 3.95 -13.97
CA THR C 474 -14.32 5.11 -14.79
C THR C 474 -14.29 6.38 -13.94
N PRO C 475 -13.34 7.27 -14.16
CA PRO C 475 -13.23 8.47 -13.33
C PRO C 475 -14.52 9.27 -13.33
N HIS C 476 -14.91 9.76 -12.15
CA HIS C 476 -16.15 10.52 -12.08
C HIS C 476 -15.89 12.02 -12.20
N VAL C 477 -14.62 12.42 -12.28
CA VAL C 477 -14.23 13.78 -12.63
C VAL C 477 -13.01 13.67 -13.52
N ASN C 478 -13.07 14.28 -14.71
CA ASN C 478 -11.95 14.14 -15.63
C ASN C 478 -11.75 15.48 -16.35
N PHE C 479 -11.89 16.58 -15.63
CA PHE C 479 -11.75 17.87 -16.27
C PHE C 479 -10.29 18.24 -16.46
N LEU C 480 -10.03 19.13 -17.40
CA LEU C 480 -8.68 19.62 -17.66
C LEU C 480 -8.42 20.82 -16.77
N LEU C 481 -7.29 20.78 -16.05
CA LEU C 481 -6.99 21.86 -15.11
C LEU C 481 -6.15 22.95 -15.75
N ASP C 482 -4.95 22.61 -16.21
CA ASP C 482 -4.10 23.65 -16.78
C ASP C 482 -3.06 23.02 -17.68
N SER C 483 -2.46 23.86 -18.53
CA SER C 483 -1.54 23.38 -19.54
C SER C 483 -0.32 22.72 -18.93
N HIS C 484 0.09 23.17 -17.76
CA HIS C 484 1.33 22.70 -17.18
C HIS C 484 1.10 21.41 -16.39
N PRO C 485 2.13 20.59 -16.21
CA PRO C 485 1.96 19.34 -15.47
C PRO C 485 1.61 19.56 -14.02
N VAL C 486 0.86 18.61 -13.47
CA VAL C 486 0.46 18.69 -12.08
C VAL C 486 1.67 18.44 -11.19
N SER C 487 1.86 19.26 -10.17
CA SER C 487 2.96 19.04 -9.27
C SER C 487 2.63 17.90 -8.32
N PRO C 488 3.62 17.13 -7.88
CA PRO C 488 3.34 16.04 -6.94
C PRO C 488 2.95 16.53 -5.55
N GLU C 489 3.35 17.73 -5.17
CA GLU C 489 2.99 18.24 -3.85
C GLU C 489 1.52 18.63 -3.80
N VAL C 490 0.75 17.84 -3.06
CA VAL C 490 -0.68 18.05 -2.92
C VAL C 490 -1.00 18.09 -1.45
N ILE C 491 -2.17 18.61 -1.11
CA ILE C 491 -2.64 18.56 0.27
C ILE C 491 -4.11 18.21 0.25
N VAL C 492 -4.51 17.30 1.13
CA VAL C 492 -5.92 16.98 1.31
C VAL C 492 -6.28 17.19 2.77
N GLU C 493 -7.33 17.97 3.02
CA GLU C 493 -7.77 18.19 4.38
C GLU C 493 -9.23 17.80 4.45
N HIS C 494 -9.59 17.06 5.49
CA HIS C 494 -10.81 16.26 5.50
C HIS C 494 -11.60 16.53 6.77
N THR C 495 -12.38 17.61 6.78
CA THR C 495 -13.10 18.07 7.96
C THR C 495 -14.41 17.29 8.11
N LEU C 496 -14.62 16.75 9.31
CA LEU C 496 -15.87 16.12 9.75
C LEU C 496 -16.35 15.04 8.81
N ASN C 497 -15.49 14.55 7.92
CA ASN C 497 -15.73 13.46 6.97
C ASN C 497 -16.75 13.81 5.89
N GLN C 498 -17.39 14.96 5.97
CA GLN C 498 -18.31 15.34 4.91
C GLN C 498 -17.89 16.60 4.20
N ASN C 499 -17.10 17.47 4.80
CA ASN C 499 -16.58 18.62 4.07
C ASN C 499 -15.07 18.54 4.02
N GLY C 500 -14.53 18.41 2.83
CA GLY C 500 -13.09 18.39 2.70
C GLY C 500 -12.70 19.06 1.41
N TYR C 501 -11.40 19.07 1.17
CA TYR C 501 -10.89 19.71 -0.03
C TYR C 501 -9.49 19.23 -0.30
N THR C 502 -9.03 19.49 -1.51
CA THR C 502 -7.70 19.07 -1.94
C THR C 502 -7.04 20.19 -2.69
N LEU C 503 -6.09 20.86 -2.04
CA LEU C 503 -5.25 21.80 -2.76
C LEU C 503 -4.32 21.06 -3.69
N VAL C 504 -4.33 21.45 -4.95
CA VAL C 504 -3.39 20.91 -5.92
C VAL C 504 -2.69 22.06 -6.61
N ILE C 505 -1.47 21.81 -7.05
CA ILE C 505 -0.59 22.83 -7.61
C ILE C 505 -0.25 22.42 -9.03
N THR C 506 -0.54 23.31 -9.97
CA THR C 506 -0.20 23.09 -11.37
C THR C 506 0.48 24.33 -11.92
N GLY C 507 1.73 24.18 -12.33
CA GLY C 507 2.45 25.33 -12.85
C GLY C 507 2.52 26.43 -11.83
N LYS C 508 1.74 27.49 -12.06
CA LYS C 508 1.71 28.65 -11.19
C LYS C 508 0.36 28.82 -10.51
N LYS C 509 -0.40 27.75 -10.38
CA LYS C 509 -1.81 27.81 -10.01
C LYS C 509 -2.03 26.90 -8.82
N ILE C 510 -2.71 27.40 -7.80
CA ILE C 510 -3.13 26.59 -6.66
C ILE C 510 -4.65 26.58 -6.62
N THR C 511 -5.22 25.38 -6.61
CA THR C 511 -6.68 25.25 -6.71
C THR C 511 -7.23 24.35 -5.63
N LYS C 512 -8.42 24.72 -5.19
CA LYS C 512 -9.22 24.06 -4.17
C LYS C 512 -10.28 23.23 -4.87
N ILE C 513 -10.24 21.92 -4.71
CA ILE C 513 -11.25 21.03 -5.27
C ILE C 513 -12.03 20.40 -4.13
N PRO C 514 -13.34 20.57 -4.06
CA PRO C 514 -14.13 19.82 -3.09
C PRO C 514 -14.20 18.37 -3.52
N LEU C 515 -13.67 17.50 -2.67
CA LEU C 515 -13.65 16.08 -3.00
C LEU C 515 -15.04 15.50 -3.02
N ASN C 516 -16.03 16.26 -2.53
CA ASN C 516 -17.38 15.76 -2.32
C ASN C 516 -18.07 15.42 -3.61
N GLY C 517 -17.36 15.43 -4.73
CA GLY C 517 -17.95 15.27 -6.02
C GLY C 517 -18.05 16.63 -6.68
N LEU C 518 -17.09 16.96 -7.54
CA LEU C 518 -17.03 18.29 -8.11
C LEU C 518 -18.28 18.57 -8.94
N GLY C 519 -18.92 17.52 -9.44
CA GLY C 519 -20.19 17.68 -10.11
C GLY C 519 -20.67 16.34 -10.62
N CYS C 520 -21.88 16.35 -11.20
CA CYS C 520 -22.34 15.24 -12.01
C CYS C 520 -23.15 15.69 -13.21
N ARG C 521 -23.13 16.99 -13.51
CA ARG C 521 -23.75 17.48 -14.74
C ARG C 521 -23.12 16.85 -15.97
N HIS C 522 -21.85 16.52 -15.90
CA HIS C 522 -21.12 16.10 -17.09
C HIS C 522 -21.58 14.75 -17.61
N PHE C 523 -22.26 13.96 -16.78
CA PHE C 523 -22.69 12.64 -17.21
C PHE C 523 -23.88 12.74 -18.15
N GLN C 524 -23.87 11.97 -19.25
CA GLN C 524 -24.99 11.96 -20.17
C GLN C 524 -25.50 10.58 -20.52
N SER C 525 -24.83 9.51 -20.10
CA SER C 525 -25.24 8.16 -20.42
C SER C 525 -25.77 7.51 -19.15
N CYS C 526 -26.97 6.92 -19.24
CA CYS C 526 -27.65 6.48 -18.04
C CYS C 526 -26.78 5.53 -17.23
N SER C 527 -26.14 4.58 -17.90
CA SER C 527 -25.25 3.68 -17.20
C SER C 527 -24.20 4.46 -16.43
N GLN C 528 -23.65 5.52 -17.04
CA GLN C 528 -22.68 6.34 -16.33
C GLN C 528 -23.32 7.01 -15.13
N CYS C 529 -24.55 7.52 -15.30
CA CYS C 529 -25.26 8.11 -14.17
C CYS C 529 -25.37 7.14 -13.01
N LEU C 530 -25.59 5.87 -13.29
CA LEU C 530 -25.82 4.94 -12.19
C LEU C 530 -24.51 4.38 -11.65
N SER C 531 -23.42 4.51 -12.40
CA SER C 531 -22.14 4.02 -11.92
C SER C 531 -21.46 5.03 -11.01
N ALA C 532 -21.79 6.31 -11.16
CA ALA C 532 -21.17 7.34 -10.34
C ALA C 532 -21.44 7.05 -8.86
N PRO C 533 -20.41 7.01 -8.03
CA PRO C 533 -20.57 6.47 -6.69
C PRO C 533 -21.59 7.26 -5.89
N PRO C 534 -22.29 6.60 -4.98
CA PRO C 534 -23.45 7.23 -4.33
C PRO C 534 -23.12 8.47 -3.54
N PHE C 535 -21.87 8.71 -3.20
CA PHE C 535 -21.58 9.85 -2.34
C PHE C 535 -21.93 11.15 -3.03
N VAL C 536 -21.96 11.17 -4.35
CA VAL C 536 -22.52 12.30 -5.06
C VAL C 536 -23.99 12.00 -5.36
N GLN C 537 -24.88 12.69 -4.66
CA GLN C 537 -26.30 12.42 -4.77
C GLN C 537 -26.81 13.01 -6.08
N CYS C 538 -26.97 12.17 -7.09
CA CYS C 538 -27.72 12.55 -8.28
C CYS C 538 -28.04 11.31 -9.09
N GLY C 539 -29.13 11.40 -9.84
CA GLY C 539 -29.62 10.28 -10.61
C GLY C 539 -30.34 10.72 -11.87
N TRP C 540 -30.53 9.78 -12.78
CA TRP C 540 -31.14 10.03 -14.08
C TRP C 540 -32.58 10.49 -13.95
N CYS C 541 -32.93 11.55 -14.68
CA CYS C 541 -34.33 11.81 -14.97
C CYS C 541 -34.51 11.99 -16.47
N HIS C 542 -34.63 10.86 -17.15
CA HIS C 542 -35.18 10.63 -18.48
C HIS C 542 -34.42 11.31 -19.61
N ASP C 543 -33.54 12.25 -19.31
CA ASP C 543 -32.81 12.91 -20.38
C ASP C 543 -31.34 13.20 -20.08
N LYS C 544 -30.96 13.28 -18.81
CA LYS C 544 -29.60 13.64 -18.46
C LYS C 544 -29.40 13.44 -16.97
N CYS C 545 -28.19 13.05 -16.59
CA CYS C 545 -27.86 12.90 -15.19
C CYS C 545 -27.91 14.27 -14.53
N VAL C 546 -28.73 14.39 -13.48
CA VAL C 546 -29.01 15.69 -12.88
C VAL C 546 -29.21 15.54 -11.38
N ARG C 547 -28.78 16.55 -10.63
CA ARG C 547 -29.06 16.60 -9.20
C ARG C 547 -30.56 16.40 -8.96
N SER C 548 -30.89 15.88 -7.78
CA SER C 548 -32.24 15.38 -7.55
C SER C 548 -33.28 16.49 -7.56
N GLU C 549 -32.99 17.61 -6.93
CA GLU C 549 -34.04 18.56 -6.58
C GLU C 549 -34.28 19.63 -7.65
N GLU C 550 -33.75 19.46 -8.86
CA GLU C 550 -33.95 20.42 -9.92
C GLU C 550 -35.02 20.03 -10.92
N CYS C 551 -34.87 18.91 -11.63
CA CYS C 551 -35.84 18.56 -12.67
C CYS C 551 -37.14 18.13 -12.00
N LEU C 552 -38.27 18.62 -12.52
CA LEU C 552 -39.52 18.55 -11.77
C LEU C 552 -40.26 17.25 -12.02
N SER C 553 -40.00 16.60 -13.15
CA SER C 553 -40.84 15.50 -13.61
C SER C 553 -41.01 14.38 -12.57
N GLY C 554 -40.19 14.36 -11.53
CA GLY C 554 -40.28 13.30 -10.55
C GLY C 554 -39.89 11.96 -11.11
N THR C 555 -39.36 11.93 -12.33
CA THR C 555 -38.82 10.73 -12.95
C THR C 555 -37.40 10.47 -12.48
N TRP C 556 -36.85 11.39 -11.69
CA TRP C 556 -35.49 11.28 -11.20
C TRP C 556 -35.30 9.98 -10.45
N THR C 557 -34.45 9.12 -10.98
CA THR C 557 -34.26 7.77 -10.48
C THR C 557 -32.77 7.46 -10.54
N GLN C 558 -32.33 6.53 -9.70
CA GLN C 558 -30.94 6.13 -9.70
C GLN C 558 -30.71 4.63 -9.76
N GLN C 559 -31.73 3.85 -9.87
CA GLN C 559 -31.55 2.41 -9.85
C GLN C 559 -31.95 1.73 -11.15
N ILE C 560 -33.12 2.03 -11.68
CA ILE C 560 -33.54 1.45 -12.95
C ILE C 560 -33.78 2.58 -13.94
N CYS C 561 -33.45 2.33 -15.21
CA CYS C 561 -33.65 3.31 -16.26
C CYS C 561 -33.70 2.62 -17.62
N LEU C 562 -34.38 3.26 -18.55
CA LEU C 562 -34.83 2.83 -19.86
C LEU C 562 -33.67 2.77 -20.85
N PRO C 563 -33.61 1.73 -21.68
CA PRO C 563 -32.70 1.76 -22.82
C PRO C 563 -33.14 2.80 -23.84
N ALA C 564 -32.18 3.28 -24.61
CA ALA C 564 -32.48 4.32 -25.58
C ALA C 564 -31.74 4.07 -26.88
N ILE C 565 -32.32 4.55 -27.97
CA ILE C 565 -31.84 4.30 -29.32
C ILE C 565 -31.58 5.63 -29.99
N TYR C 566 -30.42 5.77 -30.62
CA TYR C 566 -30.15 6.96 -31.41
C TYR C 566 -30.69 6.83 -32.83
N LYS C 567 -30.25 5.83 -33.58
CA LYS C 567 -30.80 5.63 -34.91
C LYS C 567 -30.83 4.15 -35.27
N VAL C 568 -31.33 3.88 -36.46
CA VAL C 568 -31.40 2.53 -37.02
C VAL C 568 -31.00 2.60 -38.48
N PHE C 569 -30.14 1.66 -38.91
CA PHE C 569 -29.76 1.55 -40.31
C PHE C 569 -29.80 0.09 -40.75
N PRO C 570 -30.57 -0.25 -41.78
CA PRO C 570 -31.45 0.66 -42.51
C PRO C 570 -32.88 0.46 -42.06
N ASN C 571 -33.78 1.30 -42.56
CA ASN C 571 -35.19 1.18 -42.22
C ASN C 571 -36.04 0.68 -43.38
N SER C 572 -35.44 0.33 -44.50
CA SER C 572 -36.15 -0.19 -45.67
C SER C 572 -35.90 -1.69 -45.74
N ALA C 573 -36.93 -2.48 -45.46
CA ALA C 573 -36.74 -3.92 -45.48
C ALA C 573 -37.79 -4.58 -46.37
N PRO C 574 -37.37 -5.48 -47.27
CA PRO C 574 -38.35 -6.27 -48.02
C PRO C 574 -39.02 -7.30 -47.13
N LEU C 575 -40.14 -7.83 -47.61
CA LEU C 575 -40.90 -8.79 -46.84
C LEU C 575 -40.08 -10.03 -46.51
N GLU C 576 -39.34 -10.54 -47.49
CA GLU C 576 -38.51 -11.71 -47.28
C GLU C 576 -37.15 -11.36 -46.71
N GLY C 577 -36.76 -10.09 -46.74
CA GLY C 577 -35.42 -9.72 -46.33
C GLY C 577 -35.27 -9.71 -44.82
N GLY C 578 -34.60 -10.73 -44.29
CA GLY C 578 -34.07 -10.59 -42.96
C GLY C 578 -32.68 -10.03 -43.09
N THR C 579 -32.54 -8.73 -42.95
CA THR C 579 -31.35 -8.03 -43.39
C THR C 579 -30.66 -7.44 -42.17
N ARG C 580 -29.37 -7.16 -42.30
CA ARG C 580 -28.57 -6.67 -41.19
C ARG C 580 -28.98 -5.24 -40.81
N LEU C 581 -29.60 -5.11 -39.64
CA LEU C 581 -29.97 -3.82 -39.07
C LEU C 581 -28.98 -3.48 -37.96
N THR C 582 -28.19 -2.43 -38.17
CA THR C 582 -27.41 -1.79 -37.11
C THR C 582 -28.35 -0.91 -36.31
N ILE C 583 -28.23 -0.95 -34.99
CA ILE C 583 -29.00 -0.12 -34.09
C ILE C 583 -28.03 0.68 -33.25
N CYS C 584 -28.05 2.01 -33.40
CA CYS C 584 -27.21 2.93 -32.66
C CYS C 584 -27.97 3.44 -31.44
N GLY C 585 -27.36 3.27 -30.26
CA GLY C 585 -27.92 3.81 -29.05
C GLY C 585 -26.95 3.67 -27.90
N TRP C 586 -27.51 3.42 -26.72
CA TRP C 586 -26.73 3.19 -25.52
C TRP C 586 -27.61 2.52 -24.49
N ASP C 587 -27.03 2.23 -23.33
CA ASP C 587 -27.77 1.60 -22.23
C ASP C 587 -28.40 0.30 -22.73
N PHE C 588 -27.74 -0.33 -23.69
CA PHE C 588 -28.25 -1.56 -24.26
C PHE C 588 -27.91 -2.74 -23.38
N GLY C 589 -27.12 -2.53 -22.35
CA GLY C 589 -26.84 -3.58 -21.40
C GLY C 589 -27.73 -3.50 -20.17
N PHE C 590 -28.02 -4.66 -19.61
CA PHE C 590 -28.58 -4.78 -18.28
C PHE C 590 -27.53 -4.36 -17.26
N ARG C 591 -27.98 -4.08 -16.05
CA ARG C 591 -27.06 -3.59 -15.04
C ARG C 591 -26.54 -4.70 -14.14
N ARG C 592 -25.23 -4.71 -13.91
CA ARG C 592 -24.63 -5.28 -12.73
C ARG C 592 -23.50 -4.32 -12.36
N ASN C 593 -23.42 -4.00 -11.06
CA ASN C 593 -22.78 -2.78 -10.53
C ASN C 593 -21.60 -2.41 -11.42
N ASN C 594 -20.72 -3.36 -11.78
CA ASN C 594 -19.73 -3.07 -12.82
C ASN C 594 -20.08 -3.80 -14.11
N LYS C 595 -20.22 -5.11 -14.06
CA LYS C 595 -20.42 -5.88 -15.28
C LYS C 595 -21.80 -5.60 -15.85
N PHE C 596 -21.83 -5.20 -17.11
CA PHE C 596 -23.07 -4.81 -17.76
C PHE C 596 -23.57 -5.94 -18.62
N ASP C 597 -24.70 -6.50 -18.21
CA ASP C 597 -25.18 -7.80 -18.64
C ASP C 597 -25.85 -7.68 -20.00
N LEU C 598 -25.14 -8.07 -21.04
CA LEU C 598 -25.64 -7.99 -22.40
C LEU C 598 -26.58 -9.13 -22.74
N LYS C 599 -26.89 -9.99 -21.79
CA LYS C 599 -27.69 -11.17 -22.08
C LYS C 599 -29.17 -10.92 -21.84
N LYS C 600 -29.51 -10.00 -20.95
CA LYS C 600 -30.91 -9.62 -20.74
C LYS C 600 -31.32 -8.54 -21.75
N THR C 601 -31.28 -8.94 -23.02
CA THR C 601 -31.66 -8.09 -24.13
C THR C 601 -32.46 -8.93 -25.13
N ARG C 602 -33.45 -8.32 -25.75
CA ARG C 602 -34.25 -8.96 -26.78
C ARG C 602 -34.87 -7.88 -27.64
N VAL C 603 -35.22 -8.23 -28.86
CA VAL C 603 -35.81 -7.29 -29.81
C VAL C 603 -37.14 -7.81 -30.29
N LEU C 604 -38.16 -6.96 -30.23
CA LEU C 604 -39.51 -7.32 -30.68
C LEU C 604 -39.89 -6.44 -31.87
N LEU C 605 -40.25 -7.08 -32.97
CA LEU C 605 -40.69 -6.38 -34.16
C LEU C 605 -42.11 -6.81 -34.46
N GLY C 606 -43.07 -5.89 -34.28
CA GLY C 606 -44.45 -6.24 -34.44
C GLY C 606 -44.86 -7.28 -33.42
N ASN C 607 -45.02 -8.51 -33.88
CA ASN C 607 -45.21 -9.64 -32.97
C ASN C 607 -44.01 -10.57 -32.92
N GLU C 608 -43.29 -10.72 -34.03
CA GLU C 608 -42.13 -11.59 -34.03
C GLU C 608 -40.93 -10.89 -33.41
N SER C 609 -39.94 -11.68 -33.01
CA SER C 609 -38.68 -11.13 -32.50
C SER C 609 -37.58 -11.26 -33.53
N CYS C 610 -36.96 -10.14 -33.89
CA CYS C 610 -35.85 -10.17 -34.83
C CYS C 610 -34.70 -10.99 -34.23
N THR C 611 -33.82 -11.49 -35.09
CA THR C 611 -32.81 -12.44 -34.67
C THR C 611 -31.60 -11.71 -34.10
N LEU C 612 -31.44 -11.78 -32.77
CA LEU C 612 -30.40 -11.05 -32.07
C LEU C 612 -29.17 -11.92 -31.94
N THR C 613 -28.03 -11.37 -32.32
CA THR C 613 -26.78 -12.13 -32.38
C THR C 613 -25.83 -11.60 -31.32
N LEU C 614 -25.27 -12.49 -30.51
CA LEU C 614 -24.53 -12.08 -29.32
C LEU C 614 -23.25 -11.31 -29.67
N SER C 615 -22.41 -11.87 -30.54
CA SER C 615 -21.05 -11.32 -30.67
C SER C 615 -21.04 -9.91 -31.21
N GLU C 616 -22.13 -9.45 -31.80
CA GLU C 616 -22.22 -8.11 -32.36
C GLU C 616 -23.23 -7.24 -31.63
N SER C 617 -23.62 -7.64 -30.42
CA SER C 617 -24.51 -6.83 -29.60
C SER C 617 -23.72 -6.29 -28.42
N THR C 618 -23.66 -4.96 -28.33
CA THR C 618 -22.93 -4.29 -27.28
C THR C 618 -23.84 -3.25 -26.64
N MET C 619 -23.57 -2.93 -25.37
CA MET C 619 -24.28 -1.82 -24.76
C MET C 619 -24.14 -0.56 -25.59
N ASN C 620 -23.17 -0.56 -26.51
CA ASN C 620 -23.06 0.53 -27.45
C ASN C 620 -24.05 0.36 -28.59
N THR C 621 -24.08 -0.81 -29.22
CA THR C 621 -24.86 -1.00 -30.44
C THR C 621 -25.47 -2.39 -30.50
N LEU C 622 -26.51 -2.52 -31.33
CA LEU C 622 -27.08 -3.80 -31.68
C LEU C 622 -26.90 -4.09 -33.16
N LYS C 623 -26.83 -5.36 -33.50
CA LYS C 623 -26.74 -5.81 -34.88
C LYS C 623 -27.69 -6.99 -35.02
N CYS C 624 -28.88 -6.76 -35.57
CA CYS C 624 -29.88 -7.80 -35.58
C CYS C 624 -30.25 -8.05 -37.04
N THR C 625 -30.89 -9.18 -37.31
CA THR C 625 -31.24 -9.56 -38.68
C THR C 625 -32.61 -10.18 -38.66
N VAL C 626 -33.61 -9.47 -39.18
CA VAL C 626 -35.00 -9.92 -39.07
C VAL C 626 -35.29 -11.12 -39.98
N PHE C 634 -45.67 -0.14 -45.19
CA PHE C 634 -46.30 -0.46 -43.92
C PHE C 634 -45.29 -0.13 -42.81
N ASN C 635 -45.26 1.15 -42.43
CA ASN C 635 -44.36 1.60 -41.39
C ASN C 635 -44.71 0.90 -40.08
N MET C 636 -43.67 0.42 -39.39
CA MET C 636 -43.85 -0.33 -38.15
C MET C 636 -42.88 0.20 -37.10
N SER C 637 -43.30 0.13 -35.85
CA SER C 637 -42.50 0.56 -34.71
C SER C 637 -41.75 -0.63 -34.15
N ILE C 638 -40.43 -0.52 -34.08
CA ILE C 638 -39.61 -1.54 -33.46
C ILE C 638 -39.57 -1.29 -31.96
N ILE C 639 -39.61 -2.36 -31.17
CA ILE C 639 -39.53 -2.27 -29.72
C ILE C 639 -38.31 -3.06 -29.30
N ILE C 640 -37.58 -2.53 -28.32
CA ILE C 640 -36.36 -3.15 -27.83
C ILE C 640 -36.52 -3.36 -26.33
N SER C 641 -36.43 -4.61 -25.89
CA SER C 641 -36.66 -4.97 -24.51
C SER C 641 -35.34 -5.28 -23.85
N ASN C 642 -35.12 -4.74 -22.66
CA ASN C 642 -33.93 -5.03 -21.89
C ASN C 642 -34.33 -5.47 -20.49
N GLY C 643 -33.34 -5.91 -19.72
CA GLY C 643 -33.58 -6.41 -18.39
C GLY C 643 -34.20 -5.38 -17.47
N HIS C 644 -34.14 -4.11 -17.85
CA HIS C 644 -34.85 -3.09 -17.08
C HIS C 644 -36.14 -2.65 -17.76
N GLY C 645 -36.04 -2.06 -18.93
CA GLY C 645 -37.20 -1.51 -19.59
C GLY C 645 -37.07 -1.66 -21.08
N THR C 646 -38.05 -1.12 -21.80
CA THR C 646 -38.12 -1.28 -23.23
C THR C 646 -38.42 0.05 -23.91
N THR C 647 -37.85 0.20 -25.10
CA THR C 647 -37.95 1.42 -25.88
C THR C 647 -38.74 1.15 -27.15
N GLN C 648 -39.61 2.10 -27.49
CA GLN C 648 -40.36 2.05 -28.74
C GLN C 648 -39.80 3.09 -29.68
N TYR C 649 -39.68 2.74 -30.95
CA TYR C 649 -39.27 3.68 -31.98
C TYR C 649 -40.18 3.47 -33.18
N SER C 650 -40.68 4.56 -33.74
CA SER C 650 -41.96 4.55 -34.44
C SER C 650 -41.86 4.33 -35.96
N THR C 651 -40.67 4.28 -36.54
CA THR C 651 -40.55 4.30 -38.00
C THR C 651 -39.57 3.23 -38.48
N PHE C 652 -40.12 2.06 -38.81
CA PHE C 652 -39.42 1.05 -39.58
C PHE C 652 -40.36 0.59 -40.68
N SER C 653 -39.82 0.37 -41.88
CA SER C 653 -40.63 0.06 -43.06
C SER C 653 -40.38 -1.36 -43.51
N TYR C 654 -41.46 -2.09 -43.76
CA TYR C 654 -41.43 -3.32 -44.54
C TYR C 654 -41.76 -2.96 -45.98
N VAL C 655 -40.96 -2.06 -46.55
CA VAL C 655 -41.24 -1.52 -47.87
C VAL C 655 -41.25 -2.63 -48.91
N ASP C 656 -42.25 -2.60 -49.79
CA ASP C 656 -42.37 -3.58 -50.85
C ASP C 656 -41.67 -3.04 -52.09
N PRO C 657 -40.67 -3.74 -52.61
CA PRO C 657 -39.89 -3.21 -53.72
C PRO C 657 -40.73 -3.07 -54.98
N VAL C 658 -40.38 -2.09 -55.81
CA VAL C 658 -41.00 -1.89 -57.11
C VAL C 658 -39.92 -1.62 -58.14
N ILE C 659 -40.02 -2.27 -59.29
CA ILE C 659 -39.22 -1.96 -60.47
C ILE C 659 -40.17 -1.90 -61.65
N THR C 660 -40.03 -0.86 -62.47
CA THR C 660 -40.95 -0.71 -63.59
C THR C 660 -40.31 -0.47 -64.95
N SER C 661 -39.25 0.33 -65.04
CA SER C 661 -38.79 0.82 -66.33
C SER C 661 -37.29 0.59 -66.50
N ILE C 662 -36.88 0.25 -67.71
CA ILE C 662 -35.50 -0.09 -68.03
C ILE C 662 -35.09 0.66 -69.28
N SER C 663 -33.82 1.09 -69.32
CA SER C 663 -33.25 1.65 -70.53
C SER C 663 -31.93 0.92 -70.77
N PRO C 664 -31.60 0.56 -72.02
CA PRO C 664 -32.39 0.75 -73.24
C PRO C 664 -33.39 -0.38 -73.49
N LYS C 665 -33.94 -0.39 -74.71
CA LYS C 665 -34.83 -1.48 -75.12
C LYS C 665 -34.17 -2.37 -76.17
N TYR C 666 -33.69 -1.77 -77.26
CA TYR C 666 -33.02 -2.49 -78.34
C TYR C 666 -31.70 -1.82 -78.67
N GLY C 667 -30.64 -2.63 -78.75
CA GLY C 667 -29.33 -2.12 -79.04
C GLY C 667 -28.33 -3.21 -79.36
N PRO C 668 -27.04 -2.86 -79.36
CA PRO C 668 -26.00 -3.85 -79.62
C PRO C 668 -25.64 -4.63 -78.37
N MET C 669 -24.60 -5.47 -78.51
CA MET C 669 -24.22 -6.43 -77.49
C MET C 669 -22.84 -6.18 -76.88
N ALA C 670 -22.27 -5.00 -77.08
CA ALA C 670 -20.89 -4.72 -76.69
C ALA C 670 -20.62 -4.91 -75.20
N GLY C 671 -21.64 -4.84 -74.36
CA GLY C 671 -21.46 -5.01 -72.93
C GLY C 671 -20.65 -3.92 -72.27
N GLY C 672 -20.93 -2.66 -72.62
CA GLY C 672 -20.25 -1.53 -72.01
C GLY C 672 -21.16 -0.33 -71.82
N THR C 673 -22.47 -0.56 -71.89
CA THR C 673 -23.45 0.49 -71.88
C THR C 673 -24.08 0.66 -70.49
N LEU C 674 -24.87 1.73 -70.35
CA LEU C 674 -25.38 2.19 -69.06
C LEU C 674 -26.89 1.96 -68.99
N LEU C 675 -27.30 1.04 -68.13
CA LEU C 675 -28.72 0.77 -67.94
C LEU C 675 -29.27 1.61 -66.79
N THR C 676 -30.52 2.07 -66.99
CA THR C 676 -31.23 2.90 -66.03
C THR C 676 -32.59 2.28 -65.71
N LEU C 677 -32.91 2.25 -64.43
CA LEU C 677 -34.09 1.57 -63.90
C LEU C 677 -34.73 2.47 -62.85
N THR C 678 -35.98 2.18 -62.47
CA THR C 678 -36.66 2.97 -61.45
C THR C 678 -37.81 2.22 -60.81
N GLY C 679 -38.23 2.71 -59.64
CA GLY C 679 -39.35 2.15 -58.91
C GLY C 679 -39.45 2.60 -57.47
N ASN C 680 -39.56 1.63 -56.56
CA ASN C 680 -39.58 1.86 -55.13
C ASN C 680 -38.52 0.99 -54.46
N SER C 687 -29.35 -2.04 -49.83
CA SER C 687 -28.56 -3.26 -49.71
C SER C 687 -29.00 -4.29 -50.75
N ARG C 688 -28.45 -4.22 -51.95
CA ARG C 688 -28.92 -5.03 -53.05
C ARG C 688 -27.76 -5.39 -53.97
N HIS C 689 -28.07 -6.19 -54.97
CA HIS C 689 -27.13 -6.56 -56.02
C HIS C 689 -27.93 -6.89 -57.28
N ILE C 690 -27.22 -6.97 -58.40
CA ILE C 690 -27.85 -7.08 -59.71
C ILE C 690 -26.84 -7.60 -60.72
N SER C 691 -27.29 -8.54 -61.55
CA SER C 691 -26.44 -9.23 -62.50
C SER C 691 -27.30 -9.71 -63.67
N ILE C 692 -26.66 -10.00 -64.79
CA ILE C 692 -27.33 -10.66 -65.92
C ILE C 692 -26.37 -11.68 -66.53
N GLY C 693 -26.89 -12.88 -66.80
CA GLY C 693 -26.08 -13.92 -67.40
C GLY C 693 -24.93 -14.38 -66.54
N GLY C 694 -25.12 -14.39 -65.22
CA GLY C 694 -24.07 -14.80 -64.32
C GLY C 694 -23.00 -13.76 -64.06
N LYS C 695 -23.10 -12.57 -64.66
CA LYS C 695 -22.11 -11.52 -64.51
C LYS C 695 -22.77 -10.29 -63.91
N THR C 696 -22.10 -9.69 -62.94
CA THR C 696 -22.68 -8.59 -62.18
C THR C 696 -22.50 -7.27 -62.93
N CYS C 697 -23.61 -6.58 -63.19
CA CYS C 697 -23.46 -5.21 -63.69
C CYS C 697 -23.12 -4.31 -62.51
N THR C 698 -22.04 -3.55 -62.66
CA THR C 698 -21.60 -2.67 -61.59
C THR C 698 -22.56 -1.50 -61.54
N LEU C 699 -22.98 -1.13 -60.34
CA LEU C 699 -23.95 -0.07 -60.14
C LEU C 699 -23.23 1.25 -60.39
N LYS C 700 -23.56 1.89 -61.50
CA LYS C 700 -23.00 3.21 -61.78
C LYS C 700 -23.76 4.30 -61.03
N SER C 701 -24.95 3.99 -60.52
CA SER C 701 -25.70 4.97 -59.74
C SER C 701 -26.77 4.28 -58.92
N VAL C 702 -26.93 4.72 -57.66
CA VAL C 702 -27.85 4.11 -56.72
C VAL C 702 -28.88 5.14 -56.27
N SER C 703 -30.13 4.70 -56.17
CA SER C 703 -31.21 5.46 -55.55
C SER C 703 -32.37 4.51 -55.30
N ASN C 704 -33.29 4.92 -54.43
CA ASN C 704 -34.59 4.28 -54.32
C ASN C 704 -35.33 4.32 -55.65
N SER C 705 -35.28 5.45 -56.35
CA SER C 705 -36.09 5.66 -57.53
C SER C 705 -35.29 5.82 -58.82
N ILE C 706 -33.97 5.71 -58.78
CA ILE C 706 -33.19 5.60 -60.01
C ILE C 706 -32.04 4.64 -59.78
N LEU C 707 -31.71 3.88 -60.81
CA LEU C 707 -30.72 2.81 -60.74
C LEU C 707 -29.91 2.82 -62.03
N GLU C 708 -28.62 2.57 -61.94
CA GLU C 708 -27.77 2.57 -63.12
C GLU C 708 -26.68 1.51 -62.97
N CYS C 709 -26.68 0.55 -63.89
CA CYS C 709 -25.62 -0.46 -64.04
C CYS C 709 -24.78 -0.18 -65.27
N TYR C 710 -23.54 -0.67 -65.25
CA TYR C 710 -22.80 -0.86 -66.49
C TYR C 710 -22.92 -2.32 -66.91
N THR C 711 -23.40 -2.55 -68.12
CA THR C 711 -23.85 -3.88 -68.50
C THR C 711 -22.68 -4.85 -68.60
N PRO C 712 -22.86 -6.09 -68.17
CA PRO C 712 -21.89 -7.13 -68.50
C PRO C 712 -21.84 -7.37 -70.00
N ALA C 713 -20.66 -7.71 -70.49
CA ALA C 713 -20.49 -8.11 -71.88
C ALA C 713 -20.87 -9.57 -71.99
N GLN C 714 -21.74 -9.90 -72.94
CA GLN C 714 -22.13 -11.27 -73.17
C GLN C 714 -22.02 -11.62 -74.65
N THR C 715 -21.31 -12.71 -74.93
CA THR C 715 -21.10 -13.19 -76.29
C THR C 715 -22.37 -13.83 -76.84
N ILE C 716 -23.39 -13.00 -77.00
CA ILE C 716 -24.71 -13.42 -77.46
C ILE C 716 -25.41 -12.20 -78.04
N SER C 717 -26.40 -12.44 -78.90
CA SER C 717 -27.03 -11.33 -79.62
C SER C 717 -28.53 -11.21 -79.33
N THR C 718 -29.04 -11.86 -78.30
CA THR C 718 -30.45 -11.78 -77.96
C THR C 718 -30.63 -11.01 -76.65
N GLU C 719 -31.88 -10.92 -76.23
CA GLU C 719 -32.27 -10.13 -75.08
C GLU C 719 -32.60 -11.03 -73.89
N PHE C 720 -32.43 -10.47 -72.68
CA PHE C 720 -32.68 -11.22 -71.45
C PHE C 720 -33.46 -10.41 -70.44
N ALA C 721 -34.39 -11.08 -69.77
CA ALA C 721 -34.97 -10.55 -68.54
C ALA C 721 -33.90 -10.54 -67.45
N VAL C 722 -33.72 -9.39 -66.82
CA VAL C 722 -32.64 -9.19 -65.86
C VAL C 722 -33.23 -9.27 -64.45
N LYS C 723 -32.64 -10.10 -63.61
CA LYS C 723 -33.18 -10.41 -62.28
C LYS C 723 -32.41 -9.65 -61.22
N LEU C 724 -33.13 -8.88 -60.41
CA LEU C 724 -32.53 -8.22 -59.26
C LEU C 724 -32.21 -9.24 -58.18
N LYS C 725 -31.04 -9.09 -57.58
CA LYS C 725 -30.63 -9.92 -56.45
C LYS C 725 -30.38 -8.99 -55.26
N ILE C 726 -31.45 -8.62 -54.58
CA ILE C 726 -31.34 -7.88 -53.33
C ILE C 726 -31.29 -8.89 -52.20
N ASP C 727 -30.11 -9.51 -52.01
CA ASP C 727 -29.92 -10.60 -51.05
C ASP C 727 -30.80 -11.78 -51.44
N LEU C 728 -31.65 -11.57 -52.44
CA LEU C 728 -32.73 -12.47 -52.81
C LEU C 728 -33.17 -12.10 -54.22
N ALA C 729 -33.52 -13.09 -55.02
CA ALA C 729 -33.96 -12.80 -56.37
C ALA C 729 -35.38 -12.27 -56.36
N ASN C 730 -35.52 -10.95 -56.31
CA ASN C 730 -36.84 -10.37 -56.40
C ASN C 730 -37.21 -10.23 -57.88
N ARG C 731 -38.29 -9.53 -58.17
CA ARG C 731 -38.87 -9.53 -59.50
C ARG C 731 -37.87 -9.04 -60.54
N GLU C 732 -37.63 -9.89 -61.54
CA GLU C 732 -36.77 -9.55 -62.66
C GLU C 732 -37.46 -8.53 -63.55
N THR C 733 -36.65 -7.83 -64.34
CA THR C 733 -37.19 -6.92 -65.34
C THR C 733 -37.31 -7.64 -66.68
N SER C 734 -37.55 -6.88 -67.74
CA SER C 734 -37.77 -7.47 -69.04
C SER C 734 -36.46 -7.60 -69.82
N ILE C 735 -36.61 -7.82 -71.13
CA ILE C 735 -35.49 -8.09 -72.01
C ILE C 735 -35.00 -6.82 -72.67
N PHE C 736 -33.70 -6.77 -72.95
CA PHE C 736 -33.09 -5.71 -73.74
C PHE C 736 -32.24 -6.32 -74.84
N SER C 737 -32.47 -5.89 -76.07
CA SER C 737 -31.73 -6.45 -77.20
C SER C 737 -30.24 -6.20 -77.07
N TYR C 738 -29.48 -7.28 -76.86
CA TYR C 738 -28.04 -7.23 -77.01
C TYR C 738 -27.68 -6.97 -78.46
C1 SGN D . -37.59 -25.79 0.59
C2 SGN D . -38.04 -27.17 0.32
C3 SGN D . -37.33 -27.66 -0.93
C4 SGN D . -37.11 -26.53 -1.99
C5 SGN D . -37.88 -25.21 -1.74
C6 SGN D . -39.11 -25.13 -2.65
N2 SGN D . -37.77 -28.05 1.46
O3 SGN D . -38.11 -28.70 -1.54
O4 SGN D . -35.68 -26.26 -2.13
O5 SGN D . -38.25 -24.97 -0.34
O6 SGN D . -39.41 -26.41 -3.22
S1 SGN D . -39.16 -28.62 2.10
O1S SGN D . -40.13 -29.01 0.99
O3S SGN D . -38.85 -29.83 2.97
S2 SGN D . -40.75 -27.08 -2.94
O4S SGN D . -41.88 -26.19 -3.43
O5S SGN D . -40.81 -28.41 -3.69
O6S SGN D . -40.92 -27.31 -1.45
C1 IDS D . -35.38 -25.33 -3.20
C2 IDS D . -33.86 -25.09 -3.26
C3 IDS D . -33.34 -25.08 -4.70
C4 IDS D . -33.68 -26.36 -5.38
C5 IDS D . -34.83 -26.97 -4.65
C6 IDS D . -35.53 -28.05 -5.45
O2 IDS D . -33.47 -23.85 -2.56
O3 IDS D . -31.91 -24.95 -4.65
O4 IDS D . -34.05 -26.12 -6.75
O5 IDS D . -35.78 -25.93 -4.41
O6A IDS D . -36.50 -27.70 -6.14
O6B IDS D . -35.12 -29.22 -5.31
S IDS D . -33.42 -22.43 -3.16
O1S IDS D . -34.71 -22.12 -3.93
O2S IDS D . -32.22 -22.27 -4.10
O3S IDS D . -33.26 -21.41 -2.05
C1 SGN D . -33.40 -25.02 -7.45
C2 SGN D . -34.10 -24.85 -8.78
C3 SGN D . -33.52 -23.64 -9.52
C4 SGN D . -32.00 -23.75 -9.66
C5 SGN D . -31.29 -24.22 -8.34
C6 SGN D . -30.96 -23.04 -7.38
N2 SGN D . -34.02 -26.08 -9.61
O3 SGN D . -33.86 -22.43 -8.81
O4 SGN D . -31.72 -24.67 -10.77
O5 SGN D . -32.02 -25.31 -7.69
O6 SGN D . -30.18 -23.49 -6.24
S1 SGN D . -35.42 -27.03 -9.51
O1S SGN D . -35.86 -27.40 -10.93
O2S SGN D . -36.55 -26.27 -8.81
O3S SGN D . -35.11 -28.31 -8.75
S2 SGN D . -29.14 -22.61 -5.49
O4S SGN D . -29.74 -21.24 -5.17
O5S SGN D . -27.91 -22.40 -6.37
O6S SGN D . -28.70 -23.30 -4.20
C1 IDS D . -30.96 -24.10 -11.90
C2 IDS D . -30.61 -25.22 -12.88
C3 IDS D . -29.70 -24.64 -13.94
C4 IDS D . -30.53 -23.72 -14.79
C5 IDS D . -31.81 -23.35 -14.03
C6 IDS D . -32.40 -22.13 -14.71
O2 IDS D . -29.95 -26.28 -12.20
O3 IDS D . -29.21 -25.71 -14.75
O4 IDS D . -29.83 -22.49 -15.23
O5 IDS D . -31.57 -23.03 -12.64
O6A IDS D . -32.38 -21.06 -14.05
O6B IDS D . -32.85 -22.28 -15.87
S IDS D . -30.43 -27.71 -12.42
O1S IDS D . -31.91 -27.76 -12.05
O2S IDS D . -30.14 -28.10 -13.86
O3S IDS D . -29.69 -28.69 -11.53
C1 SGN D . -28.43 -22.29 -14.90
C2 SGN D . -28.29 -20.98 -14.11
C3 SGN D . -26.82 -20.84 -13.65
C4 SGN D . -25.83 -21.29 -14.74
C5 SGN D . -26.50 -21.33 -16.11
N2 SGN D . -28.84 -19.82 -14.85
O3 SGN D . -26.66 -21.73 -12.55
O4 SGN D . -24.58 -20.49 -14.76
O5 SGN D . -27.61 -22.28 -16.10
S1 SGN D . -29.21 -18.53 -13.90
O1S SGN D . -30.56 -17.96 -14.32
O2S SGN D . -28.14 -17.46 -14.06
O3S SGN D . -29.30 -18.96 -12.43
C1 IDS D . -23.63 -21.35 -15.46
C2 IDS D . -22.19 -20.87 -15.62
C3 IDS D . -21.70 -21.70 -16.79
C4 IDS D . -22.75 -22.78 -17.07
C5 IDS D . -23.19 -23.52 -15.80
C6 IDS D . -24.47 -24.30 -16.08
O2 IDS D . -22.01 -19.45 -15.90
O3 IDS D . -20.45 -22.32 -16.47
O5 IDS D . -23.52 -22.60 -14.78
O6A IDS D . -24.85 -24.35 -17.26
O6B IDS D . -25.06 -24.78 -15.08
S IDS D . -20.61 -18.80 -15.93
O1S IDS D . -20.68 -17.45 -15.23
O2S IDS D . -20.20 -18.57 -17.38
O3S IDS D . -19.58 -19.65 -15.21
#